data_6FGL
# 
_entry.id   6FGL 
# 
_audit_conform.dict_name       mmcif_pdbx.dic 
_audit_conform.dict_version    5.383 
_audit_conform.dict_location   http://mmcif.pdb.org/dictionaries/ascii/mmcif_pdbx.dic 
# 
loop_
_database_2.database_id 
_database_2.database_code 
_database_2.pdbx_database_accession 
_database_2.pdbx_DOI 
PDB   6FGL         pdb_00006fgl 10.2210/pdb6fgl/pdb 
WWPDB D_1200008269 ?            ?                   
# 
loop_
_pdbx_audit_revision_history.ordinal 
_pdbx_audit_revision_history.data_content_type 
_pdbx_audit_revision_history.major_revision 
_pdbx_audit_revision_history.minor_revision 
_pdbx_audit_revision_history.revision_date 
1 'Structure model' 1 0 2018-05-30 
2 'Structure model' 1 1 2018-08-29 
3 'Structure model' 1 2 2024-01-17 
# 
_pdbx_audit_revision_details.ordinal             1 
_pdbx_audit_revision_details.revision_ordinal    1 
_pdbx_audit_revision_details.data_content_type   'Structure model' 
_pdbx_audit_revision_details.provider            repository 
_pdbx_audit_revision_details.type                'Initial release' 
_pdbx_audit_revision_details.description         ? 
_pdbx_audit_revision_details.details             ? 
# 
loop_
_pdbx_audit_revision_group.ordinal 
_pdbx_audit_revision_group.revision_ordinal 
_pdbx_audit_revision_group.data_content_type 
_pdbx_audit_revision_group.group 
1 2 'Structure model' 'Data collection'        
2 2 'Structure model' 'Database references'    
3 3 'Structure model' 'Data collection'        
4 3 'Structure model' 'Database references'    
5 3 'Structure model' 'Derived calculations'   
6 3 'Structure model' 'Refinement description' 
# 
loop_
_pdbx_audit_revision_category.ordinal 
_pdbx_audit_revision_category.revision_ordinal 
_pdbx_audit_revision_category.data_content_type 
_pdbx_audit_revision_category.category 
1 2 'Structure model' citation                      
2 2 'Structure model' citation_author               
3 3 'Structure model' chem_comp_atom                
4 3 'Structure model' chem_comp_bond                
5 3 'Structure model' database_2                    
6 3 'Structure model' pdbx_initial_refinement_model 
7 3 'Structure model' pdbx_struct_conn_angle        
8 3 'Structure model' struct_conn                   
# 
loop_
_pdbx_audit_revision_item.ordinal 
_pdbx_audit_revision_item.revision_ordinal 
_pdbx_audit_revision_item.data_content_type 
_pdbx_audit_revision_item.item 
1  2 'Structure model' '_citation.journal_volume'                  
2  2 'Structure model' '_citation.page_first'                      
3  2 'Structure model' '_citation.page_last'                       
4  2 'Structure model' '_citation.title'                           
5  2 'Structure model' '_citation_author.identifier_ORCID'         
6  3 'Structure model' '_database_2.pdbx_DOI'                      
7  3 'Structure model' '_database_2.pdbx_database_accession'       
8  3 'Structure model' '_pdbx_struct_conn_angle.ptnr1_auth_seq_id' 
9  3 'Structure model' '_pdbx_struct_conn_angle.ptnr1_symmetry'    
10 3 'Structure model' '_pdbx_struct_conn_angle.ptnr3_auth_seq_id' 
11 3 'Structure model' '_pdbx_struct_conn_angle.ptnr3_symmetry'    
12 3 'Structure model' '_pdbx_struct_conn_angle.value'             
13 3 'Structure model' '_struct_conn.pdbx_dist_value'              
14 3 'Structure model' '_struct_conn.ptnr2_auth_seq_id'            
15 3 'Structure model' '_struct_conn.ptnr2_symmetry'               
# 
_pdbx_database_status.status_code                     REL 
_pdbx_database_status.status_code_sf                  REL 
_pdbx_database_status.status_code_mr                  ? 
_pdbx_database_status.entry_id                        6FGL 
_pdbx_database_status.recvd_initial_deposition_date   2018-01-11 
_pdbx_database_status.SG_entry                        N 
_pdbx_database_status.deposit_site                    PDBE 
_pdbx_database_status.process_site                    PDBE 
_pdbx_database_status.status_code_cs                  ? 
_pdbx_database_status.methods_development_category    ? 
_pdbx_database_status.pdb_format_compatible           Y 
_pdbx_database_status.status_code_nmr_data            ? 
# 
_pdbx_database_related.db_name        PDB 
_pdbx_database_related.details        '5E73 contains the same small molecule complexed with the paralog bromodomain BAZ2B' 
_pdbx_database_related.db_id          5E73 
_pdbx_database_related.content_type   unspecified 
# 
loop_
_audit_author.name 
_audit_author.pdbx_ordinal 
_audit_author.identifier_ORCID 
'Dalle Vedove, A.' 1 ? 
'Unzue, A.'        2 ? 
'Nevado, C.'       3 ? 
'Lolli, G.'        4 ? 
'Caflisch, A.'     5 ? 
# 
_citation.abstract                  ? 
_citation.abstract_id_CAS           ? 
_citation.book_id_ISBN              ? 
_citation.book_publisher            ? 
_citation.book_publisher_city       ? 
_citation.book_title                ? 
_citation.coordinate_linkage        ? 
_citation.country                   DE 
_citation.database_id_Medline       ? 
_citation.details                   ? 
_citation.id                        primary 
_citation.journal_abbrev            ChemMedChem 
_citation.journal_id_ASTM           ? 
_citation.journal_id_CSD            ? 
_citation.journal_id_ISSN           1860-7187 
_citation.journal_full              ? 
_citation.journal_issue             ? 
_citation.journal_volume            13 
_citation.language                  ? 
_citation.page_first                1479 
_citation.page_last                 1487 
_citation.title                     'Structural Analysis of Small-Molecule Binding to the BAZ2A and BAZ2B Bromodomains.' 
_citation.year                      2018 
_citation.database_id_CSD           ? 
_citation.pdbx_database_id_DOI      10.1002/cmdc.201800234 
_citation.pdbx_database_id_PubMed   29770599 
_citation.unpublished_flag          ? 
# 
loop_
_citation_author.citation_id 
_citation_author.name 
_citation_author.ordinal 
_citation_author.identifier_ORCID 
primary 'Dalle Vedove, A.'   1 ?                   
primary 'Spiliotopoulos, D.' 2 ?                   
primary 
;D'Agostino, V.G.
;
3 ?                   
primary 'Marchand, J.R.'     4 ?                   
primary 'Unzue, A.'          5 ?                   
primary 'Nevado, C.'         6 ?                   
primary 'Lolli, G.'          7 0000-0002-8536-5599 
primary 'Caflisch, A.'       8 ?                   
# 
loop_
_entity.id 
_entity.type 
_entity.src_method 
_entity.pdbx_description 
_entity.formula_weight 
_entity.pdbx_number_of_molecules 
_entity.pdbx_ec 
_entity.pdbx_mutation 
_entity.pdbx_fragment 
_entity.details 
1 polymer     man 'Bromodomain adjacent to zinc finger domain protein 2A'            12380.919 1   ? ? 
'Bromodomain (residues 1796-1899)' 'First two residues SM derive from the expression tag' 
2 non-polymer syn 'N-(1-acetyl-1H-indol-3-yl)-N-(5-hydroxy-2-methylphenyl)acetamide' 322.358   1   ? ? ? ? 
3 non-polymer syn 'MAGNESIUM ION'                                                    24.305    1   ? ? ? ? 
4 water       nat water                                                              18.015    111 ? ? ? ? 
# 
_entity_name_com.entity_id   1 
_entity_name_com.name        'Transcription termination factor I-interacting protein 5,Tip5,hWALp3' 
# 
_entity_poly.entity_id                      1 
_entity_poly.type                           'polypeptide(L)' 
_entity_poly.nstd_linkage                   no 
_entity_poly.nstd_monomer                   no 
_entity_poly.pdbx_seq_one_letter_code       
;SMHSDLTFCEIILMEMESHDAAWPFLEPVNPRLVSGYRRIIKNPMDFSTMRERLLRGGYTSSEEFAADALLVFDNCQTFN
EDDSEVGKAGHIMRRFFESRWEEFY
;
_entity_poly.pdbx_seq_one_letter_code_can   
;SMHSDLTFCEIILMEMESHDAAWPFLEPVNPRLVSGYRRIIKNPMDFSTMRERLLRGGYTSSEEFAADALLVFDNCQTFN
EDDSEVGKAGHIMRRFFESRWEEFY
;
_entity_poly.pdbx_strand_id                 A 
_entity_poly.pdbx_target_identifier         ? 
# 
loop_
_pdbx_entity_nonpoly.entity_id 
_pdbx_entity_nonpoly.name 
_pdbx_entity_nonpoly.comp_id 
2 'N-(1-acetyl-1H-indol-3-yl)-N-(5-hydroxy-2-methylphenyl)acetamide' UO1 
3 'MAGNESIUM ION'                                                    MG  
4 water                                                              HOH 
# 
loop_
_entity_poly_seq.entity_id 
_entity_poly_seq.num 
_entity_poly_seq.mon_id 
_entity_poly_seq.hetero 
1 1   SER n 
1 2   MET n 
1 3   HIS n 
1 4   SER n 
1 5   ASP n 
1 6   LEU n 
1 7   THR n 
1 8   PHE n 
1 9   CYS n 
1 10  GLU n 
1 11  ILE n 
1 12  ILE n 
1 13  LEU n 
1 14  MET n 
1 15  GLU n 
1 16  MET n 
1 17  GLU n 
1 18  SER n 
1 19  HIS n 
1 20  ASP n 
1 21  ALA n 
1 22  ALA n 
1 23  TRP n 
1 24  PRO n 
1 25  PHE n 
1 26  LEU n 
1 27  GLU n 
1 28  PRO n 
1 29  VAL n 
1 30  ASN n 
1 31  PRO n 
1 32  ARG n 
1 33  LEU n 
1 34  VAL n 
1 35  SER n 
1 36  GLY n 
1 37  TYR n 
1 38  ARG n 
1 39  ARG n 
1 40  ILE n 
1 41  ILE n 
1 42  LYS n 
1 43  ASN n 
1 44  PRO n 
1 45  MET n 
1 46  ASP n 
1 47  PHE n 
1 48  SER n 
1 49  THR n 
1 50  MET n 
1 51  ARG n 
1 52  GLU n 
1 53  ARG n 
1 54  LEU n 
1 55  LEU n 
1 56  ARG n 
1 57  GLY n 
1 58  GLY n 
1 59  TYR n 
1 60  THR n 
1 61  SER n 
1 62  SER n 
1 63  GLU n 
1 64  GLU n 
1 65  PHE n 
1 66  ALA n 
1 67  ALA n 
1 68  ASP n 
1 69  ALA n 
1 70  LEU n 
1 71  LEU n 
1 72  VAL n 
1 73  PHE n 
1 74  ASP n 
1 75  ASN n 
1 76  CYS n 
1 77  GLN n 
1 78  THR n 
1 79  PHE n 
1 80  ASN n 
1 81  GLU n 
1 82  ASP n 
1 83  ASP n 
1 84  SER n 
1 85  GLU n 
1 86  VAL n 
1 87  GLY n 
1 88  LYS n 
1 89  ALA n 
1 90  GLY n 
1 91  HIS n 
1 92  ILE n 
1 93  MET n 
1 94  ARG n 
1 95  ARG n 
1 96  PHE n 
1 97  PHE n 
1 98  GLU n 
1 99  SER n 
1 100 ARG n 
1 101 TRP n 
1 102 GLU n 
1 103 GLU n 
1 104 PHE n 
1 105 TYR n 
# 
_entity_src_gen.entity_id                          1 
_entity_src_gen.pdbx_src_id                        1 
_entity_src_gen.pdbx_alt_source_flag               sample 
_entity_src_gen.pdbx_seq_type                      'Biological sequence' 
_entity_src_gen.pdbx_beg_seq_num                   1 
_entity_src_gen.pdbx_end_seq_num                   105 
_entity_src_gen.gene_src_common_name               Human 
_entity_src_gen.gene_src_genus                     ? 
_entity_src_gen.pdbx_gene_src_gene                 'BAZ2A, KIAA0314, TIP5' 
_entity_src_gen.gene_src_species                   ? 
_entity_src_gen.gene_src_strain                    ? 
_entity_src_gen.gene_src_tissue                    ? 
_entity_src_gen.gene_src_tissue_fraction           ? 
_entity_src_gen.gene_src_details                   ? 
_entity_src_gen.pdbx_gene_src_fragment             ? 
_entity_src_gen.pdbx_gene_src_scientific_name      'Homo sapiens' 
_entity_src_gen.pdbx_gene_src_ncbi_taxonomy_id     9606 
_entity_src_gen.pdbx_gene_src_variant              ? 
_entity_src_gen.pdbx_gene_src_cell_line            ? 
_entity_src_gen.pdbx_gene_src_atcc                 ? 
_entity_src_gen.pdbx_gene_src_organ                ? 
_entity_src_gen.pdbx_gene_src_organelle            ? 
_entity_src_gen.pdbx_gene_src_cell                 ? 
_entity_src_gen.pdbx_gene_src_cellular_location    ? 
_entity_src_gen.host_org_common_name               ? 
_entity_src_gen.pdbx_host_org_scientific_name      'Escherichia coli' 
_entity_src_gen.pdbx_host_org_ncbi_taxonomy_id     562 
_entity_src_gen.host_org_genus                     ? 
_entity_src_gen.pdbx_host_org_gene                 ? 
_entity_src_gen.pdbx_host_org_organ                ? 
_entity_src_gen.host_org_species                   ? 
_entity_src_gen.pdbx_host_org_tissue               ? 
_entity_src_gen.pdbx_host_org_tissue_fraction      ? 
_entity_src_gen.pdbx_host_org_strain               ? 
_entity_src_gen.pdbx_host_org_variant              ? 
_entity_src_gen.pdbx_host_org_cell_line            ? 
_entity_src_gen.pdbx_host_org_atcc                 ? 
_entity_src_gen.pdbx_host_org_culture_collection   ? 
_entity_src_gen.pdbx_host_org_cell                 ? 
_entity_src_gen.pdbx_host_org_organelle            ? 
_entity_src_gen.pdbx_host_org_cellular_location    ? 
_entity_src_gen.pdbx_host_org_vector_type          ? 
_entity_src_gen.pdbx_host_org_vector               ? 
_entity_src_gen.host_org_details                   ? 
_entity_src_gen.expression_system_id               ? 
_entity_src_gen.plasmid_name                       ? 
_entity_src_gen.plasmid_details                    ? 
_entity_src_gen.pdbx_description                   ? 
# 
loop_
_chem_comp.id 
_chem_comp.type 
_chem_comp.mon_nstd_flag 
_chem_comp.name 
_chem_comp.pdbx_synonyms 
_chem_comp.formula 
_chem_comp.formula_weight 
ALA 'L-peptide linking' y ALANINE                                                            ? 'C3 H7 N O2'     89.093  
ARG 'L-peptide linking' y ARGININE                                                           ? 'C6 H15 N4 O2 1' 175.209 
ASN 'L-peptide linking' y ASPARAGINE                                                         ? 'C4 H8 N2 O3'    132.118 
ASP 'L-peptide linking' y 'ASPARTIC ACID'                                                    ? 'C4 H7 N O4'     133.103 
CYS 'L-peptide linking' y CYSTEINE                                                           ? 'C3 H7 N O2 S'   121.158 
GLN 'L-peptide linking' y GLUTAMINE                                                          ? 'C5 H10 N2 O3'   146.144 
GLU 'L-peptide linking' y 'GLUTAMIC ACID'                                                    ? 'C5 H9 N O4'     147.129 
GLY 'peptide linking'   y GLYCINE                                                            ? 'C2 H5 N O2'     75.067  
HIS 'L-peptide linking' y HISTIDINE                                                          ? 'C6 H10 N3 O2 1' 156.162 
HOH non-polymer         . WATER                                                              ? 'H2 O'           18.015  
ILE 'L-peptide linking' y ISOLEUCINE                                                         ? 'C6 H13 N O2'    131.173 
LEU 'L-peptide linking' y LEUCINE                                                            ? 'C6 H13 N O2'    131.173 
LYS 'L-peptide linking' y LYSINE                                                             ? 'C6 H15 N2 O2 1' 147.195 
MET 'L-peptide linking' y METHIONINE                                                         ? 'C5 H11 N O2 S'  149.211 
MG  non-polymer         . 'MAGNESIUM ION'                                                    ? 'Mg 2'           24.305  
PHE 'L-peptide linking' y PHENYLALANINE                                                      ? 'C9 H11 N O2'    165.189 
PRO 'L-peptide linking' y PROLINE                                                            ? 'C5 H9 N O2'     115.130 
SER 'L-peptide linking' y SERINE                                                             ? 'C3 H7 N O3'     105.093 
THR 'L-peptide linking' y THREONINE                                                          ? 'C4 H9 N O3'     119.119 
TRP 'L-peptide linking' y TRYPTOPHAN                                                         ? 'C11 H12 N2 O2'  204.225 
TYR 'L-peptide linking' y TYROSINE                                                           ? 'C9 H11 N O3'    181.189 
UO1 non-polymer         . 'N-(1-acetyl-1H-indol-3-yl)-N-(5-hydroxy-2-methylphenyl)acetamide' ? 'C19 H18 N2 O3'  322.358 
VAL 'L-peptide linking' y VALINE                                                             ? 'C5 H11 N O2'    117.146 
# 
loop_
_pdbx_poly_seq_scheme.asym_id 
_pdbx_poly_seq_scheme.entity_id 
_pdbx_poly_seq_scheme.seq_id 
_pdbx_poly_seq_scheme.mon_id 
_pdbx_poly_seq_scheme.ndb_seq_num 
_pdbx_poly_seq_scheme.pdb_seq_num 
_pdbx_poly_seq_scheme.auth_seq_num 
_pdbx_poly_seq_scheme.pdb_mon_id 
_pdbx_poly_seq_scheme.auth_mon_id 
_pdbx_poly_seq_scheme.pdb_strand_id 
_pdbx_poly_seq_scheme.pdb_ins_code 
_pdbx_poly_seq_scheme.hetero 
A 1 1   SER 1   1794 ?    ?   ?   A . n 
A 1 2   MET 2   1795 ?    ?   ?   A . n 
A 1 3   HIS 3   1796 1796 HIS HIS A . n 
A 1 4   SER 4   1797 1797 SER SER A . n 
A 1 5   ASP 5   1798 1798 ASP ASP A . n 
A 1 6   LEU 6   1799 1799 LEU LEU A . n 
A 1 7   THR 7   1800 1800 THR THR A . n 
A 1 8   PHE 8   1801 1801 PHE PHE A . n 
A 1 9   CYS 9   1802 1802 CYS CYS A . n 
A 1 10  GLU 10  1803 1803 GLU GLU A . n 
A 1 11  ILE 11  1804 1804 ILE ILE A . n 
A 1 12  ILE 12  1805 1805 ILE ILE A . n 
A 1 13  LEU 13  1806 1806 LEU LEU A . n 
A 1 14  MET 14  1807 1807 MET MET A . n 
A 1 15  GLU 15  1808 1808 GLU GLU A . n 
A 1 16  MET 16  1809 1809 MET MET A . n 
A 1 17  GLU 17  1810 1810 GLU GLU A . n 
A 1 18  SER 18  1811 1811 SER SER A . n 
A 1 19  HIS 19  1812 1812 HIS HIS A . n 
A 1 20  ASP 20  1813 1813 ASP ASP A . n 
A 1 21  ALA 21  1814 1814 ALA ALA A . n 
A 1 22  ALA 22  1815 1815 ALA ALA A . n 
A 1 23  TRP 23  1816 1816 TRP TRP A . n 
A 1 24  PRO 24  1817 1817 PRO PRO A . n 
A 1 25  PHE 25  1818 1818 PHE PHE A . n 
A 1 26  LEU 26  1819 1819 LEU LEU A . n 
A 1 27  GLU 27  1820 1820 GLU GLU A . n 
A 1 28  PRO 28  1821 1821 PRO PRO A . n 
A 1 29  VAL 29  1822 1822 VAL VAL A . n 
A 1 30  ASN 30  1823 1823 ASN ASN A . n 
A 1 31  PRO 31  1824 1824 PRO PRO A . n 
A 1 32  ARG 32  1825 1825 ARG ARG A . n 
A 1 33  LEU 33  1826 1826 LEU LEU A . n 
A 1 34  VAL 34  1827 1827 VAL VAL A . n 
A 1 35  SER 35  1828 1828 SER SER A . n 
A 1 36  GLY 36  1829 1829 GLY GLY A . n 
A 1 37  TYR 37  1830 1830 TYR TYR A . n 
A 1 38  ARG 38  1831 1831 ARG ARG A . n 
A 1 39  ARG 39  1832 1832 ARG ARG A . n 
A 1 40  ILE 40  1833 1833 ILE ILE A . n 
A 1 41  ILE 41  1834 1834 ILE ILE A . n 
A 1 42  LYS 42  1835 1835 LYS LYS A . n 
A 1 43  ASN 43  1836 1836 ASN ASN A . n 
A 1 44  PRO 44  1837 1837 PRO PRO A . n 
A 1 45  MET 45  1838 1838 MET MET A . n 
A 1 46  ASP 46  1839 1839 ASP ASP A . n 
A 1 47  PHE 47  1840 1840 PHE PHE A . n 
A 1 48  SER 48  1841 1841 SER SER A . n 
A 1 49  THR 49  1842 1842 THR THR A . n 
A 1 50  MET 50  1843 1843 MET MET A . n 
A 1 51  ARG 51  1844 1844 ARG ARG A . n 
A 1 52  GLU 52  1845 1845 GLU GLU A . n 
A 1 53  ARG 53  1846 1846 ARG ARG A . n 
A 1 54  LEU 54  1847 1847 LEU LEU A . n 
A 1 55  LEU 55  1848 1848 LEU LEU A . n 
A 1 56  ARG 56  1849 1849 ARG ARG A . n 
A 1 57  GLY 57  1850 1850 GLY GLY A . n 
A 1 58  GLY 58  1851 1851 GLY GLY A . n 
A 1 59  TYR 59  1852 1852 TYR TYR A . n 
A 1 60  THR 60  1853 1853 THR THR A . n 
A 1 61  SER 61  1854 1854 SER SER A . n 
A 1 62  SER 62  1855 1855 SER SER A . n 
A 1 63  GLU 63  1856 1856 GLU GLU A . n 
A 1 64  GLU 64  1857 1857 GLU GLU A . n 
A 1 65  PHE 65  1858 1858 PHE PHE A . n 
A 1 66  ALA 66  1859 1859 ALA ALA A . n 
A 1 67  ALA 67  1860 1860 ALA ALA A . n 
A 1 68  ASP 68  1861 1861 ASP ASP A . n 
A 1 69  ALA 69  1862 1862 ALA ALA A . n 
A 1 70  LEU 70  1863 1863 LEU LEU A . n 
A 1 71  LEU 71  1864 1864 LEU LEU A . n 
A 1 72  VAL 72  1865 1865 VAL VAL A . n 
A 1 73  PHE 73  1866 1866 PHE PHE A . n 
A 1 74  ASP 74  1867 1867 ASP ASP A . n 
A 1 75  ASN 75  1868 1868 ASN ASN A . n 
A 1 76  CYS 76  1869 1869 CYS CYS A . n 
A 1 77  GLN 77  1870 1870 GLN GLN A . n 
A 1 78  THR 78  1871 1871 THR THR A . n 
A 1 79  PHE 79  1872 1872 PHE PHE A . n 
A 1 80  ASN 80  1873 1873 ASN ASN A . n 
A 1 81  GLU 81  1874 1874 GLU GLU A . n 
A 1 82  ASP 82  1875 1875 ASP ASP A . n 
A 1 83  ASP 83  1876 1876 ASP ASP A . n 
A 1 84  SER 84  1877 1877 SER SER A . n 
A 1 85  GLU 85  1878 1878 GLU GLU A . n 
A 1 86  VAL 86  1879 1879 VAL VAL A . n 
A 1 87  GLY 87  1880 1880 GLY GLY A . n 
A 1 88  LYS 88  1881 1881 LYS LYS A . n 
A 1 89  ALA 89  1882 1882 ALA ALA A . n 
A 1 90  GLY 90  1883 1883 GLY GLY A . n 
A 1 91  HIS 91  1884 1884 HIS HIS A . n 
A 1 92  ILE 92  1885 1885 ILE ILE A . n 
A 1 93  MET 93  1886 1886 MET MET A . n 
A 1 94  ARG 94  1887 1887 ARG ARG A . n 
A 1 95  ARG 95  1888 1888 ARG ARG A . n 
A 1 96  PHE 96  1889 1889 PHE PHE A . n 
A 1 97  PHE 97  1890 1890 PHE PHE A . n 
A 1 98  GLU 98  1891 1891 GLU GLU A . n 
A 1 99  SER 99  1892 1892 SER SER A . n 
A 1 100 ARG 100 1893 1893 ARG ARG A . n 
A 1 101 TRP 101 1894 1894 TRP TRP A . n 
A 1 102 GLU 102 1895 1895 GLU GLU A . n 
A 1 103 GLU 103 1896 1896 GLU GLU A . n 
A 1 104 PHE 104 1897 1897 PHE PHE A . n 
A 1 105 TYR 105 1898 1898 TYR TYR A . n 
# 
loop_
_pdbx_nonpoly_scheme.asym_id 
_pdbx_nonpoly_scheme.entity_id 
_pdbx_nonpoly_scheme.mon_id 
_pdbx_nonpoly_scheme.ndb_seq_num 
_pdbx_nonpoly_scheme.pdb_seq_num 
_pdbx_nonpoly_scheme.auth_seq_num 
_pdbx_nonpoly_scheme.pdb_mon_id 
_pdbx_nonpoly_scheme.auth_mon_id 
_pdbx_nonpoly_scheme.pdb_strand_id 
_pdbx_nonpoly_scheme.pdb_ins_code 
B 2 UO1 1   1901 1   UO1 UO1 A . 
C 3 MG  1   1902 1   MG  MG  A . 
D 4 HOH 1   2001 88  HOH HOH A . 
D 4 HOH 2   2002 26  HOH HOH A . 
D 4 HOH 3   2003 108 HOH HOH A . 
D 4 HOH 4   2004 42  HOH HOH A . 
D 4 HOH 5   2005 98  HOH HOH A . 
D 4 HOH 6   2006 43  HOH HOH A . 
D 4 HOH 7   2007 61  HOH HOH A . 
D 4 HOH 8   2008 81  HOH HOH A . 
D 4 HOH 9   2009 99  HOH HOH A . 
D 4 HOH 10  2010 31  HOH HOH A . 
D 4 HOH 11  2011 2   HOH HOH A . 
D 4 HOH 12  2012 25  HOH HOH A . 
D 4 HOH 13  2013 17  HOH HOH A . 
D 4 HOH 14  2014 20  HOH HOH A . 
D 4 HOH 15  2015 79  HOH HOH A . 
D 4 HOH 16  2016 30  HOH HOH A . 
D 4 HOH 17  2017 15  HOH HOH A . 
D 4 HOH 18  2018 86  HOH HOH A . 
D 4 HOH 19  2019 77  HOH HOH A . 
D 4 HOH 20  2020 14  HOH HOH A . 
D 4 HOH 21  2021 27  HOH HOH A . 
D 4 HOH 22  2022 48  HOH HOH A . 
D 4 HOH 23  2023 75  HOH HOH A . 
D 4 HOH 24  2024 9   HOH HOH A . 
D 4 HOH 25  2025 24  HOH HOH A . 
D 4 HOH 26  2026 96  HOH HOH A . 
D 4 HOH 27  2027 76  HOH HOH A . 
D 4 HOH 28  2028 34  HOH HOH A . 
D 4 HOH 29  2029 29  HOH HOH A . 
D 4 HOH 30  2030 22  HOH HOH A . 
D 4 HOH 31  2031 84  HOH HOH A . 
D 4 HOH 32  2032 33  HOH HOH A . 
D 4 HOH 33  2033 11  HOH HOH A . 
D 4 HOH 34  2034 49  HOH HOH A . 
D 4 HOH 35  2035 91  HOH HOH A . 
D 4 HOH 36  2036 53  HOH HOH A . 
D 4 HOH 37  2037 8   HOH HOH A . 
D 4 HOH 38  2038 92  HOH HOH A . 
D 4 HOH 39  2039 56  HOH HOH A . 
D 4 HOH 40  2040 5   HOH HOH A . 
D 4 HOH 41  2041 90  HOH HOH A . 
D 4 HOH 42  2042 47  HOH HOH A . 
D 4 HOH 43  2043 16  HOH HOH A . 
D 4 HOH 44  2044 1   HOH HOH A . 
D 4 HOH 45  2045 44  HOH HOH A . 
D 4 HOH 46  2046 60  HOH HOH A . 
D 4 HOH 47  2047 71  HOH HOH A . 
D 4 HOH 48  2048 80  HOH HOH A . 
D 4 HOH 49  2049 73  HOH HOH A . 
D 4 HOH 50  2050 38  HOH HOH A . 
D 4 HOH 51  2051 12  HOH HOH A . 
D 4 HOH 52  2052 69  HOH HOH A . 
D 4 HOH 53  2053 55  HOH HOH A . 
D 4 HOH 54  2054 74  HOH HOH A . 
D 4 HOH 55  2055 66  HOH HOH A . 
D 4 HOH 56  2056 58  HOH HOH A . 
D 4 HOH 57  2057 6   HOH HOH A . 
D 4 HOH 58  2058 52  HOH HOH A . 
D 4 HOH 59  2059 7   HOH HOH A . 
D 4 HOH 60  2060 4   HOH HOH A . 
D 4 HOH 61  2061 94  HOH HOH A . 
D 4 HOH 62  2062 112 HOH HOH A . 
D 4 HOH 63  2063 23  HOH HOH A . 
D 4 HOH 64  2064 3   HOH HOH A . 
D 4 HOH 65  2065 18  HOH HOH A . 
D 4 HOH 66  2066 28  HOH HOH A . 
D 4 HOH 67  2067 21  HOH HOH A . 
D 4 HOH 68  2068 65  HOH HOH A . 
D 4 HOH 69  2069 68  HOH HOH A . 
D 4 HOH 70  2070 19  HOH HOH A . 
D 4 HOH 71  2071 13  HOH HOH A . 
D 4 HOH 72  2072 36  HOH HOH A . 
D 4 HOH 73  2073 37  HOH HOH A . 
D 4 HOH 74  2074 35  HOH HOH A . 
D 4 HOH 75  2075 97  HOH HOH A . 
D 4 HOH 76  2076 82  HOH HOH A . 
D 4 HOH 77  2077 10  HOH HOH A . 
D 4 HOH 78  2078 110 HOH HOH A . 
D 4 HOH 79  2079 32  HOH HOH A . 
D 4 HOH 80  2080 87  HOH HOH A . 
D 4 HOH 81  2081 54  HOH HOH A . 
D 4 HOH 82  2082 64  HOH HOH A . 
D 4 HOH 83  2083 57  HOH HOH A . 
D 4 HOH 84  2084 85  HOH HOH A . 
D 4 HOH 85  2085 103 HOH HOH A . 
D 4 HOH 86  2086 50  HOH HOH A . 
D 4 HOH 87  2087 114 HOH HOH A . 
D 4 HOH 88  2088 78  HOH HOH A . 
D 4 HOH 89  2089 105 HOH HOH A . 
D 4 HOH 90  2090 109 HOH HOH A . 
D 4 HOH 91  2091 83  HOH HOH A . 
D 4 HOH 92  2092 40  HOH HOH A . 
D 4 HOH 93  2093 72  HOH HOH A . 
D 4 HOH 94  2094 62  HOH HOH A . 
D 4 HOH 95  2095 113 HOH HOH A . 
D 4 HOH 96  2096 67  HOH HOH A . 
D 4 HOH 97  2097 111 HOH HOH A . 
D 4 HOH 98  2098 106 HOH HOH A . 
D 4 HOH 99  2099 46  HOH HOH A . 
D 4 HOH 100 2100 45  HOH HOH A . 
D 4 HOH 101 2101 101 HOH HOH A . 
D 4 HOH 102 2102 39  HOH HOH A . 
D 4 HOH 103 2103 102 HOH HOH A . 
D 4 HOH 104 2104 59  HOH HOH A . 
D 4 HOH 105 2105 51  HOH HOH A . 
D 4 HOH 106 2106 100 HOH HOH A . 
D 4 HOH 107 2107 93  HOH HOH A . 
D 4 HOH 108 2108 63  HOH HOH A . 
D 4 HOH 109 2109 70  HOH HOH A . 
D 4 HOH 110 2110 41  HOH HOH A . 
D 4 HOH 111 2111 89  HOH HOH A . 
# 
loop_
_software.citation_id 
_software.classification 
_software.compiler_name 
_software.compiler_version 
_software.contact_author 
_software.contact_author_email 
_software.date 
_software.description 
_software.dependencies 
_software.hardware 
_software.language 
_software.location 
_software.mods 
_software.name 
_software.os 
_software.os_version 
_software.type 
_software.version 
_software.pdbx_ordinal 
? refinement        ? ? ?                 ?                                       ?              ? ? ? ?   ? ? PHENIX      ? ? ? . 
1 
? 'data reduction'  ? ? 'Wolfgang Kabsch' Wolfgang.Kabsch@mpimf-heidelberg.mpg.de ?              ? ? ? ?   
http://www.mpimf-heidelberg.mpg.de/~kabsch/xds/     ? XDS         ? ? package .      2 
? 'data scaling'    ? ? 'Phil Evans'      ?                                       19/08/14       ? ? ? ?   
http://www.mrc-lmb.cam.ac.uk/harry/pre/aimless.html ? Aimless     ? ? program 0.3.11 3 
? phasing           ? ? 'Randy J. Read'   cimr-phaser@lists.cam.ac.uk             ?              ? ? ? ?   
http://www-structmed.cimr.cam.ac.uk/phaser/         ? PHASER      ? ? program .      4 
? 'data extraction' ? ? PDB               deposit@deposit.rcsb.org                'Sep. 1, 2017' ? ? ? C++ 
http://sw-tools.pdb.org/apps/PDB_EXTRACT/           ? PDB_EXTRACT ? ? package 3.24   5 
# 
_cell.angle_alpha                  90.000 
_cell.angle_alpha_esd              ? 
_cell.angle_beta                   90.000 
_cell.angle_beta_esd               ? 
_cell.angle_gamma                  120.000 
_cell.angle_gamma_esd              ? 
_cell.entry_id                     6FGL 
_cell.details                      ? 
_cell.formula_units_Z              ? 
_cell.length_a                     95.184 
_cell.length_a_esd                 ? 
_cell.length_b                     95.184 
_cell.length_b_esd                 ? 
_cell.length_c                     33.127 
_cell.length_c_esd                 ? 
_cell.volume                       ? 
_cell.volume_esd                   ? 
_cell.Z_PDB                        6 
_cell.reciprocal_angle_alpha       ? 
_cell.reciprocal_angle_beta        ? 
_cell.reciprocal_angle_gamma       ? 
_cell.reciprocal_angle_alpha_esd   ? 
_cell.reciprocal_angle_beta_esd    ? 
_cell.reciprocal_angle_gamma_esd   ? 
_cell.reciprocal_length_a          ? 
_cell.reciprocal_length_b          ? 
_cell.reciprocal_length_c          ? 
_cell.reciprocal_length_a_esd      ? 
_cell.reciprocal_length_b_esd      ? 
_cell.reciprocal_length_c_esd      ? 
_cell.pdbx_unique_axis             ? 
# 
_symmetry.entry_id                         6FGL 
_symmetry.cell_setting                     ? 
_symmetry.Int_Tables_number                152 
_symmetry.space_group_name_Hall            ? 
_symmetry.space_group_name_H-M             'P 31 2 1' 
_symmetry.pdbx_full_space_group_name_H-M   ? 
# 
_exptl.absorpt_coefficient_mu     ? 
_exptl.absorpt_correction_T_max   ? 
_exptl.absorpt_correction_T_min   ? 
_exptl.absorpt_correction_type    ? 
_exptl.absorpt_process_details    ? 
_exptl.entry_id                   6FGL 
_exptl.crystals_number            1 
_exptl.details                    ? 
_exptl.method                     'X-RAY DIFFRACTION' 
_exptl.method_details             ? 
# 
_exptl_crystal.colour                      ? 
_exptl_crystal.density_diffrn              ? 
_exptl_crystal.density_Matthews            3.56 
_exptl_crystal.density_method              ? 
_exptl_crystal.density_percent_sol         65.47 
_exptl_crystal.description                 ? 
_exptl_crystal.F_000                       ? 
_exptl_crystal.id                          1 
_exptl_crystal.preparation                 ? 
_exptl_crystal.size_max                    ? 
_exptl_crystal.size_mid                    ? 
_exptl_crystal.size_min                    ? 
_exptl_crystal.size_rad                    ? 
_exptl_crystal.colour_lustre               ? 
_exptl_crystal.colour_modifier             ? 
_exptl_crystal.colour_primary              ? 
_exptl_crystal.density_meas                ? 
_exptl_crystal.density_meas_esd            ? 
_exptl_crystal.density_meas_gt             ? 
_exptl_crystal.density_meas_lt             ? 
_exptl_crystal.density_meas_temp           ? 
_exptl_crystal.density_meas_temp_esd       ? 
_exptl_crystal.density_meas_temp_gt        ? 
_exptl_crystal.density_meas_temp_lt        ? 
_exptl_crystal.pdbx_crystal_image_url      ? 
_exptl_crystal.pdbx_crystal_image_format   ? 
_exptl_crystal.pdbx_mosaicity              0.290 
_exptl_crystal.pdbx_mosaicity_esd          ? 
# 
_exptl_crystal_grow.apparatus       ? 
_exptl_crystal_grow.atmosphere      ? 
_exptl_crystal_grow.crystal_id      1 
_exptl_crystal_grow.details         ? 
_exptl_crystal_grow.method          'VAPOR DIFFUSION, SITTING DROP' 
_exptl_crystal_grow.method_ref      ? 
_exptl_crystal_grow.pH              7.5 
_exptl_crystal_grow.pressure        ? 
_exptl_crystal_grow.pressure_esd    ? 
_exptl_crystal_grow.seeding         ? 
_exptl_crystal_grow.seeding_ref     ? 
_exptl_crystal_grow.temp            277 
_exptl_crystal_grow.temp_details    ? 
_exptl_crystal_grow.temp_esd        ? 
_exptl_crystal_grow.time            ? 
_exptl_crystal_grow.pdbx_details    '20% PEG3350, 0.2 M MgCl2' 
_exptl_crystal_grow.pdbx_pH_range   ? 
# 
_diffrn.ambient_environment    ? 
_diffrn.ambient_temp           100 
_diffrn.ambient_temp_details   ? 
_diffrn.ambient_temp_esd       ? 
_diffrn.crystal_id             1 
_diffrn.crystal_support        ? 
_diffrn.crystal_treatment      ? 
_diffrn.details                ? 
_diffrn.id                     1 
_diffrn.ambient_pressure       ? 
_diffrn.ambient_pressure_esd   ? 
_diffrn.ambient_pressure_gt    ? 
_diffrn.ambient_pressure_lt    ? 
_diffrn.ambient_temp_gt        ? 
_diffrn.ambient_temp_lt        ? 
# 
_diffrn_detector.details                      ? 
_diffrn_detector.detector                     PIXEL 
_diffrn_detector.diffrn_id                    1 
_diffrn_detector.type                         'DECTRIS PILATUS 2M' 
_diffrn_detector.area_resol_mean              ? 
_diffrn_detector.dtime                        ? 
_diffrn_detector.pdbx_frames_total            ? 
_diffrn_detector.pdbx_collection_time_total   ? 
_diffrn_detector.pdbx_collection_date         2016-07-05 
# 
_diffrn_radiation.collimation                      ? 
_diffrn_radiation.diffrn_id                        1 
_diffrn_radiation.filter_edge                      ? 
_diffrn_radiation.inhomogeneity                    ? 
_diffrn_radiation.monochromator                    ? 
_diffrn_radiation.polarisn_norm                    ? 
_diffrn_radiation.polarisn_ratio                   ? 
_diffrn_radiation.probe                            ? 
_diffrn_radiation.type                             ? 
_diffrn_radiation.xray_symbol                      ? 
_diffrn_radiation.wavelength_id                    1 
_diffrn_radiation.pdbx_monochromatic_or_laue_m_l   M 
_diffrn_radiation.pdbx_wavelength_list             ? 
_diffrn_radiation.pdbx_wavelength                  ? 
_diffrn_radiation.pdbx_diffrn_protocol             'SINGLE WAVELENGTH' 
_diffrn_radiation.pdbx_analyzer                    ? 
_diffrn_radiation.pdbx_scattering_type             x-ray 
# 
_diffrn_radiation_wavelength.id           1 
_diffrn_radiation_wavelength.wavelength   1.00 
_diffrn_radiation_wavelength.wt           1.0 
# 
_diffrn_source.current                     ? 
_diffrn_source.details                     ? 
_diffrn_source.diffrn_id                   1 
_diffrn_source.power                       ? 
_diffrn_source.size                        ? 
_diffrn_source.source                      SYNCHROTRON 
_diffrn_source.target                      ? 
_diffrn_source.type                        'ELETTRA BEAMLINE 5.2R' 
_diffrn_source.voltage                     ? 
_diffrn_source.take-off_angle              ? 
_diffrn_source.pdbx_wavelength_list        1.00 
_diffrn_source.pdbx_wavelength             ? 
_diffrn_source.pdbx_synchrotron_beamline   5.2R 
_diffrn_source.pdbx_synchrotron_site       ELETTRA 
# 
_reflns.B_iso_Wilson_estimate            25.600 
_reflns.entry_id                         6FGL 
_reflns.data_reduction_details           ? 
_reflns.data_reduction_method            ? 
_reflns.d_resolution_high                2.100 
_reflns.d_resolution_low                 47.590 
_reflns.details                          ? 
_reflns.limit_h_max                      ? 
_reflns.limit_h_min                      ? 
_reflns.limit_k_max                      ? 
_reflns.limit_k_min                      ? 
_reflns.limit_l_max                      ? 
_reflns.limit_l_min                      ? 
_reflns.number_all                       ? 
_reflns.number_obs                       10271 
_reflns.observed_criterion               ? 
_reflns.observed_criterion_F_max         ? 
_reflns.observed_criterion_F_min         ? 
_reflns.observed_criterion_I_max         ? 
_reflns.observed_criterion_I_min         ? 
_reflns.observed_criterion_sigma_F       ? 
_reflns.observed_criterion_sigma_I       ? 
_reflns.percent_possible_obs             99.900 
_reflns.R_free_details                   ? 
_reflns.Rmerge_F_all                     ? 
_reflns.Rmerge_F_obs                     ? 
_reflns.Friedel_coverage                 ? 
_reflns.number_gt                        ? 
_reflns.threshold_expression             ? 
_reflns.pdbx_redundancy                  10.900 
_reflns.pdbx_Rmerge_I_obs                0.179 
_reflns.pdbx_Rmerge_I_all                ? 
_reflns.pdbx_Rsym_value                  ? 
_reflns.pdbx_netI_over_av_sigmaI         ? 
_reflns.pdbx_netI_over_sigmaI            12.500 
_reflns.pdbx_res_netI_over_av_sigmaI_2   ? 
_reflns.pdbx_res_netI_over_sigmaI_2      ? 
_reflns.pdbx_chi_squared                 ? 
_reflns.pdbx_scaling_rejects             ? 
_reflns.pdbx_d_res_high_opt              ? 
_reflns.pdbx_d_res_low_opt               ? 
_reflns.pdbx_d_res_opt_method            ? 
_reflns.phase_calculation_details        ? 
_reflns.pdbx_Rrim_I_all                  0.188 
_reflns.pdbx_Rpim_I_all                  0.057 
_reflns.pdbx_d_opt                       ? 
_reflns.pdbx_number_measured_all         112162 
_reflns.pdbx_diffrn_id                   1 
_reflns.pdbx_ordinal                     1 
_reflns.pdbx_CC_half                     0.996 
_reflns.pdbx_R_split                     ? 
# 
loop_
_reflns_shell.d_res_high 
_reflns_shell.d_res_low 
_reflns_shell.meanI_over_sigI_all 
_reflns_shell.meanI_over_sigI_obs 
_reflns_shell.number_measured_all 
_reflns_shell.number_measured_obs 
_reflns_shell.number_possible 
_reflns_shell.number_unique_all 
_reflns_shell.number_unique_obs 
_reflns_shell.percent_possible_all 
_reflns_shell.percent_possible_obs 
_reflns_shell.Rmerge_F_all 
_reflns_shell.Rmerge_F_obs 
_reflns_shell.Rmerge_I_all 
_reflns_shell.Rmerge_I_obs 
_reflns_shell.meanI_over_sigI_gt 
_reflns_shell.meanI_over_uI_all 
_reflns_shell.meanI_over_uI_gt 
_reflns_shell.number_measured_gt 
_reflns_shell.number_unique_gt 
_reflns_shell.percent_possible_gt 
_reflns_shell.Rmerge_F_gt 
_reflns_shell.Rmerge_I_gt 
_reflns_shell.pdbx_redundancy 
_reflns_shell.pdbx_Rsym_value 
_reflns_shell.pdbx_chi_squared 
_reflns_shell.pdbx_netI_over_sigmaI_all 
_reflns_shell.pdbx_netI_over_sigmaI_obs 
_reflns_shell.pdbx_Rrim_I_all 
_reflns_shell.pdbx_Rpim_I_all 
_reflns_shell.pdbx_rejects 
_reflns_shell.pdbx_ordinal 
_reflns_shell.pdbx_diffrn_id 
_reflns_shell.pdbx_CC_half 
_reflns_shell.pdbx_R_split 
2.100 2.160  ? ? ? ? ? ? 812 100.000 ? ? ? ? 1.060 ? ? ? ? ? ? ? ? 11.400 ? ? ? ? 1.109 0.325 ? 1 1 0.769 ? 
8.910 47.590 ? ? ? ? ? ? 157 99.500  ? ? ? ? 0.047 ? ? ? ? ? ? ? ? 10.500 ? ? ? ? 0.050 0.016 ? 2 1 0.996 ? 
# 
_refine.aniso_B[1][1]                            ? 
_refine.aniso_B[1][2]                            ? 
_refine.aniso_B[1][3]                            ? 
_refine.aniso_B[2][2]                            ? 
_refine.aniso_B[2][3]                            ? 
_refine.aniso_B[3][3]                            ? 
_refine.B_iso_max                                77.890 
_refine.B_iso_mean                               31.7915 
_refine.B_iso_min                                14.190 
_refine.correlation_coeff_Fo_to_Fc               ? 
_refine.correlation_coeff_Fo_to_Fc_free          ? 
_refine.details                                  ? 
_refine.diff_density_max                         ? 
_refine.diff_density_max_esd                     ? 
_refine.diff_density_min                         ? 
_refine.diff_density_min_esd                     ? 
_refine.diff_density_rms                         ? 
_refine.diff_density_rms_esd                     ? 
_refine.entry_id                                 6FGL 
_refine.pdbx_refine_id                           'X-RAY DIFFRACTION' 
_refine.ls_abs_structure_details                 ? 
_refine.ls_abs_structure_Flack                   ? 
_refine.ls_abs_structure_Flack_esd               ? 
_refine.ls_abs_structure_Rogers                  ? 
_refine.ls_abs_structure_Rogers_esd              ? 
_refine.ls_d_res_high                            2.1000 
_refine.ls_d_res_low                             41.2160 
_refine.ls_extinction_coef                       ? 
_refine.ls_extinction_coef_esd                   ? 
_refine.ls_extinction_expression                 ? 
_refine.ls_extinction_method                     ? 
_refine.ls_goodness_of_fit_all                   ? 
_refine.ls_goodness_of_fit_all_esd               ? 
_refine.ls_goodness_of_fit_obs                   ? 
_refine.ls_goodness_of_fit_obs_esd               ? 
_refine.ls_hydrogen_treatment                    ? 
_refine.ls_matrix_type                           ? 
_refine.ls_number_constraints                    ? 
_refine.ls_number_parameters                     ? 
_refine.ls_number_reflns_all                     ? 
_refine.ls_number_reflns_obs                     10255 
_refine.ls_number_reflns_R_free                  559 
_refine.ls_number_reflns_R_work                  ? 
_refine.ls_number_restraints                     ? 
_refine.ls_percent_reflns_obs                    99.7700 
_refine.ls_percent_reflns_R_free                 5.4500 
_refine.ls_R_factor_all                          ? 
_refine.ls_R_factor_obs                          0.1933 
_refine.ls_R_factor_R_free                       0.2239 
_refine.ls_R_factor_R_free_error                 ? 
_refine.ls_R_factor_R_free_error_details         ? 
_refine.ls_R_factor_R_work                       0.1914 
_refine.ls_R_Fsqd_factor_obs                     ? 
_refine.ls_R_I_factor_obs                        ? 
_refine.ls_redundancy_reflns_all                 ? 
_refine.ls_redundancy_reflns_obs                 ? 
_refine.ls_restrained_S_all                      ? 
_refine.ls_restrained_S_obs                      ? 
_refine.ls_shift_over_esd_max                    ? 
_refine.ls_shift_over_esd_mean                   ? 
_refine.ls_structure_factor_coef                 ? 
_refine.ls_weighting_details                     ? 
_refine.ls_weighting_scheme                      ? 
_refine.ls_wR_factor_all                         ? 
_refine.ls_wR_factor_obs                         ? 
_refine.ls_wR_factor_R_free                      ? 
_refine.ls_wR_factor_R_work                      ? 
_refine.occupancy_max                            ? 
_refine.occupancy_min                            ? 
_refine.solvent_model_details                    ? 
_refine.solvent_model_param_bsol                 ? 
_refine.solvent_model_param_ksol                 ? 
_refine.ls_R_factor_gt                           ? 
_refine.ls_goodness_of_fit_gt                    ? 
_refine.ls_goodness_of_fit_ref                   ? 
_refine.ls_shift_over_su_max                     ? 
_refine.ls_shift_over_su_max_lt                  ? 
_refine.ls_shift_over_su_mean                    ? 
_refine.ls_shift_over_su_mean_lt                 ? 
_refine.pdbx_ls_sigma_I                          ? 
_refine.pdbx_ls_sigma_F                          1.340 
_refine.pdbx_ls_sigma_Fsqd                       ? 
_refine.pdbx_data_cutoff_high_absF               ? 
_refine.pdbx_data_cutoff_high_rms_absF           ? 
_refine.pdbx_data_cutoff_low_absF                ? 
_refine.pdbx_isotropic_thermal_model             ? 
_refine.pdbx_ls_cross_valid_method               'FREE R-VALUE' 
_refine.pdbx_method_to_determine_struct          'MOLECULAR REPLACEMENT' 
_refine.pdbx_starting_model                      5MGJ 
_refine.pdbx_stereochemistry_target_values       ? 
_refine.pdbx_R_Free_selection_details            ? 
_refine.pdbx_stereochem_target_val_spec_case     ? 
_refine.pdbx_overall_ESU_R                       ? 
_refine.pdbx_overall_ESU_R_Free                  ? 
_refine.pdbx_solvent_vdw_probe_radii             1.1100 
_refine.pdbx_solvent_ion_probe_radii             ? 
_refine.pdbx_solvent_shrinkage_radii             0.9000 
_refine.pdbx_real_space_R                        ? 
_refine.pdbx_density_correlation                 ? 
_refine.pdbx_pd_number_of_powder_patterns        ? 
_refine.pdbx_pd_number_of_points                 ? 
_refine.pdbx_pd_meas_number_of_points            ? 
_refine.pdbx_pd_proc_ls_prof_R_factor            ? 
_refine.pdbx_pd_proc_ls_prof_wR_factor           ? 
_refine.pdbx_pd_Marquardt_correlation_coeff      ? 
_refine.pdbx_pd_Fsqrd_R_factor                   ? 
_refine.pdbx_pd_ls_matrix_band_width             ? 
_refine.pdbx_overall_phase_error                 25.1300 
_refine.pdbx_overall_SU_R_free_Cruickshank_DPI   ? 
_refine.pdbx_overall_SU_R_free_Blow_DPI          ? 
_refine.pdbx_overall_SU_R_Blow_DPI               ? 
_refine.pdbx_TLS_residual_ADP_flag               ? 
_refine.pdbx_diffrn_id                           1 
_refine.overall_SU_B                             ? 
_refine.overall_SU_ML                            0.2300 
_refine.overall_SU_R_Cruickshank_DPI             ? 
_refine.overall_SU_R_free                        ? 
_refine.overall_FOM_free_R_set                   ? 
_refine.overall_FOM_work_R_set                   ? 
_refine.pdbx_average_fsc_overall                 ? 
_refine.pdbx_average_fsc_work                    ? 
_refine.pdbx_average_fsc_free                    ? 
# 
_refine_hist.cycle_id                         final 
_refine_hist.pdbx_refine_id                   'X-RAY DIFFRACTION' 
_refine_hist.d_res_high                       2.1000 
_refine_hist.d_res_low                        41.2160 
_refine_hist.pdbx_number_atoms_ligand         25 
_refine_hist.number_atoms_solvent             111 
_refine_hist.number_atoms_total               989 
_refine_hist.pdbx_number_residues_total       103 
_refine_hist.pdbx_B_iso_mean_ligand           30.23 
_refine_hist.pdbx_B_iso_mean_solvent          33.83 
_refine_hist.pdbx_number_atoms_protein        853 
_refine_hist.pdbx_number_atoms_nucleic_acid   0 
# 
loop_
_refine_ls_restr.pdbx_refine_id 
_refine_ls_restr.criterion 
_refine_ls_restr.dev_ideal 
_refine_ls_restr.dev_ideal_target 
_refine_ls_restr.number 
_refine_ls_restr.rejects 
_refine_ls_restr.type 
_refine_ls_restr.weight 
_refine_ls_restr.pdbx_restraint_function 
'X-RAY DIFFRACTION' ? 0.007 ? 908  ? f_bond_d           ? ? 
'X-RAY DIFFRACTION' ? 0.806 ? 1228 ? f_angle_d          ? ? 
'X-RAY DIFFRACTION' ? 0.044 ? 120  ? f_chiral_restr     ? ? 
'X-RAY DIFFRACTION' ? 0.006 ? 161  ? f_plane_restr      ? ? 
'X-RAY DIFFRACTION' ? 2.368 ? 742  ? f_dihedral_angle_d ? ? 
# 
loop_
_refine_ls_shell.pdbx_refine_id 
_refine_ls_shell.d_res_high 
_refine_ls_shell.d_res_low 
_refine_ls_shell.number_reflns_all 
_refine_ls_shell.number_reflns_obs 
_refine_ls_shell.number_reflns_R_free 
_refine_ls_shell.number_reflns_R_work 
_refine_ls_shell.percent_reflns_obs 
_refine_ls_shell.percent_reflns_R_free 
_refine_ls_shell.R_factor_all 
_refine_ls_shell.R_factor_obs 
_refine_ls_shell.R_factor_R_free 
_refine_ls_shell.R_factor_R_free_error 
_refine_ls_shell.R_factor_R_work 
_refine_ls_shell.redundancy_reflns_all 
_refine_ls_shell.redundancy_reflns_obs 
_refine_ls_shell.wR_factor_all 
_refine_ls_shell.wR_factor_obs 
_refine_ls_shell.wR_factor_R_free 
_refine_ls_shell.wR_factor_R_work 
_refine_ls_shell.pdbx_total_number_of_bins_used 
_refine_ls_shell.pdbx_phase_error 
_refine_ls_shell.pdbx_fsc_work 
_refine_ls_shell.pdbx_fsc_free 
'X-RAY DIFFRACTION' 2.1001 2.3115  2513 . 124 2389 100.0000 . . . 0.3023 0.0000 0.2514 . . . . . . 4 . . . 
'X-RAY DIFFRACTION' 2.3115 2.6459  2546 . 135 2411 100.0000 . . . 0.2655 0.0000 0.2301 . . . . . . 4 . . . 
'X-RAY DIFFRACTION' 2.6459 3.3333  2565 . 136 2429 100.0000 . . . 0.2341 0.0000 0.1954 . . . . . . 4 . . . 
'X-RAY DIFFRACTION' 3.3333 41.2238 2631 . 164 2467 100.0000 . . . 0.1910 0.0000 0.1605 . . . . . . 4 . . . 
# 
_struct.entry_id                     6FGL 
_struct.title                        'Crystal Structure of BAZ2A bromodomain in complex with acetylindole compound UZH47' 
_struct.pdbx_model_details           ? 
_struct.pdbx_formula_weight          ? 
_struct.pdbx_formula_weight_method   ? 
_struct.pdbx_model_type_details      ? 
_struct.pdbx_CASP_flag               N 
# 
_struct_keywords.entry_id        6FGL 
_struct_keywords.text            'four helical bundle, transcription' 
_struct_keywords.pdbx_keywords   TRANSCRIPTION 
# 
loop_
_struct_asym.id 
_struct_asym.pdbx_blank_PDB_chainid_flag 
_struct_asym.pdbx_modified 
_struct_asym.entity_id 
_struct_asym.details 
A N N 1 ? 
B N N 2 ? 
C N N 3 ? 
D N N 4 ? 
# 
_struct_ref.id                         1 
_struct_ref.db_name                    UNP 
_struct_ref.db_code                    BAZ2A_HUMAN 
_struct_ref.pdbx_db_accession          Q9UIF9 
_struct_ref.pdbx_db_isoform            ? 
_struct_ref.entity_id                  1 
_struct_ref.pdbx_seq_one_letter_code   
;HSDLTFCEIILMEMESHDAAWPFLEPVNPRLVSGYRRIIKNPMDFSTMRERLLRGGYTSSEEFAADALLVFDNCQTFNED
DSEVGKAGHIMRRFFESRWEEFY
;
_struct_ref.pdbx_align_begin           1796 
# 
_struct_ref_seq.align_id                      1 
_struct_ref_seq.ref_id                        1 
_struct_ref_seq.pdbx_PDB_id_code              6FGL 
_struct_ref_seq.pdbx_strand_id                A 
_struct_ref_seq.seq_align_beg                 3 
_struct_ref_seq.pdbx_seq_align_beg_ins_code   ? 
_struct_ref_seq.seq_align_end                 105 
_struct_ref_seq.pdbx_seq_align_end_ins_code   ? 
_struct_ref_seq.pdbx_db_accession             Q9UIF9 
_struct_ref_seq.db_align_beg                  1796 
_struct_ref_seq.pdbx_db_align_beg_ins_code    ? 
_struct_ref_seq.db_align_end                  1898 
_struct_ref_seq.pdbx_db_align_end_ins_code    ? 
_struct_ref_seq.pdbx_auth_seq_align_beg       1796 
_struct_ref_seq.pdbx_auth_seq_align_end       1898 
# 
loop_
_struct_ref_seq_dif.align_id 
_struct_ref_seq_dif.pdbx_pdb_id_code 
_struct_ref_seq_dif.mon_id 
_struct_ref_seq_dif.pdbx_pdb_strand_id 
_struct_ref_seq_dif.seq_num 
_struct_ref_seq_dif.pdbx_pdb_ins_code 
_struct_ref_seq_dif.pdbx_seq_db_name 
_struct_ref_seq_dif.pdbx_seq_db_accession_code 
_struct_ref_seq_dif.db_mon_id 
_struct_ref_seq_dif.pdbx_seq_db_seq_num 
_struct_ref_seq_dif.details 
_struct_ref_seq_dif.pdbx_auth_seq_num 
_struct_ref_seq_dif.pdbx_ordinal 
1 6FGL SER A 1 ? UNP Q9UIF9 ? ? 'expression tag' 1794 1 
1 6FGL MET A 2 ? UNP Q9UIF9 ? ? 'expression tag' 1795 2 
# 
_pdbx_struct_assembly.id                   1 
_pdbx_struct_assembly.details              author_and_software_defined_assembly 
_pdbx_struct_assembly.method_details       PISA 
_pdbx_struct_assembly.oligomeric_details   monomeric 
_pdbx_struct_assembly.oligomeric_count     1 
# 
loop_
_pdbx_struct_assembly_prop.biol_id 
_pdbx_struct_assembly_prop.type 
_pdbx_struct_assembly_prop.value 
_pdbx_struct_assembly_prop.details 
1 'ABSA (A^2)' 50   ? 
1 MORE         -2   ? 
1 'SSA (A^2)'  6240 ? 
# 
_pdbx_struct_assembly_gen.assembly_id       1 
_pdbx_struct_assembly_gen.oper_expression   1 
_pdbx_struct_assembly_gen.asym_id_list      A,B,C,D 
# 
_pdbx_struct_assembly_auth_evidence.id                     1 
_pdbx_struct_assembly_auth_evidence.assembly_id            1 
_pdbx_struct_assembly_auth_evidence.experimental_support   'gel filtration' 
_pdbx_struct_assembly_auth_evidence.details                ? 
# 
_pdbx_struct_oper_list.id                   1 
_pdbx_struct_oper_list.type                 'identity operation' 
_pdbx_struct_oper_list.name                 1_555 
_pdbx_struct_oper_list.symmetry_operation   x,y,z 
_pdbx_struct_oper_list.matrix[1][1]         1.0000000000 
_pdbx_struct_oper_list.matrix[1][2]         0.0000000000 
_pdbx_struct_oper_list.matrix[1][3]         0.0000000000 
_pdbx_struct_oper_list.vector[1]            0.0000000000 
_pdbx_struct_oper_list.matrix[2][1]         0.0000000000 
_pdbx_struct_oper_list.matrix[2][2]         1.0000000000 
_pdbx_struct_oper_list.matrix[2][3]         0.0000000000 
_pdbx_struct_oper_list.vector[2]            0.0000000000 
_pdbx_struct_oper_list.matrix[3][1]         0.0000000000 
_pdbx_struct_oper_list.matrix[3][2]         0.0000000000 
_pdbx_struct_oper_list.matrix[3][3]         1.0000000000 
_pdbx_struct_oper_list.vector[3]            0.0000000000 
# 
loop_
_struct_conf.conf_type_id 
_struct_conf.id 
_struct_conf.pdbx_PDB_helix_id 
_struct_conf.beg_label_comp_id 
_struct_conf.beg_label_asym_id 
_struct_conf.beg_label_seq_id 
_struct_conf.pdbx_beg_PDB_ins_code 
_struct_conf.end_label_comp_id 
_struct_conf.end_label_asym_id 
_struct_conf.end_label_seq_id 
_struct_conf.pdbx_end_PDB_ins_code 
_struct_conf.beg_auth_comp_id 
_struct_conf.beg_auth_asym_id 
_struct_conf.beg_auth_seq_id 
_struct_conf.end_auth_comp_id 
_struct_conf.end_auth_asym_id 
_struct_conf.end_auth_seq_id 
_struct_conf.pdbx_PDB_helix_class 
_struct_conf.details 
_struct_conf.pdbx_PDB_helix_length 
HELX_P HELX_P1 AA1 HIS A 3  ? SER A 18  ? HIS A 1796 SER A 1811 1 ? 16 
HELX_P HELX_P2 AA2 HIS A 19 ? TRP A 23  ? HIS A 1812 TRP A 1816 5 ? 5  
HELX_P HELX_P3 AA3 GLY A 36 ? ILE A 41  ? GLY A 1829 ILE A 1834 1 ? 6  
HELX_P HELX_P4 AA4 ASP A 46 ? ARG A 56  ? ASP A 1839 ARG A 1849 1 ? 11 
HELX_P HELX_P5 AA5 SER A 61 ? ASN A 80  ? SER A 1854 ASN A 1873 1 ? 20 
HELX_P HELX_P6 AA6 SER A 84 ? GLU A 103 ? SER A 1877 GLU A 1896 1 ? 20 
# 
_struct_conf_type.id          HELX_P 
_struct_conf_type.criteria    ? 
_struct_conf_type.reference   ? 
# 
loop_
_struct_conn.id 
_struct_conn.conn_type_id 
_struct_conn.pdbx_leaving_atom_flag 
_struct_conn.pdbx_PDB_id 
_struct_conn.ptnr1_label_asym_id 
_struct_conn.ptnr1_label_comp_id 
_struct_conn.ptnr1_label_seq_id 
_struct_conn.ptnr1_label_atom_id 
_struct_conn.pdbx_ptnr1_label_alt_id 
_struct_conn.pdbx_ptnr1_PDB_ins_code 
_struct_conn.pdbx_ptnr1_standard_comp_id 
_struct_conn.ptnr1_symmetry 
_struct_conn.ptnr2_label_asym_id 
_struct_conn.ptnr2_label_comp_id 
_struct_conn.ptnr2_label_seq_id 
_struct_conn.ptnr2_label_atom_id 
_struct_conn.pdbx_ptnr2_label_alt_id 
_struct_conn.pdbx_ptnr2_PDB_ins_code 
_struct_conn.ptnr1_auth_asym_id 
_struct_conn.ptnr1_auth_comp_id 
_struct_conn.ptnr1_auth_seq_id 
_struct_conn.ptnr2_auth_asym_id 
_struct_conn.ptnr2_auth_comp_id 
_struct_conn.ptnr2_auth_seq_id 
_struct_conn.ptnr2_symmetry 
_struct_conn.pdbx_ptnr3_label_atom_id 
_struct_conn.pdbx_ptnr3_label_seq_id 
_struct_conn.pdbx_ptnr3_label_comp_id 
_struct_conn.pdbx_ptnr3_label_asym_id 
_struct_conn.pdbx_ptnr3_label_alt_id 
_struct_conn.pdbx_ptnr3_PDB_ins_code 
_struct_conn.details 
_struct_conn.pdbx_dist_value 
_struct_conn.pdbx_value_order 
_struct_conn.pdbx_role 
metalc1 metalc ? ? C MG . MG ? ? ? 1_555 D HOH . O ? ? A MG 1902 A HOH 2005 6_554 ? ? ? ? ? ? ? 2.382 ? ? 
metalc2 metalc ? ? C MG . MG ? ? ? 1_555 D HOH . O ? ? A MG 1902 A HOH 2008 1_555 ? ? ? ? ? ? ? 2.391 ? ? 
metalc3 metalc ? ? C MG . MG ? ? ? 1_555 D HOH . O ? ? A MG 1902 A HOH 2046 6_554 ? ? ? ? ? ? ? 2.315 ? ? 
metalc4 metalc ? ? C MG . MG ? ? ? 1_555 D HOH . O ? ? A MG 1902 A HOH 2062 1_555 ? ? ? ? ? ? ? 2.337 ? ? 
metalc5 metalc ? ? C MG . MG ? ? ? 1_555 D HOH . O ? ? A MG 1902 A HOH 2095 6_554 ? ? ? ? ? ? ? 2.380 ? ? 
metalc6 metalc ? ? C MG . MG ? ? ? 1_555 D HOH . O ? ? A MG 1902 A HOH 2097 1_555 ? ? ? ? ? ? ? 2.454 ? ? 
# 
_struct_conn_type.id          metalc 
_struct_conn_type.criteria    ? 
_struct_conn_type.reference   ? 
# 
loop_
_pdbx_struct_conn_angle.id 
_pdbx_struct_conn_angle.ptnr1_label_atom_id 
_pdbx_struct_conn_angle.ptnr1_label_alt_id 
_pdbx_struct_conn_angle.ptnr1_label_asym_id 
_pdbx_struct_conn_angle.ptnr1_label_comp_id 
_pdbx_struct_conn_angle.ptnr1_label_seq_id 
_pdbx_struct_conn_angle.ptnr1_auth_atom_id 
_pdbx_struct_conn_angle.ptnr1_auth_asym_id 
_pdbx_struct_conn_angle.ptnr1_auth_comp_id 
_pdbx_struct_conn_angle.ptnr1_auth_seq_id 
_pdbx_struct_conn_angle.ptnr1_PDB_ins_code 
_pdbx_struct_conn_angle.ptnr1_symmetry 
_pdbx_struct_conn_angle.ptnr2_label_atom_id 
_pdbx_struct_conn_angle.ptnr2_label_alt_id 
_pdbx_struct_conn_angle.ptnr2_label_asym_id 
_pdbx_struct_conn_angle.ptnr2_label_comp_id 
_pdbx_struct_conn_angle.ptnr2_label_seq_id 
_pdbx_struct_conn_angle.ptnr2_auth_atom_id 
_pdbx_struct_conn_angle.ptnr2_auth_asym_id 
_pdbx_struct_conn_angle.ptnr2_auth_comp_id 
_pdbx_struct_conn_angle.ptnr2_auth_seq_id 
_pdbx_struct_conn_angle.ptnr2_PDB_ins_code 
_pdbx_struct_conn_angle.ptnr2_symmetry 
_pdbx_struct_conn_angle.ptnr3_label_atom_id 
_pdbx_struct_conn_angle.ptnr3_label_alt_id 
_pdbx_struct_conn_angle.ptnr3_label_asym_id 
_pdbx_struct_conn_angle.ptnr3_label_comp_id 
_pdbx_struct_conn_angle.ptnr3_label_seq_id 
_pdbx_struct_conn_angle.ptnr3_auth_atom_id 
_pdbx_struct_conn_angle.ptnr3_auth_asym_id 
_pdbx_struct_conn_angle.ptnr3_auth_comp_id 
_pdbx_struct_conn_angle.ptnr3_auth_seq_id 
_pdbx_struct_conn_angle.ptnr3_PDB_ins_code 
_pdbx_struct_conn_angle.ptnr3_symmetry 
_pdbx_struct_conn_angle.value 
_pdbx_struct_conn_angle.value_esd 
1  O ? D HOH . ? A HOH 2005 ? 6_554 MG ? C MG . ? A MG 1902 ? 1_555 O ? D HOH . ? A HOH 2008 ? 1_555 164.3 ? 
2  O ? D HOH . ? A HOH 2005 ? 6_554 MG ? C MG . ? A MG 1902 ? 1_555 O ? D HOH . ? A HOH 2046 ? 6_554 88.9  ? 
3  O ? D HOH . ? A HOH 2008 ? 1_555 MG ? C MG . ? A MG 1902 ? 1_555 O ? D HOH . ? A HOH 2046 ? 6_554 82.0  ? 
4  O ? D HOH . ? A HOH 2005 ? 6_554 MG ? C MG . ? A MG 1902 ? 1_555 O ? D HOH . ? A HOH 2062 ? 1_555 76.3  ? 
5  O ? D HOH . ? A HOH 2008 ? 1_555 MG ? C MG . ? A MG 1902 ? 1_555 O ? D HOH . ? A HOH 2062 ? 1_555 91.9  ? 
6  O ? D HOH . ? A HOH 2046 ? 6_554 MG ? C MG . ? A MG 1902 ? 1_555 O ? D HOH . ? A HOH 2062 ? 1_555 96.2  ? 
7  O ? D HOH . ? A HOH 2005 ? 6_554 MG ? C MG . ? A MG 1902 ? 1_555 O ? D HOH . ? A HOH 2095 ? 6_554 98.4  ? 
8  O ? D HOH . ? A HOH 2008 ? 1_555 MG ? C MG . ? A MG 1902 ? 1_555 O ? D HOH . ? A HOH 2095 ? 6_554 93.7  ? 
9  O ? D HOH . ? A HOH 2046 ? 6_554 MG ? C MG . ? A MG 1902 ? 1_555 O ? D HOH . ? A HOH 2095 ? 6_554 85.4  ? 
10 O ? D HOH . ? A HOH 2062 ? 1_555 MG ? C MG . ? A MG 1902 ? 1_555 O ? D HOH . ? A HOH 2095 ? 6_554 174.4 ? 
11 O ? D HOH . ? A HOH 2005 ? 6_554 MG ? C MG . ? A MG 1902 ? 1_555 O ? D HOH . ? A HOH 2097 ? 1_555 94.8  ? 
12 O ? D HOH . ? A HOH 2008 ? 1_555 MG ? C MG . ? A MG 1902 ? 1_555 O ? D HOH . ? A HOH 2097 ? 1_555 92.3  ? 
13 O ? D HOH . ? A HOH 2046 ? 6_554 MG ? C MG . ? A MG 1902 ? 1_555 O ? D HOH . ? A HOH 2097 ? 1_555 170.4 ? 
14 O ? D HOH . ? A HOH 2062 ? 1_555 MG ? C MG . ? A MG 1902 ? 1_555 O ? D HOH . ? A HOH 2097 ? 1_555 76.1  ? 
15 O ? D HOH . ? A HOH 2095 ? 6_554 MG ? C MG . ? A MG 1902 ? 1_555 O ? D HOH . ? A HOH 2097 ? 1_555 102.8 ? 
# 
loop_
_struct_site.id 
_struct_site.pdbx_evidence_code 
_struct_site.pdbx_auth_asym_id 
_struct_site.pdbx_auth_comp_id 
_struct_site.pdbx_auth_seq_id 
_struct_site.pdbx_auth_ins_code 
_struct_site.pdbx_num_residues 
_struct_site.details 
AC1 Software A UO1 1901 ? 10 'binding site for residue UO1 A 1901' 
AC2 Software A MG  1902 ? 6  'binding site for residue MG A 1902'  
# 
loop_
_struct_site_gen.id 
_struct_site_gen.site_id 
_struct_site_gen.pdbx_num_res 
_struct_site_gen.label_comp_id 
_struct_site_gen.label_asym_id 
_struct_site_gen.label_seq_id 
_struct_site_gen.pdbx_auth_ins_code 
_struct_site_gen.auth_comp_id 
_struct_site_gen.auth_asym_id 
_struct_site_gen.auth_seq_id 
_struct_site_gen.label_atom_id 
_struct_site_gen.label_alt_id 
_struct_site_gen.symmetry 
_struct_site_gen.details 
1  AC1 10 TRP A 23 ? TRP A 1816 . ? 1_555 ? 
2  AC1 10 PRO A 24 ? PRO A 1817 . ? 1_555 ? 
3  AC1 10 GLU A 27 ? GLU A 1820 . ? 1_555 ? 
4  AC1 10 PRO A 28 ? PRO A 1821 . ? 1_555 ? 
5  AC1 10 VAL A 29 ? VAL A 1822 . ? 1_555 ? 
6  AC1 10 ASN A 30 ? ASN A 1823 . ? 1_555 ? 
7  AC1 10 LEU A 33 ? LEU A 1826 . ? 1_555 ? 
8  AC1 10 ASN A 80 ? ASN A 1873 . ? 1_555 ? 
9  AC1 10 HOH D .  ? HOH A 2024 . ? 1_555 ? 
10 AC1 10 HOH D .  ? HOH A 2035 . ? 1_555 ? 
11 AC2 6  HOH D .  ? HOH A 2005 . ? 6_554 ? 
12 AC2 6  HOH D .  ? HOH A 2008 . ? 1_555 ? 
13 AC2 6  HOH D .  ? HOH A 2046 . ? 6_554 ? 
14 AC2 6  HOH D .  ? HOH A 2062 . ? 1_555 ? 
15 AC2 6  HOH D .  ? HOH A 2095 . ? 6_554 ? 
16 AC2 6  HOH D .  ? HOH A 2097 . ? 1_555 ? 
# 
loop_
_pdbx_validate_torsion.id 
_pdbx_validate_torsion.PDB_model_num 
_pdbx_validate_torsion.auth_comp_id 
_pdbx_validate_torsion.auth_asym_id 
_pdbx_validate_torsion.auth_seq_id 
_pdbx_validate_torsion.PDB_ins_code 
_pdbx_validate_torsion.label_alt_id 
_pdbx_validate_torsion.phi 
_pdbx_validate_torsion.psi 
1 1 GLU A 1896 ? ? -62.67  0.37   
2 1 PHE A 1897 ? ? -124.34 -51.06 
# 
_pdbx_struct_special_symmetry.id              1 
_pdbx_struct_special_symmetry.PDB_model_num   1 
_pdbx_struct_special_symmetry.auth_asym_id    A 
_pdbx_struct_special_symmetry.auth_comp_id    HOH 
_pdbx_struct_special_symmetry.auth_seq_id     2058 
_pdbx_struct_special_symmetry.PDB_ins_code    ? 
_pdbx_struct_special_symmetry.label_asym_id   D 
_pdbx_struct_special_symmetry.label_comp_id   HOH 
_pdbx_struct_special_symmetry.label_seq_id    . 
# 
_phasing.method   MR 
# 
loop_
_pdbx_unobs_or_zero_occ_residues.id 
_pdbx_unobs_or_zero_occ_residues.PDB_model_num 
_pdbx_unobs_or_zero_occ_residues.polymer_flag 
_pdbx_unobs_or_zero_occ_residues.occupancy_flag 
_pdbx_unobs_or_zero_occ_residues.auth_asym_id 
_pdbx_unobs_or_zero_occ_residues.auth_comp_id 
_pdbx_unobs_or_zero_occ_residues.auth_seq_id 
_pdbx_unobs_or_zero_occ_residues.PDB_ins_code 
_pdbx_unobs_or_zero_occ_residues.label_asym_id 
_pdbx_unobs_or_zero_occ_residues.label_comp_id 
_pdbx_unobs_or_zero_occ_residues.label_seq_id 
1 1 Y 1 A SER 1794 ? A SER 1 
2 1 Y 1 A MET 1795 ? A MET 2 
# 
loop_
_chem_comp_atom.comp_id 
_chem_comp_atom.atom_id 
_chem_comp_atom.type_symbol 
_chem_comp_atom.pdbx_aromatic_flag 
_chem_comp_atom.pdbx_stereo_config 
_chem_comp_atom.pdbx_ordinal 
ALA N    N  N N 1   
ALA CA   C  N S 2   
ALA C    C  N N 3   
ALA O    O  N N 4   
ALA CB   C  N N 5   
ALA OXT  O  N N 6   
ALA H    H  N N 7   
ALA H2   H  N N 8   
ALA HA   H  N N 9   
ALA HB1  H  N N 10  
ALA HB2  H  N N 11  
ALA HB3  H  N N 12  
ALA HXT  H  N N 13  
ARG N    N  N N 14  
ARG CA   C  N S 15  
ARG C    C  N N 16  
ARG O    O  N N 17  
ARG CB   C  N N 18  
ARG CG   C  N N 19  
ARG CD   C  N N 20  
ARG NE   N  N N 21  
ARG CZ   C  N N 22  
ARG NH1  N  N N 23  
ARG NH2  N  N N 24  
ARG OXT  O  N N 25  
ARG H    H  N N 26  
ARG H2   H  N N 27  
ARG HA   H  N N 28  
ARG HB2  H  N N 29  
ARG HB3  H  N N 30  
ARG HG2  H  N N 31  
ARG HG3  H  N N 32  
ARG HD2  H  N N 33  
ARG HD3  H  N N 34  
ARG HE   H  N N 35  
ARG HH11 H  N N 36  
ARG HH12 H  N N 37  
ARG HH21 H  N N 38  
ARG HH22 H  N N 39  
ARG HXT  H  N N 40  
ASN N    N  N N 41  
ASN CA   C  N S 42  
ASN C    C  N N 43  
ASN O    O  N N 44  
ASN CB   C  N N 45  
ASN CG   C  N N 46  
ASN OD1  O  N N 47  
ASN ND2  N  N N 48  
ASN OXT  O  N N 49  
ASN H    H  N N 50  
ASN H2   H  N N 51  
ASN HA   H  N N 52  
ASN HB2  H  N N 53  
ASN HB3  H  N N 54  
ASN HD21 H  N N 55  
ASN HD22 H  N N 56  
ASN HXT  H  N N 57  
ASP N    N  N N 58  
ASP CA   C  N S 59  
ASP C    C  N N 60  
ASP O    O  N N 61  
ASP CB   C  N N 62  
ASP CG   C  N N 63  
ASP OD1  O  N N 64  
ASP OD2  O  N N 65  
ASP OXT  O  N N 66  
ASP H    H  N N 67  
ASP H2   H  N N 68  
ASP HA   H  N N 69  
ASP HB2  H  N N 70  
ASP HB3  H  N N 71  
ASP HD2  H  N N 72  
ASP HXT  H  N N 73  
CYS N    N  N N 74  
CYS CA   C  N R 75  
CYS C    C  N N 76  
CYS O    O  N N 77  
CYS CB   C  N N 78  
CYS SG   S  N N 79  
CYS OXT  O  N N 80  
CYS H    H  N N 81  
CYS H2   H  N N 82  
CYS HA   H  N N 83  
CYS HB2  H  N N 84  
CYS HB3  H  N N 85  
CYS HG   H  N N 86  
CYS HXT  H  N N 87  
GLN N    N  N N 88  
GLN CA   C  N S 89  
GLN C    C  N N 90  
GLN O    O  N N 91  
GLN CB   C  N N 92  
GLN CG   C  N N 93  
GLN CD   C  N N 94  
GLN OE1  O  N N 95  
GLN NE2  N  N N 96  
GLN OXT  O  N N 97  
GLN H    H  N N 98  
GLN H2   H  N N 99  
GLN HA   H  N N 100 
GLN HB2  H  N N 101 
GLN HB3  H  N N 102 
GLN HG2  H  N N 103 
GLN HG3  H  N N 104 
GLN HE21 H  N N 105 
GLN HE22 H  N N 106 
GLN HXT  H  N N 107 
GLU N    N  N N 108 
GLU CA   C  N S 109 
GLU C    C  N N 110 
GLU O    O  N N 111 
GLU CB   C  N N 112 
GLU CG   C  N N 113 
GLU CD   C  N N 114 
GLU OE1  O  N N 115 
GLU OE2  O  N N 116 
GLU OXT  O  N N 117 
GLU H    H  N N 118 
GLU H2   H  N N 119 
GLU HA   H  N N 120 
GLU HB2  H  N N 121 
GLU HB3  H  N N 122 
GLU HG2  H  N N 123 
GLU HG3  H  N N 124 
GLU HE2  H  N N 125 
GLU HXT  H  N N 126 
GLY N    N  N N 127 
GLY CA   C  N N 128 
GLY C    C  N N 129 
GLY O    O  N N 130 
GLY OXT  O  N N 131 
GLY H    H  N N 132 
GLY H2   H  N N 133 
GLY HA2  H  N N 134 
GLY HA3  H  N N 135 
GLY HXT  H  N N 136 
HIS N    N  N N 137 
HIS CA   C  N S 138 
HIS C    C  N N 139 
HIS O    O  N N 140 
HIS CB   C  N N 141 
HIS CG   C  Y N 142 
HIS ND1  N  Y N 143 
HIS CD2  C  Y N 144 
HIS CE1  C  Y N 145 
HIS NE2  N  Y N 146 
HIS OXT  O  N N 147 
HIS H    H  N N 148 
HIS H2   H  N N 149 
HIS HA   H  N N 150 
HIS HB2  H  N N 151 
HIS HB3  H  N N 152 
HIS HD1  H  N N 153 
HIS HD2  H  N N 154 
HIS HE1  H  N N 155 
HIS HE2  H  N N 156 
HIS HXT  H  N N 157 
HOH O    O  N N 158 
HOH H1   H  N N 159 
HOH H2   H  N N 160 
ILE N    N  N N 161 
ILE CA   C  N S 162 
ILE C    C  N N 163 
ILE O    O  N N 164 
ILE CB   C  N S 165 
ILE CG1  C  N N 166 
ILE CG2  C  N N 167 
ILE CD1  C  N N 168 
ILE OXT  O  N N 169 
ILE H    H  N N 170 
ILE H2   H  N N 171 
ILE HA   H  N N 172 
ILE HB   H  N N 173 
ILE HG12 H  N N 174 
ILE HG13 H  N N 175 
ILE HG21 H  N N 176 
ILE HG22 H  N N 177 
ILE HG23 H  N N 178 
ILE HD11 H  N N 179 
ILE HD12 H  N N 180 
ILE HD13 H  N N 181 
ILE HXT  H  N N 182 
LEU N    N  N N 183 
LEU CA   C  N S 184 
LEU C    C  N N 185 
LEU O    O  N N 186 
LEU CB   C  N N 187 
LEU CG   C  N N 188 
LEU CD1  C  N N 189 
LEU CD2  C  N N 190 
LEU OXT  O  N N 191 
LEU H    H  N N 192 
LEU H2   H  N N 193 
LEU HA   H  N N 194 
LEU HB2  H  N N 195 
LEU HB3  H  N N 196 
LEU HG   H  N N 197 
LEU HD11 H  N N 198 
LEU HD12 H  N N 199 
LEU HD13 H  N N 200 
LEU HD21 H  N N 201 
LEU HD22 H  N N 202 
LEU HD23 H  N N 203 
LEU HXT  H  N N 204 
LYS N    N  N N 205 
LYS CA   C  N S 206 
LYS C    C  N N 207 
LYS O    O  N N 208 
LYS CB   C  N N 209 
LYS CG   C  N N 210 
LYS CD   C  N N 211 
LYS CE   C  N N 212 
LYS NZ   N  N N 213 
LYS OXT  O  N N 214 
LYS H    H  N N 215 
LYS H2   H  N N 216 
LYS HA   H  N N 217 
LYS HB2  H  N N 218 
LYS HB3  H  N N 219 
LYS HG2  H  N N 220 
LYS HG3  H  N N 221 
LYS HD2  H  N N 222 
LYS HD3  H  N N 223 
LYS HE2  H  N N 224 
LYS HE3  H  N N 225 
LYS HZ1  H  N N 226 
LYS HZ2  H  N N 227 
LYS HZ3  H  N N 228 
LYS HXT  H  N N 229 
MET N    N  N N 230 
MET CA   C  N S 231 
MET C    C  N N 232 
MET O    O  N N 233 
MET CB   C  N N 234 
MET CG   C  N N 235 
MET SD   S  N N 236 
MET CE   C  N N 237 
MET OXT  O  N N 238 
MET H    H  N N 239 
MET H2   H  N N 240 
MET HA   H  N N 241 
MET HB2  H  N N 242 
MET HB3  H  N N 243 
MET HG2  H  N N 244 
MET HG3  H  N N 245 
MET HE1  H  N N 246 
MET HE2  H  N N 247 
MET HE3  H  N N 248 
MET HXT  H  N N 249 
MG  MG   MG N N 250 
PHE N    N  N N 251 
PHE CA   C  N S 252 
PHE C    C  N N 253 
PHE O    O  N N 254 
PHE CB   C  N N 255 
PHE CG   C  Y N 256 
PHE CD1  C  Y N 257 
PHE CD2  C  Y N 258 
PHE CE1  C  Y N 259 
PHE CE2  C  Y N 260 
PHE CZ   C  Y N 261 
PHE OXT  O  N N 262 
PHE H    H  N N 263 
PHE H2   H  N N 264 
PHE HA   H  N N 265 
PHE HB2  H  N N 266 
PHE HB3  H  N N 267 
PHE HD1  H  N N 268 
PHE HD2  H  N N 269 
PHE HE1  H  N N 270 
PHE HE2  H  N N 271 
PHE HZ   H  N N 272 
PHE HXT  H  N N 273 
PRO N    N  N N 274 
PRO CA   C  N S 275 
PRO C    C  N N 276 
PRO O    O  N N 277 
PRO CB   C  N N 278 
PRO CG   C  N N 279 
PRO CD   C  N N 280 
PRO OXT  O  N N 281 
PRO H    H  N N 282 
PRO HA   H  N N 283 
PRO HB2  H  N N 284 
PRO HB3  H  N N 285 
PRO HG2  H  N N 286 
PRO HG3  H  N N 287 
PRO HD2  H  N N 288 
PRO HD3  H  N N 289 
PRO HXT  H  N N 290 
SER N    N  N N 291 
SER CA   C  N S 292 
SER C    C  N N 293 
SER O    O  N N 294 
SER CB   C  N N 295 
SER OG   O  N N 296 
SER OXT  O  N N 297 
SER H    H  N N 298 
SER H2   H  N N 299 
SER HA   H  N N 300 
SER HB2  H  N N 301 
SER HB3  H  N N 302 
SER HG   H  N N 303 
SER HXT  H  N N 304 
THR N    N  N N 305 
THR CA   C  N S 306 
THR C    C  N N 307 
THR O    O  N N 308 
THR CB   C  N R 309 
THR OG1  O  N N 310 
THR CG2  C  N N 311 
THR OXT  O  N N 312 
THR H    H  N N 313 
THR H2   H  N N 314 
THR HA   H  N N 315 
THR HB   H  N N 316 
THR HG1  H  N N 317 
THR HG21 H  N N 318 
THR HG22 H  N N 319 
THR HG23 H  N N 320 
THR HXT  H  N N 321 
TRP N    N  N N 322 
TRP CA   C  N S 323 
TRP C    C  N N 324 
TRP O    O  N N 325 
TRP CB   C  N N 326 
TRP CG   C  Y N 327 
TRP CD1  C  Y N 328 
TRP CD2  C  Y N 329 
TRP NE1  N  Y N 330 
TRP CE2  C  Y N 331 
TRP CE3  C  Y N 332 
TRP CZ2  C  Y N 333 
TRP CZ3  C  Y N 334 
TRP CH2  C  Y N 335 
TRP OXT  O  N N 336 
TRP H    H  N N 337 
TRP H2   H  N N 338 
TRP HA   H  N N 339 
TRP HB2  H  N N 340 
TRP HB3  H  N N 341 
TRP HD1  H  N N 342 
TRP HE1  H  N N 343 
TRP HE3  H  N N 344 
TRP HZ2  H  N N 345 
TRP HZ3  H  N N 346 
TRP HH2  H  N N 347 
TRP HXT  H  N N 348 
TYR N    N  N N 349 
TYR CA   C  N S 350 
TYR C    C  N N 351 
TYR O    O  N N 352 
TYR CB   C  N N 353 
TYR CG   C  Y N 354 
TYR CD1  C  Y N 355 
TYR CD2  C  Y N 356 
TYR CE1  C  Y N 357 
TYR CE2  C  Y N 358 
TYR CZ   C  Y N 359 
TYR OH   O  N N 360 
TYR OXT  O  N N 361 
TYR H    H  N N 362 
TYR H2   H  N N 363 
TYR HA   H  N N 364 
TYR HB2  H  N N 365 
TYR HB3  H  N N 366 
TYR HD1  H  N N 367 
TYR HD2  H  N N 368 
TYR HE1  H  N N 369 
TYR HE2  H  N N 370 
TYR HH   H  N N 371 
TYR HXT  H  N N 372 
UO1 C01  C  N N 373 
UO1 C02  C  N N 374 
UO1 O03  O  N N 375 
UO1 N04  N  Y N 376 
UO1 C05  C  Y N 377 
UO1 C06  C  Y N 378 
UO1 N07  N  N N 379 
UO1 C08  C  N N 380 
UO1 C09  C  N N 381 
UO1 O10  O  N N 382 
UO1 C11  C  Y N 383 
UO1 C12  C  Y N 384 
UO1 C13  C  N N 385 
UO1 C14  C  Y N 386 
UO1 C15  C  Y N 387 
UO1 C16  C  Y N 388 
UO1 C17  C  Y N 389 
UO1 O18  O  N N 390 
UO1 C19  C  Y N 391 
UO1 C20  C  Y N 392 
UO1 C21  C  Y N 393 
UO1 C22  C  Y N 394 
UO1 C23  C  Y N 395 
UO1 C24  C  Y N 396 
UO1 H1   H  N N 397 
UO1 H2   H  N N 398 
UO1 H3   H  N N 399 
UO1 H4   H  N N 400 
UO1 H5   H  N N 401 
UO1 H6   H  N N 402 
UO1 H7   H  N N 403 
UO1 H8   H  N N 404 
UO1 H9   H  N N 405 
UO1 H10  H  N N 406 
UO1 H11  H  N N 407 
UO1 H12  H  N N 408 
UO1 H13  H  N N 409 
UO1 H14  H  N N 410 
UO1 H15  H  N N 411 
UO1 H16  H  N N 412 
UO1 H17  H  N N 413 
UO1 H18  H  N N 414 
VAL N    N  N N 415 
VAL CA   C  N S 416 
VAL C    C  N N 417 
VAL O    O  N N 418 
VAL CB   C  N N 419 
VAL CG1  C  N N 420 
VAL CG2  C  N N 421 
VAL OXT  O  N N 422 
VAL H    H  N N 423 
VAL H2   H  N N 424 
VAL HA   H  N N 425 
VAL HB   H  N N 426 
VAL HG11 H  N N 427 
VAL HG12 H  N N 428 
VAL HG13 H  N N 429 
VAL HG21 H  N N 430 
VAL HG22 H  N N 431 
VAL HG23 H  N N 432 
VAL HXT  H  N N 433 
# 
loop_
_chem_comp_bond.comp_id 
_chem_comp_bond.atom_id_1 
_chem_comp_bond.atom_id_2 
_chem_comp_bond.value_order 
_chem_comp_bond.pdbx_aromatic_flag 
_chem_comp_bond.pdbx_stereo_config 
_chem_comp_bond.pdbx_ordinal 
ALA N   CA   sing N N 1   
ALA N   H    sing N N 2   
ALA N   H2   sing N N 3   
ALA CA  C    sing N N 4   
ALA CA  CB   sing N N 5   
ALA CA  HA   sing N N 6   
ALA C   O    doub N N 7   
ALA C   OXT  sing N N 8   
ALA CB  HB1  sing N N 9   
ALA CB  HB2  sing N N 10  
ALA CB  HB3  sing N N 11  
ALA OXT HXT  sing N N 12  
ARG N   CA   sing N N 13  
ARG N   H    sing N N 14  
ARG N   H2   sing N N 15  
ARG CA  C    sing N N 16  
ARG CA  CB   sing N N 17  
ARG CA  HA   sing N N 18  
ARG C   O    doub N N 19  
ARG C   OXT  sing N N 20  
ARG CB  CG   sing N N 21  
ARG CB  HB2  sing N N 22  
ARG CB  HB3  sing N N 23  
ARG CG  CD   sing N N 24  
ARG CG  HG2  sing N N 25  
ARG CG  HG3  sing N N 26  
ARG CD  NE   sing N N 27  
ARG CD  HD2  sing N N 28  
ARG CD  HD3  sing N N 29  
ARG NE  CZ   sing N N 30  
ARG NE  HE   sing N N 31  
ARG CZ  NH1  sing N N 32  
ARG CZ  NH2  doub N N 33  
ARG NH1 HH11 sing N N 34  
ARG NH1 HH12 sing N N 35  
ARG NH2 HH21 sing N N 36  
ARG NH2 HH22 sing N N 37  
ARG OXT HXT  sing N N 38  
ASN N   CA   sing N N 39  
ASN N   H    sing N N 40  
ASN N   H2   sing N N 41  
ASN CA  C    sing N N 42  
ASN CA  CB   sing N N 43  
ASN CA  HA   sing N N 44  
ASN C   O    doub N N 45  
ASN C   OXT  sing N N 46  
ASN CB  CG   sing N N 47  
ASN CB  HB2  sing N N 48  
ASN CB  HB3  sing N N 49  
ASN CG  OD1  doub N N 50  
ASN CG  ND2  sing N N 51  
ASN ND2 HD21 sing N N 52  
ASN ND2 HD22 sing N N 53  
ASN OXT HXT  sing N N 54  
ASP N   CA   sing N N 55  
ASP N   H    sing N N 56  
ASP N   H2   sing N N 57  
ASP CA  C    sing N N 58  
ASP CA  CB   sing N N 59  
ASP CA  HA   sing N N 60  
ASP C   O    doub N N 61  
ASP C   OXT  sing N N 62  
ASP CB  CG   sing N N 63  
ASP CB  HB2  sing N N 64  
ASP CB  HB3  sing N N 65  
ASP CG  OD1  doub N N 66  
ASP CG  OD2  sing N N 67  
ASP OD2 HD2  sing N N 68  
ASP OXT HXT  sing N N 69  
CYS N   CA   sing N N 70  
CYS N   H    sing N N 71  
CYS N   H2   sing N N 72  
CYS CA  C    sing N N 73  
CYS CA  CB   sing N N 74  
CYS CA  HA   sing N N 75  
CYS C   O    doub N N 76  
CYS C   OXT  sing N N 77  
CYS CB  SG   sing N N 78  
CYS CB  HB2  sing N N 79  
CYS CB  HB3  sing N N 80  
CYS SG  HG   sing N N 81  
CYS OXT HXT  sing N N 82  
GLN N   CA   sing N N 83  
GLN N   H    sing N N 84  
GLN N   H2   sing N N 85  
GLN CA  C    sing N N 86  
GLN CA  CB   sing N N 87  
GLN CA  HA   sing N N 88  
GLN C   O    doub N N 89  
GLN C   OXT  sing N N 90  
GLN CB  CG   sing N N 91  
GLN CB  HB2  sing N N 92  
GLN CB  HB3  sing N N 93  
GLN CG  CD   sing N N 94  
GLN CG  HG2  sing N N 95  
GLN CG  HG3  sing N N 96  
GLN CD  OE1  doub N N 97  
GLN CD  NE2  sing N N 98  
GLN NE2 HE21 sing N N 99  
GLN NE2 HE22 sing N N 100 
GLN OXT HXT  sing N N 101 
GLU N   CA   sing N N 102 
GLU N   H    sing N N 103 
GLU N   H2   sing N N 104 
GLU CA  C    sing N N 105 
GLU CA  CB   sing N N 106 
GLU CA  HA   sing N N 107 
GLU C   O    doub N N 108 
GLU C   OXT  sing N N 109 
GLU CB  CG   sing N N 110 
GLU CB  HB2  sing N N 111 
GLU CB  HB3  sing N N 112 
GLU CG  CD   sing N N 113 
GLU CG  HG2  sing N N 114 
GLU CG  HG3  sing N N 115 
GLU CD  OE1  doub N N 116 
GLU CD  OE2  sing N N 117 
GLU OE2 HE2  sing N N 118 
GLU OXT HXT  sing N N 119 
GLY N   CA   sing N N 120 
GLY N   H    sing N N 121 
GLY N   H2   sing N N 122 
GLY CA  C    sing N N 123 
GLY CA  HA2  sing N N 124 
GLY CA  HA3  sing N N 125 
GLY C   O    doub N N 126 
GLY C   OXT  sing N N 127 
GLY OXT HXT  sing N N 128 
HIS N   CA   sing N N 129 
HIS N   H    sing N N 130 
HIS N   H2   sing N N 131 
HIS CA  C    sing N N 132 
HIS CA  CB   sing N N 133 
HIS CA  HA   sing N N 134 
HIS C   O    doub N N 135 
HIS C   OXT  sing N N 136 
HIS CB  CG   sing N N 137 
HIS CB  HB2  sing N N 138 
HIS CB  HB3  sing N N 139 
HIS CG  ND1  sing Y N 140 
HIS CG  CD2  doub Y N 141 
HIS ND1 CE1  doub Y N 142 
HIS ND1 HD1  sing N N 143 
HIS CD2 NE2  sing Y N 144 
HIS CD2 HD2  sing N N 145 
HIS CE1 NE2  sing Y N 146 
HIS CE1 HE1  sing N N 147 
HIS NE2 HE2  sing N N 148 
HIS OXT HXT  sing N N 149 
HOH O   H1   sing N N 150 
HOH O   H2   sing N N 151 
ILE N   CA   sing N N 152 
ILE N   H    sing N N 153 
ILE N   H2   sing N N 154 
ILE CA  C    sing N N 155 
ILE CA  CB   sing N N 156 
ILE CA  HA   sing N N 157 
ILE C   O    doub N N 158 
ILE C   OXT  sing N N 159 
ILE CB  CG1  sing N N 160 
ILE CB  CG2  sing N N 161 
ILE CB  HB   sing N N 162 
ILE CG1 CD1  sing N N 163 
ILE CG1 HG12 sing N N 164 
ILE CG1 HG13 sing N N 165 
ILE CG2 HG21 sing N N 166 
ILE CG2 HG22 sing N N 167 
ILE CG2 HG23 sing N N 168 
ILE CD1 HD11 sing N N 169 
ILE CD1 HD12 sing N N 170 
ILE CD1 HD13 sing N N 171 
ILE OXT HXT  sing N N 172 
LEU N   CA   sing N N 173 
LEU N   H    sing N N 174 
LEU N   H2   sing N N 175 
LEU CA  C    sing N N 176 
LEU CA  CB   sing N N 177 
LEU CA  HA   sing N N 178 
LEU C   O    doub N N 179 
LEU C   OXT  sing N N 180 
LEU CB  CG   sing N N 181 
LEU CB  HB2  sing N N 182 
LEU CB  HB3  sing N N 183 
LEU CG  CD1  sing N N 184 
LEU CG  CD2  sing N N 185 
LEU CG  HG   sing N N 186 
LEU CD1 HD11 sing N N 187 
LEU CD1 HD12 sing N N 188 
LEU CD1 HD13 sing N N 189 
LEU CD2 HD21 sing N N 190 
LEU CD2 HD22 sing N N 191 
LEU CD2 HD23 sing N N 192 
LEU OXT HXT  sing N N 193 
LYS N   CA   sing N N 194 
LYS N   H    sing N N 195 
LYS N   H2   sing N N 196 
LYS CA  C    sing N N 197 
LYS CA  CB   sing N N 198 
LYS CA  HA   sing N N 199 
LYS C   O    doub N N 200 
LYS C   OXT  sing N N 201 
LYS CB  CG   sing N N 202 
LYS CB  HB2  sing N N 203 
LYS CB  HB3  sing N N 204 
LYS CG  CD   sing N N 205 
LYS CG  HG2  sing N N 206 
LYS CG  HG3  sing N N 207 
LYS CD  CE   sing N N 208 
LYS CD  HD2  sing N N 209 
LYS CD  HD3  sing N N 210 
LYS CE  NZ   sing N N 211 
LYS CE  HE2  sing N N 212 
LYS CE  HE3  sing N N 213 
LYS NZ  HZ1  sing N N 214 
LYS NZ  HZ2  sing N N 215 
LYS NZ  HZ3  sing N N 216 
LYS OXT HXT  sing N N 217 
MET N   CA   sing N N 218 
MET N   H    sing N N 219 
MET N   H2   sing N N 220 
MET CA  C    sing N N 221 
MET CA  CB   sing N N 222 
MET CA  HA   sing N N 223 
MET C   O    doub N N 224 
MET C   OXT  sing N N 225 
MET CB  CG   sing N N 226 
MET CB  HB2  sing N N 227 
MET CB  HB3  sing N N 228 
MET CG  SD   sing N N 229 
MET CG  HG2  sing N N 230 
MET CG  HG3  sing N N 231 
MET SD  CE   sing N N 232 
MET CE  HE1  sing N N 233 
MET CE  HE2  sing N N 234 
MET CE  HE3  sing N N 235 
MET OXT HXT  sing N N 236 
PHE N   CA   sing N N 237 
PHE N   H    sing N N 238 
PHE N   H2   sing N N 239 
PHE CA  C    sing N N 240 
PHE CA  CB   sing N N 241 
PHE CA  HA   sing N N 242 
PHE C   O    doub N N 243 
PHE C   OXT  sing N N 244 
PHE CB  CG   sing N N 245 
PHE CB  HB2  sing N N 246 
PHE CB  HB3  sing N N 247 
PHE CG  CD1  doub Y N 248 
PHE CG  CD2  sing Y N 249 
PHE CD1 CE1  sing Y N 250 
PHE CD1 HD1  sing N N 251 
PHE CD2 CE2  doub Y N 252 
PHE CD2 HD2  sing N N 253 
PHE CE1 CZ   doub Y N 254 
PHE CE1 HE1  sing N N 255 
PHE CE2 CZ   sing Y N 256 
PHE CE2 HE2  sing N N 257 
PHE CZ  HZ   sing N N 258 
PHE OXT HXT  sing N N 259 
PRO N   CA   sing N N 260 
PRO N   CD   sing N N 261 
PRO N   H    sing N N 262 
PRO CA  C    sing N N 263 
PRO CA  CB   sing N N 264 
PRO CA  HA   sing N N 265 
PRO C   O    doub N N 266 
PRO C   OXT  sing N N 267 
PRO CB  CG   sing N N 268 
PRO CB  HB2  sing N N 269 
PRO CB  HB3  sing N N 270 
PRO CG  CD   sing N N 271 
PRO CG  HG2  sing N N 272 
PRO CG  HG3  sing N N 273 
PRO CD  HD2  sing N N 274 
PRO CD  HD3  sing N N 275 
PRO OXT HXT  sing N N 276 
SER N   CA   sing N N 277 
SER N   H    sing N N 278 
SER N   H2   sing N N 279 
SER CA  C    sing N N 280 
SER CA  CB   sing N N 281 
SER CA  HA   sing N N 282 
SER C   O    doub N N 283 
SER C   OXT  sing N N 284 
SER CB  OG   sing N N 285 
SER CB  HB2  sing N N 286 
SER CB  HB3  sing N N 287 
SER OG  HG   sing N N 288 
SER OXT HXT  sing N N 289 
THR N   CA   sing N N 290 
THR N   H    sing N N 291 
THR N   H2   sing N N 292 
THR CA  C    sing N N 293 
THR CA  CB   sing N N 294 
THR CA  HA   sing N N 295 
THR C   O    doub N N 296 
THR C   OXT  sing N N 297 
THR CB  OG1  sing N N 298 
THR CB  CG2  sing N N 299 
THR CB  HB   sing N N 300 
THR OG1 HG1  sing N N 301 
THR CG2 HG21 sing N N 302 
THR CG2 HG22 sing N N 303 
THR CG2 HG23 sing N N 304 
THR OXT HXT  sing N N 305 
TRP N   CA   sing N N 306 
TRP N   H    sing N N 307 
TRP N   H2   sing N N 308 
TRP CA  C    sing N N 309 
TRP CA  CB   sing N N 310 
TRP CA  HA   sing N N 311 
TRP C   O    doub N N 312 
TRP C   OXT  sing N N 313 
TRP CB  CG   sing N N 314 
TRP CB  HB2  sing N N 315 
TRP CB  HB3  sing N N 316 
TRP CG  CD1  doub Y N 317 
TRP CG  CD2  sing Y N 318 
TRP CD1 NE1  sing Y N 319 
TRP CD1 HD1  sing N N 320 
TRP CD2 CE2  doub Y N 321 
TRP CD2 CE3  sing Y N 322 
TRP NE1 CE2  sing Y N 323 
TRP NE1 HE1  sing N N 324 
TRP CE2 CZ2  sing Y N 325 
TRP CE3 CZ3  doub Y N 326 
TRP CE3 HE3  sing N N 327 
TRP CZ2 CH2  doub Y N 328 
TRP CZ2 HZ2  sing N N 329 
TRP CZ3 CH2  sing Y N 330 
TRP CZ3 HZ3  sing N N 331 
TRP CH2 HH2  sing N N 332 
TRP OXT HXT  sing N N 333 
TYR N   CA   sing N N 334 
TYR N   H    sing N N 335 
TYR N   H2   sing N N 336 
TYR CA  C    sing N N 337 
TYR CA  CB   sing N N 338 
TYR CA  HA   sing N N 339 
TYR C   O    doub N N 340 
TYR C   OXT  sing N N 341 
TYR CB  CG   sing N N 342 
TYR CB  HB2  sing N N 343 
TYR CB  HB3  sing N N 344 
TYR CG  CD1  doub Y N 345 
TYR CG  CD2  sing Y N 346 
TYR CD1 CE1  sing Y N 347 
TYR CD1 HD1  sing N N 348 
TYR CD2 CE2  doub Y N 349 
TYR CD2 HD2  sing N N 350 
TYR CE1 CZ   doub Y N 351 
TYR CE1 HE1  sing N N 352 
TYR CE2 CZ   sing Y N 353 
TYR CE2 HE2  sing N N 354 
TYR CZ  OH   sing N N 355 
TYR OH  HH   sing N N 356 
TYR OXT HXT  sing N N 357 
UO1 C09 C08  sing N N 358 
UO1 O10 C08  doub N N 359 
UO1 C08 N07  sing N N 360 
UO1 C13 C12  sing N N 361 
UO1 N07 C11  sing N N 362 
UO1 N07 C06  sing N N 363 
UO1 C12 C14  doub Y N 364 
UO1 C12 C11  sing Y N 365 
UO1 C14 C15  sing Y N 366 
UO1 C11 C17  doub Y N 367 
UO1 C06 C05  doub Y N 368 
UO1 C06 C19  sing Y N 369 
UO1 C05 N04  sing Y N 370 
UO1 C19 C24  doub Y N 371 
UO1 C19 C20  sing Y N 372 
UO1 C24 C23  sing Y N 373 
UO1 N04 C20  sing Y N 374 
UO1 N04 C02  sing N N 375 
UO1 C15 C16  doub Y N 376 
UO1 C17 C16  sing Y N 377 
UO1 C01 C02  sing N N 378 
UO1 C20 C21  doub Y N 379 
UO1 C23 C22  doub Y N 380 
UO1 C02 O03  doub N N 381 
UO1 C16 O18  sing N N 382 
UO1 C21 C22  sing Y N 383 
UO1 C01 H1   sing N N 384 
UO1 C01 H2   sing N N 385 
UO1 C01 H3   sing N N 386 
UO1 C05 H4   sing N N 387 
UO1 C09 H5   sing N N 388 
UO1 C09 H6   sing N N 389 
UO1 C09 H7   sing N N 390 
UO1 C13 H8   sing N N 391 
UO1 C13 H9   sing N N 392 
UO1 C13 H10  sing N N 393 
UO1 C14 H11  sing N N 394 
UO1 C15 H12  sing N N 395 
UO1 C17 H13  sing N N 396 
UO1 O18 H14  sing N N 397 
UO1 C21 H15  sing N N 398 
UO1 C22 H16  sing N N 399 
UO1 C23 H17  sing N N 400 
UO1 C24 H18  sing N N 401 
VAL N   CA   sing N N 402 
VAL N   H    sing N N 403 
VAL N   H2   sing N N 404 
VAL CA  C    sing N N 405 
VAL CA  CB   sing N N 406 
VAL CA  HA   sing N N 407 
VAL C   O    doub N N 408 
VAL C   OXT  sing N N 409 
VAL CB  CG1  sing N N 410 
VAL CB  CG2  sing N N 411 
VAL CB  HB   sing N N 412 
VAL CG1 HG11 sing N N 413 
VAL CG1 HG12 sing N N 414 
VAL CG1 HG13 sing N N 415 
VAL CG2 HG21 sing N N 416 
VAL CG2 HG22 sing N N 417 
VAL CG2 HG23 sing N N 418 
VAL OXT HXT  sing N N 419 
# 
_pdbx_audit_support.funding_organization   'Swiss National Science Foundation' 
_pdbx_audit_support.country                Switzerland 
_pdbx_audit_support.grant_number           31003A_169007 
_pdbx_audit_support.ordinal                1 
# 
_pdbx_initial_refinement_model.id               1 
_pdbx_initial_refinement_model.entity_id_list   ? 
_pdbx_initial_refinement_model.type             'experimental model' 
_pdbx_initial_refinement_model.source_name      PDB 
_pdbx_initial_refinement_model.accession_code   5MGJ 
_pdbx_initial_refinement_model.details          ? 
# 
_atom_sites.entry_id                    6FGL 
_atom_sites.fract_transf_matrix[1][1]   -0.00661226 
_atom_sites.fract_transf_matrix[1][2]   -0.00568536 
_atom_sites.fract_transf_matrix[1][3]   0.00843368 
_atom_sites.fract_transf_matrix[2][1]   -0.00546720 
_atom_sites.fract_transf_matrix[2][2]   0.00638743 
_atom_sites.fract_transf_matrix[2][3]   0.00874481 
_atom_sites.fract_transf_matrix[3][1]   -0.02453528 
_atom_sites.fract_transf_matrix[3][2]   0.00277462 
_atom_sites.fract_transf_matrix[3][3]   -0.01736596 
_atom_sites.fract_transf_vector[1]      -0.145210 
_atom_sites.fract_transf_vector[2]      0.367892 
_atom_sites.fract_transf_vector[3]      -0.496211 
# 
loop_
_atom_type.symbol 
C  
MG 
N  
O  
S  
# 
loop_
_atom_site.group_PDB 
_atom_site.id 
_atom_site.type_symbol 
_atom_site.label_atom_id 
_atom_site.label_alt_id 
_atom_site.label_comp_id 
_atom_site.label_asym_id 
_atom_site.label_entity_id 
_atom_site.label_seq_id 
_atom_site.pdbx_PDB_ins_code 
_atom_site.Cartn_x 
_atom_site.Cartn_y 
_atom_site.Cartn_z 
_atom_site.occupancy 
_atom_site.B_iso_or_equiv 
_atom_site.pdbx_formal_charge 
_atom_site.auth_seq_id 
_atom_site.auth_comp_id 
_atom_site.auth_asym_id 
_atom_site.auth_atom_id 
_atom_site.pdbx_PDB_model_num 
ATOM   1   N  N   . HIS A 1 3   ? 3.897   -13.499 -16.914 1.00 76.16 ? 1796 HIS A N   1 
ATOM   2   C  CA  . HIS A 1 3   ? 3.901   -12.116 -17.385 1.00 74.32 ? 1796 HIS A CA  1 
ATOM   3   C  C   . HIS A 1 3   ? 2.585   -11.417 -17.050 1.00 69.37 ? 1796 HIS A C   1 
ATOM   4   O  O   . HIS A 1 3   ? 2.589   -10.364 -16.407 1.00 65.69 ? 1796 HIS A O   1 
ATOM   5   C  CB  . HIS A 1 3   ? 4.161   -12.058 -18.899 1.00 75.73 ? 1796 HIS A CB  1 
ATOM   6   C  CG  . HIS A 1 3   ? 4.264   -10.664 -19.450 1.00 77.89 ? 1796 HIS A CG  1 
ATOM   7   N  ND1 . HIS A 1 3   ? 5.255   -9.783  -19.068 1.00 73.50 ? 1796 HIS A ND1 1 
ATOM   8   C  CD2 . HIS A 1 3   ? 3.510   -10.006 -20.363 1.00 73.11 ? 1796 HIS A CD2 1 
ATOM   9   C  CE1 . HIS A 1 3   ? 5.101   -8.640  -19.714 1.00 67.60 ? 1796 HIS A CE1 1 
ATOM   10  N  NE2 . HIS A 1 3   ? 4.050   -8.750  -20.509 1.00 68.61 ? 1796 HIS A NE2 1 
ATOM   11  N  N   . SER A 1 4   ? 1.467   -12.014 -17.487 1.00 71.80 ? 1797 SER A N   1 
ATOM   12  C  CA  . SER A 1 4   ? 0.150   -11.418 -17.261 1.00 68.52 ? 1797 SER A CA  1 
ATOM   13  C  C   . SER A 1 4   ? -0.117  -11.154 -15.787 1.00 67.74 ? 1797 SER A C   1 
ATOM   14  O  O   . SER A 1 4   ? -0.861  -10.227 -15.441 1.00 58.63 ? 1797 SER A O   1 
ATOM   15  C  CB  . SER A 1 4   ? -0.949  -12.320 -17.826 1.00 69.92 ? 1797 SER A CB  1 
ATOM   16  O  OG  . SER A 1 4   ? -2.079  -11.548 -18.206 1.00 74.06 ? 1797 SER A OG  1 
ATOM   17  N  N   . ASP A 1 5   ? 0.462   -11.968 -14.904 1.00 69.62 ? 1798 ASP A N   1 
ATOM   18  C  CA  . ASP A 1 5   ? 0.344   -11.696 -13.478 1.00 63.55 ? 1798 ASP A CA  1 
ATOM   19  C  C   . ASP A 1 5   ? 0.950   -10.338 -13.139 1.00 60.84 ? 1798 ASP A C   1 
ATOM   20  O  O   . ASP A 1 5   ? 0.310   -9.505  -12.481 1.00 60.20 ? 1798 ASP A O   1 
ATOM   21  C  CB  . ASP A 1 5   ? 1.009   -12.814 -12.671 1.00 61.87 ? 1798 ASP A CB  1 
ATOM   22  C  CG  . ASP A 1 5   ? 0.012   -13.864 -12.196 1.00 63.21 ? 1798 ASP A CG  1 
ATOM   23  O  OD1 . ASP A 1 5   ? -1.135  -13.869 -12.697 1.00 63.90 ? 1798 ASP A OD1 1 
ATOM   24  O  OD2 . ASP A 1 5   ? 0.376   -14.679 -11.321 1.00 61.39 ? 1798 ASP A OD2 1 
ATOM   25  N  N   . LEU A 1 6   ? 2.171   -10.076 -13.614 1.00 56.00 ? 1799 LEU A N   1 
ATOM   26  C  CA  . LEU A 1 6   ? 2.840   -8.839  -13.239 1.00 50.17 ? 1799 LEU A CA  1 
ATOM   27  C  C   . LEU A 1 6   ? 2.315   -7.621  -13.993 1.00 47.62 ? 1799 LEU A C   1 
ATOM   28  O  O   . LEU A 1 6   ? 2.453   -6.500  -13.492 1.00 43.50 ? 1799 LEU A O   1 
ATOM   29  C  CB  . LEU A 1 6   ? 4.348   -8.976  -13.438 1.00 51.16 ? 1799 LEU A CB  1 
ATOM   30  C  CG  . LEU A 1 6   ? 5.009   -9.977  -12.482 1.00 53.34 ? 1799 LEU A CG  1 
ATOM   31  C  CD1 . LEU A 1 6   ? 6.523   -9.828  -12.482 1.00 53.25 ? 1799 LEU A CD1 1 
ATOM   32  C  CD2 . LEU A 1 6   ? 4.458   -9.854  -11.064 1.00 48.85 ? 1799 LEU A CD2 1 
ATOM   33  N  N   . THR A 1 7   ? 1.707   -7.797  -15.166 1.00 47.89 ? 1800 THR A N   1 
ATOM   34  C  CA  . THR A 1 7   ? 1.139   -6.634  -15.843 1.00 50.14 ? 1800 THR A CA  1 
ATOM   35  C  C   . THR A 1 7   ? -0.047  -6.065  -15.063 1.00 44.14 ? 1800 THR A C   1 
ATOM   36  O  O   . THR A 1 7   ? -0.182  -4.843  -14.942 1.00 41.43 ? 1800 THR A O   1 
ATOM   37  C  CB  . THR A 1 7   ? 0.752   -6.971  -17.290 1.00 52.04 ? 1800 THR A CB  1 
ATOM   38  O  OG1 . THR A 1 7   ? 0.382   -5.762  -17.971 1.00 49.11 ? 1800 THR A OG1 1 
ATOM   39  C  CG2 . THR A 1 7   ? -0.411  -7.942  -17.361 1.00 54.66 ? 1800 THR A CG2 1 
ATOM   40  N  N   . PHE A 1 8   ? -0.888  -6.924  -14.481 1.00 46.23 ? 1801 PHE A N   1 
ATOM   41  C  CA  . PHE A 1 8   ? -1.983  -6.397  -13.678 1.00 45.43 ? 1801 PHE A CA  1 
ATOM   42  C  C   . PHE A 1 8   ? -1.466  -5.677  -12.440 1.00 36.07 ? 1801 PHE A C   1 
ATOM   43  O  O   . PHE A 1 8   ? -2.044  -4.666  -12.021 1.00 33.41 ? 1801 PHE A O   1 
ATOM   44  C  CB  . PHE A 1 8   ? -2.952  -7.500  -13.274 1.00 46.23 ? 1801 PHE A CB  1 
ATOM   45  C  CG  . PHE A 1 8   ? -4.173  -6.975  -12.591 1.00 50.12 ? 1801 PHE A CG  1 
ATOM   46  C  CD1 . PHE A 1 8   ? -5.219  -6.438  -13.338 1.00 51.22 ? 1801 PHE A CD1 1 
ATOM   47  C  CD2 . PHE A 1 8   ? -4.260  -6.965  -11.203 1.00 45.67 ? 1801 PHE A CD2 1 
ATOM   48  C  CE1 . PHE A 1 8   ? -6.354  -5.933  -12.721 1.00 49.90 ? 1801 PHE A CE1 1 
ATOM   49  C  CE2 . PHE A 1 8   ? -5.386  -6.459  -10.574 1.00 47.24 ? 1801 PHE A CE2 1 
ATOM   50  C  CZ  . PHE A 1 8   ? -6.437  -5.939  -11.335 1.00 49.14 ? 1801 PHE A CZ  1 
ATOM   51  N  N   . CYS A 1 9   ? -0.393  -6.192  -11.830 1.00 35.89 ? 1802 CYS A N   1 
ATOM   52  C  CA  . CYS A 1 9   ? 0.210   -5.506  -10.690 1.00 35.83 ? 1802 CYS A CA  1 
ATOM   53  C  C   . CYS A 1 9   ? 0.588   -4.077  -11.052 1.00 32.54 ? 1802 CYS A C   1 
ATOM   54  O  O   . CYS A 1 9   ? 0.373   -3.147  -10.266 1.00 32.68 ? 1802 CYS A O   1 
ATOM   55  C  CB  . CYS A 1 9   ? 1.439   -6.273  -10.196 1.00 33.32 ? 1802 CYS A CB  1 
ATOM   56  S  SG  . CYS A 1 9   ? 1.078   -7.903  -9.474  1.00 44.12 ? 1802 CYS A SG  1 
ATOM   57  N  N   . GLU A 1 10  ? 1.144   -3.881  -12.245 1.00 32.64 ? 1803 GLU A N   1 
ATOM   58  C  CA  . GLU A 1 10  ? 1.461   -2.530  -12.688 1.00 31.76 ? 1803 GLU A CA  1 
ATOM   59  C  C   . GLU A 1 10  ? 0.195   -1.689  -12.839 1.00 27.26 ? 1803 GLU A C   1 
ATOM   60  O  O   . GLU A 1 10  ? 0.160   -0.529  -12.416 1.00 27.32 ? 1803 GLU A O   1 
ATOM   61  C  CB  . GLU A 1 10  ? 2.239   -2.597  -14.001 1.00 33.46 ? 1803 GLU A CB  1 
ATOM   62  C  CG  . GLU A 1 10  ? 2.434   -1.257  -14.654 1.00 34.37 ? 1803 GLU A CG  1 
ATOM   63  C  CD  . GLU A 1 10  ? 3.224   -0.301  -13.793 1.00 35.99 ? 1803 GLU A CD  1 
ATOM   64  O  OE1 . GLU A 1 10  ? 4.290   -0.711  -13.263 1.00 32.29 ? 1803 GLU A OE1 1 
ATOM   65  O  OE2 . GLU A 1 10  ? 2.777   0.863   -13.651 1.00 35.25 ? 1803 GLU A OE2 1 
ATOM   66  N  N   . ILE A 1 11  ? -0.854  -2.261  -13.435 1.00 30.81 ? 1804 ILE A N   1 
ATOM   67  C  CA  . ILE A 1 11  ? -2.107  -1.526  -13.621 1.00 27.48 ? 1804 ILE A CA  1 
ATOM   68  C  C   . ILE A 1 11  ? -2.663  -1.074  -12.275 1.00 26.99 ? 1804 ILE A C   1 
ATOM   69  O  O   . ILE A 1 11  ? -3.006  0.100   -12.083 1.00 28.73 ? 1804 ILE A O   1 
ATOM   70  C  CB  . ILE A 1 11  ? -3.126  -2.388  -14.390 1.00 29.51 ? 1804 ILE A CB  1 
ATOM   71  C  CG1 . ILE A 1 11  ? -2.607  -2.714  -15.791 1.00 33.93 ? 1804 ILE A CG1 1 
ATOM   72  C  CG2 . ILE A 1 11  ? -4.476  -1.679  -14.480 1.00 29.33 ? 1804 ILE A CG2 1 
ATOM   73  C  CD1 . ILE A 1 11  ? -3.591  -3.479  -16.656 1.00 32.33 ? 1804 ILE A CD1 1 
ATOM   74  N  N   . ILE A 1 12  ? -2.729  -1.990  -11.312 1.00 28.62 ? 1805 ILE A N   1 
ATOM   75  C  CA  . ILE A 1 12  ? -3.379  -1.661  -10.049 1.00 27.62 ? 1805 ILE A CA  1 
ATOM   76  C  C   . ILE A 1 12  ? -2.501  -0.735  -9.206  1.00 26.61 ? 1805 ILE A C   1 
ATOM   77  O  O   . ILE A 1 12  ? -3.007  0.169   -8.527  1.00 23.05 ? 1805 ILE A O   1 
ATOM   78  C  CB  . ILE A 1 12  ? -3.772  -2.956  -9.310  1.00 30.89 ? 1805 ILE A CB  1 
ATOM   79  C  CG1 . ILE A 1 12  ? -4.677  -2.648  -8.117  1.00 36.09 ? 1805 ILE A CG1 1 
ATOM   80  C  CG2 . ILE A 1 12  ? -2.559  -3.750  -8.876  1.00 29.94 ? 1805 ILE A CG2 1 
ATOM   81  C  CD1 . ILE A 1 12  ? -5.342  -3.890  -7.567  1.00 38.91 ? 1805 ILE A CD1 1 
ATOM   82  N  N   . LEU A 1 13  ? -1.176  -0.921  -9.238  1.00 22.20 ? 1806 LEU A N   1 
ATOM   83  C  CA  . LEU A 1 13  ? -0.314  -0.006  -8.499  1.00 25.14 ? 1806 LEU A CA  1 
ATOM   84  C  C   . LEU A 1 13  ? -0.412  1.404   -9.067  1.00 22.14 ? 1806 LEU A C   1 
ATOM   85  O  O   . LEU A 1 13  ? -0.499  2.383   -8.314  1.00 20.02 ? 1806 LEU A O   1 
ATOM   86  C  CB  . LEU A 1 13  ? 1.137   -0.494  -8.522  1.00 23.83 ? 1806 LEU A CB  1 
ATOM   87  C  CG  . LEU A 1 13  ? 2.156   0.342   -7.741  1.00 23.94 ? 1806 LEU A CG  1 
ATOM   88  C  CD1 . LEU A 1 13  ? 1.727   0.595   -6.281  1.00 20.83 ? 1806 LEU A CD1 1 
ATOM   89  C  CD2 . LEU A 1 13  ? 3.522   -0.335  -7.778  1.00 23.46 ? 1806 LEU A CD2 1 
ATOM   90  N  N   . MET A 1 14  ? -0.406  1.520   -10.403 1.00 26.19 ? 1807 MET A N   1 
ATOM   91  C  CA  . MET A 1 14  ? -0.595  2.815   -11.051 1.00 23.61 ? 1807 MET A CA  1 
ATOM   92  C  C   . MET A 1 14  ? -1.930  3.438   -10.652 1.00 22.68 ? 1807 MET A C   1 
ATOM   93  O  O   . MET A 1 14  ? -2.003  4.636   -10.329 1.00 24.41 ? 1807 MET A O   1 
ATOM   94  C  CB  . MET A 1 14  ? -0.489  2.646   -12.574 1.00 27.02 ? 1807 MET A CB  1 
ATOM   95  C  CG  . MET A 1 14  ? -1.148  3.738   -13.418 1.00 36.03 ? 1807 MET A CG  1 
ATOM   96  S  SD  . MET A 1 14  ? -1.352  3.314   -15.189 1.00 52.64 ? 1807 MET A SD  1 
ATOM   97  C  CE  . MET A 1 14  ? -2.346  1.828   -15.128 1.00 32.89 ? 1807 MET A CE  1 
ATOM   98  N  N   . GLU A 1 15  ? -2.991  2.631   -10.616 1.00 20.98 ? 1808 GLU A N   1 
ATOM   99  C  CA  . GLU A 1 15  ? -4.290  3.158   -10.210 1.00 24.72 ? 1808 GLU A CA  1 
ATOM   100 C  C   . GLU A 1 15  ? -4.290  3.558   -8.740  1.00 20.80 ? 1808 GLU A C   1 
ATOM   101 O  O   . GLU A 1 15  ? -4.898  4.566   -8.367  1.00 23.61 ? 1808 GLU A O   1 
ATOM   102 C  CB  . GLU A 1 15  ? -5.378  2.133   -10.514 1.00 28.63 ? 1808 GLU A CB  1 
ATOM   103 C  CG  . GLU A 1 15  ? -5.658  2.001   -12.018 1.00 28.90 ? 1808 GLU A CG  1 
ATOM   104 C  CD  . GLU A 1 15  ? -6.724  0.960   -12.341 1.00 42.34 ? 1808 GLU A CD  1 
ATOM   105 O  OE1 . GLU A 1 15  ? -6.946  0.051   -11.512 1.00 42.16 ? 1808 GLU A OE1 1 
ATOM   106 O  OE2 . GLU A 1 15  ? -7.320  1.026   -13.438 1.00 47.59 ? 1808 GLU A OE2 1 
ATOM   107 N  N   . MET A 1 16  ? -3.575  2.819   -7.894  1.00 21.92 ? 1809 MET A N   1 
ATOM   108 C  CA  . MET A 1 16  ? -3.494  3.221   -6.493  1.00 21.69 ? 1809 MET A CA  1 
ATOM   109 C  C   . MET A 1 16  ? -2.660  4.483   -6.333  1.00 21.45 ? 1809 MET A C   1 
ATOM   110 O  O   . MET A 1 16  ? -3.036  5.391   -5.579  1.00 20.53 ? 1809 MET A O   1 
ATOM   111 C  CB  . MET A 1 16  ? -2.924  2.080   -5.648  1.00 19.56 ? 1809 MET A CB  1 
ATOM   112 C  CG  . MET A 1 16  ? -3.926  0.969   -5.442  1.00 25.27 ? 1809 MET A CG  1 
ATOM   113 S  SD  . MET A 1 16  ? -3.427  -0.190  -4.171  1.00 28.33 ? 1809 MET A SD  1 
ATOM   114 C  CE  . MET A 1 16  ? -2.087  -1.062  -5.017  1.00 24.07 ? 1809 MET A CE  1 
ATOM   115 N  N   . GLU A 1 17  ? -1.542  4.571   -7.061  1.00 20.31 ? 1810 GLU A N   1 
ATOM   116 C  CA  . GLU A 1 17  ? -0.681  5.752   -6.991  1.00 24.01 ? 1810 GLU A CA  1 
ATOM   117 C  C   . GLU A 1 17  ? -1.426  7.029   -7.376  1.00 23.40 ? 1810 GLU A C   1 
ATOM   118 O  O   . GLU A 1 17  ? -1.177  8.100   -6.809  1.00 23.82 ? 1810 GLU A O   1 
ATOM   119 C  CB  . GLU A 1 17  ? 0.540   5.556   -7.899  1.00 24.04 ? 1810 GLU A CB  1 
ATOM   120 C  CG  . GLU A 1 17  ? 1.545   4.513   -7.401  1.00 26.70 ? 1810 GLU A CG  1 
ATOM   121 C  CD  . GLU A 1 17  ? 2.672   4.253   -8.397  1.00 29.29 ? 1810 GLU A CD  1 
ATOM   122 O  OE1 . GLU A 1 17  ? 2.388   4.174   -9.615  1.00 29.80 ? 1810 GLU A OE1 1 
ATOM   123 O  OE2 . GLU A 1 17  ? 3.842   4.143   -7.959  1.00 29.89 ? 1810 GLU A OE2 1 
ATOM   124 N  N   . SER A 1 18  ? -2.334  6.947   -8.344  1.00 25.48 ? 1811 SER A N   1 
ATOM   125 C  CA  . SER A 1 18  ? -3.051  8.131   -8.793  1.00 23.83 ? 1811 SER A CA  1 
ATOM   126 C  C   . SER A 1 18  ? -4.413  8.285   -8.128  1.00 28.93 ? 1811 SER A C   1 
ATOM   127 O  O   . SER A 1 18  ? -5.166  9.195   -8.491  1.00 26.70 ? 1811 SER A O   1 
ATOM   128 C  CB  . SER A 1 18  ? -3.206  8.102   -10.304 1.00 27.33 ? 1811 SER A CB  1 
ATOM   129 O  OG  . SER A 1 18  ? -3.810  6.898   -10.701 1.00 33.56 ? 1811 SER A OG  1 
ATOM   130 N  N   . HIS A 1 19  ? -4.727  7.459   -7.134  1.00 24.38 ? 1812 HIS A N   1 
ATOM   131 C  CA  . HIS A 1 19  ? -6.016  7.553   -6.468  1.00 22.77 ? 1812 HIS A CA  1 
ATOM   132 C  C   . HIS A 1 19  ? -6.071  8.802   -5.598  1.00 20.29 ? 1812 HIS A C   1 
ATOM   133 O  O   . HIS A 1 19  ? -5.069  9.197   -5.002  1.00 23.57 ? 1812 HIS A O   1 
ATOM   134 C  CB  . HIS A 1 19  ? -6.246  6.303   -5.619  1.00 24.73 ? 1812 HIS A CB  1 
ATOM   135 C  CG  . HIS A 1 19  ? -7.677  6.060   -5.257  1.00 21.16 ? 1812 HIS A CG  1 
ATOM   136 N  ND1 . HIS A 1 19  ? -8.381  6.883   -4.403  1.00 20.79 ? 1812 HIS A ND1 1 
ATOM   137 C  CD2 . HIS A 1 19  ? -8.520  5.052   -5.589  1.00 21.45 ? 1812 HIS A CD2 1 
ATOM   138 C  CE1 . HIS A 1 19  ? -9.601  6.405   -4.242  1.00 22.92 ? 1812 HIS A CE1 1 
ATOM   139 N  NE2 . HIS A 1 19  ? -9.711  5.293   -4.948  1.00 22.59 ? 1812 HIS A NE2 1 
ATOM   140 N  N   . ASP A 1 20  ? -7.256  9.423   -5.521  1.00 18.05 ? 1813 ASP A N   1 
ATOM   141 C  CA  . ASP A 1 20  ? -7.461  10.581  -4.647  1.00 20.17 ? 1813 ASP A CA  1 
ATOM   142 C  C   . ASP A 1 20  ? -7.072  10.308  -3.192  1.00 23.27 ? 1813 ASP A C   1 
ATOM   143 O  O   . ASP A 1 20  ? -6.626  11.215  -2.481  1.00 20.19 ? 1813 ASP A O   1 
ATOM   144 C  CB  . ASP A 1 20  ? -8.929  11.020  -4.690  1.00 23.79 ? 1813 ASP A CB  1 
ATOM   145 C  CG  . ASP A 1 20  ? -9.299  11.742  -5.984  1.00 27.29 ? 1813 ASP A CG  1 
ATOM   146 O  OD1 . ASP A 1 20  ? -8.423  11.905  -6.881  1.00 23.18 ? 1813 ASP A OD1 1 
ATOM   147 O  OD2 . ASP A 1 20  ? -10.480 12.152  -6.083  1.00 27.20 ? 1813 ASP A OD2 1 
ATOM   148 N  N   . ALA A 1 21  ? -7.287  9.087   -2.708  1.00 22.85 ? 1814 ALA A N   1 
ATOM   149 C  CA  . ALA A 1 21  ? -7.066  8.782   -1.298  1.00 21.89 ? 1814 ALA A CA  1 
ATOM   150 C  C   . ALA A 1 21  ? -5.671  8.221   -1.028  1.00 21.30 ? 1814 ALA A C   1 
ATOM   151 O  O   . ALA A 1 21  ? -5.411  7.740   0.084   1.00 18.45 ? 1814 ALA A O   1 
ATOM   152 C  CB  . ALA A 1 21  ? -8.138  7.800   -0.803  1.00 20.80 ? 1814 ALA A CB  1 
ATOM   153 N  N   . ALA A 1 22  ? -4.764  8.294   -2.008  1.00 20.25 ? 1815 ALA A N   1 
ATOM   154 C  CA  . ALA A 1 22  ? -3.461  7.656   -1.890  1.00 22.88 ? 1815 ALA A CA  1 
ATOM   155 C  C   . ALA A 1 22  ? -2.441  8.487   -1.121  1.00 20.21 ? 1815 ALA A C   1 
ATOM   156 O  O   . ALA A 1 22  ? -1.382  7.955   -0.767  1.00 20.66 ? 1815 ALA A O   1 
ATOM   157 C  CB  . ALA A 1 22  ? -2.910  7.336   -3.276  1.00 20.16 ? 1815 ALA A CB  1 
ATOM   158 N  N   . TRP A 1 23  ? -2.753  9.742   -0.806  1.00 19.55 ? 1816 TRP A N   1 
ATOM   159 C  CA  . TRP A 1 23  ? -1.747  10.643  -0.253  1.00 20.04 ? 1816 TRP A CA  1 
ATOM   160 C  C   . TRP A 1 23  ? -1.049  10.172  1.030   1.00 26.18 ? 1816 TRP A C   1 
ATOM   161 O  O   . TRP A 1 23  ? 0.084   10.629  1.256   1.00 23.57 ? 1816 TRP A O   1 
ATOM   162 C  CB  . TRP A 1 23  ? -2.376  12.024  -0.026  1.00 17.09 ? 1816 TRP A CB  1 
ATOM   163 C  CG  . TRP A 1 23  ? -3.607  11.979  0.815   1.00 23.48 ? 1816 TRP A CG  1 
ATOM   164 C  CD1 . TRP A 1 23  ? -4.887  11.778  0.387   1.00 27.84 ? 1816 TRP A CD1 1 
ATOM   165 C  CD2 . TRP A 1 23  ? -3.677  12.132  2.233   1.00 23.32 ? 1816 TRP A CD2 1 
ATOM   166 N  NE1 . TRP A 1 23  ? -5.754  11.798  1.459   1.00 24.96 ? 1816 TRP A NE1 1 
ATOM   167 C  CE2 . TRP A 1 23  ? -5.030  12.008  2.602   1.00 27.39 ? 1816 TRP A CE2 1 
ATOM   168 C  CE3 . TRP A 1 23  ? -2.723  12.346  3.227   1.00 25.37 ? 1816 TRP A CE3 1 
ATOM   169 C  CZ2 . TRP A 1 23  ? -5.453  12.103  3.922   1.00 32.27 ? 1816 TRP A CZ2 1 
ATOM   170 C  CZ3 . TRP A 1 23  ? -3.141  12.438  4.526   1.00 26.29 ? 1816 TRP A CZ3 1 
ATOM   171 C  CH2 . TRP A 1 23  ? -4.495  12.314  4.868   1.00 28.96 ? 1816 TRP A CH2 1 
ATOM   172 N  N   . PRO A 1 24  ? -1.619  9.323   1.904   1.00 22.29 ? 1817 PRO A N   1 
ATOM   173 C  CA  . PRO A 1 24  ? -0.820  8.852   3.054   1.00 18.32 ? 1817 PRO A CA  1 
ATOM   174 C  C   . PRO A 1 24  ? 0.191   7.777   2.706   1.00 18.91 ? 1817 PRO A C   1 
ATOM   175 O  O   . PRO A 1 24  ? 1.071   7.478   3.534   1.00 21.54 ? 1817 PRO A O   1 
ATOM   176 C  CB  . PRO A 1 24  ? -1.877  8.300   4.033   1.00 23.47 ? 1817 PRO A CB  1 
ATOM   177 C  CG  . PRO A 1 24  ? -3.213  8.796   3.531   1.00 18.92 ? 1817 PRO A CG  1 
ATOM   178 C  CD  . PRO A 1 24  ? -3.026  8.895   2.035   1.00 19.36 ? 1817 PRO A CD  1 
ATOM   179 N  N   . PHE A 1 25  ? 0.120   7.208   1.509   1.00 16.75 ? 1818 PHE A N   1 
ATOM   180 C  CA  . PHE A 1 25  ? 0.808   5.959   1.205   1.00 20.25 ? 1818 PHE A CA  1 
ATOM   181 C  C   . PHE A 1 25  ? 1.807   6.100   0.075   1.00 20.99 ? 1818 PHE A C   1 
ATOM   182 O  O   . PHE A 1 25  ? 2.396   5.097   -0.339  1.00 21.64 ? 1818 PHE A O   1 
ATOM   183 C  CB  . PHE A 1 25  ? -0.223  4.860   0.869   1.00 17.71 ? 1818 PHE A CB  1 
ATOM   184 C  CG  . PHE A 1 25  ? -1.391  4.847   1.816   1.00 17.57 ? 1818 PHE A CG  1 
ATOM   185 C  CD1 . PHE A 1 25  ? -1.207  4.504   3.148   1.00 18.83 ? 1818 PHE A CD1 1 
ATOM   186 C  CD2 . PHE A 1 25  ? -2.655  5.246   1.403   1.00 18.19 ? 1818 PHE A CD2 1 
ATOM   187 C  CE1 . PHE A 1 25  ? -2.255  4.532   4.056   1.00 18.77 ? 1818 PHE A CE1 1 
ATOM   188 C  CE2 . PHE A 1 25  ? -3.741  5.265   2.310   1.00 16.49 ? 1818 PHE A CE2 1 
ATOM   189 C  CZ  . PHE A 1 25  ? -3.536  4.922   3.632   1.00 18.82 ? 1818 PHE A CZ  1 
ATOM   190 N  N   . LEU A 1 26  ? 2.020   7.313   -0.433  1.00 24.32 ? 1819 LEU A N   1 
ATOM   191 C  CA  . LEU A 1 26  ? 2.908   7.494   -1.575  1.00 24.72 ? 1819 LEU A CA  1 
ATOM   192 C  C   . LEU A 1 26  ? 4.366   7.466   -1.158  1.00 28.17 ? 1819 LEU A C   1 
ATOM   193 O  O   . LEU A 1 26  ? 5.225   7.122   -1.974  1.00 31.36 ? 1819 LEU A O   1 
ATOM   194 C  CB  . LEU A 1 26  ? 2.603   8.818   -2.276  1.00 24.34 ? 1819 LEU A CB  1 
ATOM   195 C  CG  . LEU A 1 26  ? 1.184   8.960   -2.814  1.00 26.11 ? 1819 LEU A CG  1 
ATOM   196 C  CD1 . LEU A 1 26  ? 0.895   10.416  -3.193  1.00 24.85 ? 1819 LEU A CD1 1 
ATOM   197 C  CD2 . LEU A 1 26  ? 0.996   8.022   -4.003  1.00 21.67 ? 1819 LEU A CD2 1 
ATOM   198 N  N   . GLU A 1 27  ? 4.651   7.827   0.098   1.00 27.28 ? 1820 GLU A N   1 
ATOM   199 C  CA  A GLU A 1 27  ? 6.008   7.858   0.605   0.48 28.21 ? 1820 GLU A CA  1 
ATOM   200 C  CA  B GLU A 1 27  ? 5.981   8.000   0.693   0.52 28.24 ? 1820 GLU A CA  1 
ATOM   201 C  C   . GLU A 1 27  ? 6.099   7.136   1.940   1.00 28.93 ? 1820 GLU A C   1 
ATOM   202 O  O   . GLU A 1 27  ? 5.117   7.048   2.693   1.00 25.21 ? 1820 GLU A O   1 
ATOM   203 C  CB  A GLU A 1 27  ? 6.500   9.306   0.756   0.48 30.13 ? 1820 GLU A CB  1 
ATOM   204 C  CB  B GLU A 1 27  ? 6.215   9.458   1.133   0.52 29.90 ? 1820 GLU A CB  1 
ATOM   205 C  CG  A GLU A 1 27  ? 6.748   10.006  -0.577  0.48 32.87 ? 1820 GLU A CG  1 
ATOM   206 C  CG  B GLU A 1 27  ? 6.755   10.445  0.124   0.52 33.09 ? 1820 GLU A CG  1 
ATOM   207 C  CD  A GLU A 1 27  ? 7.760   9.274   -1.437  0.48 31.34 ? 1820 GLU A CD  1 
ATOM   208 C  CD  B GLU A 1 27  ? 7.327   11.671  0.820   0.52 31.47 ? 1820 GLU A CD  1 
ATOM   209 O  OE1 A GLU A 1 27  ? 8.768   8.795   -0.878  0.48 31.25 ? 1820 GLU A OE1 1 
ATOM   210 O  OE1 B GLU A 1 27  ? 6.668   12.185  1.748   0.52 31.83 ? 1820 GLU A OE1 1 
ATOM   211 O  OE2 A GLU A 1 27  ? 7.550   9.179   -2.666  0.48 32.16 ? 1820 GLU A OE2 1 
ATOM   212 O  OE2 B GLU A 1 27  ? 8.432   12.115  0.444   0.52 35.10 ? 1820 GLU A OE2 1 
ATOM   213 N  N   . PRO A 1 28  ? 7.276   6.567   2.240   1.00 26.17 ? 1821 PRO A N   1 
ATOM   214 C  CA  . PRO A 1 28  ? 7.464   5.928   3.548   1.00 19.66 ? 1821 PRO A CA  1 
ATOM   215 C  C   . PRO A 1 28  ? 7.210   6.902   4.684   1.00 24.09 ? 1821 PRO A C   1 
ATOM   216 O  O   . PRO A 1 28  ? 7.604   8.067   4.636   1.00 26.75 ? 1821 PRO A O   1 
ATOM   217 C  CB  . PRO A 1 28  ? 8.944   5.525   3.547   1.00 22.28 ? 1821 PRO A CB  1 
ATOM   218 C  CG  . PRO A 1 28  ? 9.272   5.336   2.113   1.00 31.02 ? 1821 PRO A CG  1 
ATOM   219 C  CD  . PRO A 1 28  ? 8.441   6.371   1.361   1.00 25.57 ? 1821 PRO A CD  1 
ATOM   220 N  N   . VAL A 1 29  ? 6.504   6.430   5.703   1.00 19.66 ? 1822 VAL A N   1 
ATOM   221 C  CA  . VAL A 1 29  ? 6.350   7.239   6.900   1.00 22.83 ? 1822 VAL A CA  1 
ATOM   222 C  C   . VAL A 1 29  ? 7.711   7.656   7.450   1.00 25.96 ? 1822 VAL A C   1 
ATOM   223 O  O   . VAL A 1 29  ? 8.653   6.856   7.507   1.00 24.84 ? 1822 VAL A O   1 
ATOM   224 C  CB  . VAL A 1 29  ? 5.521   6.472   7.943   1.00 22.53 ? 1822 VAL A CB  1 
ATOM   225 C  CG1 . VAL A 1 29  ? 5.381   7.278   9.209   1.00 21.52 ? 1822 VAL A CG1 1 
ATOM   226 C  CG2 . VAL A 1 29  ? 4.145   6.095   7.346   1.00 22.04 ? 1822 VAL A CG2 1 
ATOM   227 N  N   . ASN A 1 30  ? 7.831   8.922   7.840   1.00 29.28 ? 1823 ASN A N   1 
ATOM   228 C  CA  . ASN A 1 30  ? 9.066   9.420   8.428   1.00 24.86 ? 1823 ASN A CA  1 
ATOM   229 C  C   . ASN A 1 30  ? 8.999   9.181   9.925   1.00 24.30 ? 1823 ASN A C   1 
ATOM   230 O  O   . ASN A 1 30  ? 8.278   9.913   10.617  1.00 23.64 ? 1823 ASN A O   1 
ATOM   231 C  CB  . ASN A 1 30  ? 9.250   10.897  8.133   1.00 29.52 ? 1823 ASN A CB  1 
ATOM   232 C  CG  . ASN A 1 30  ? 10.617  11.413  8.558   1.00 31.88 ? 1823 ASN A CG  1 
ATOM   233 O  OD1 . ASN A 1 30  ? 11.270  10.835  9.438   1.00 31.24 ? 1823 ASN A OD1 1 
ATOM   234 N  ND2 . ASN A 1 30  ? 11.062  12.501  7.929   1.00 25.40 ? 1823 ASN A ND2 1 
ATOM   235 N  N   . PRO A 1 31  ? 9.716   8.200   10.466  1.00 24.93 ? 1824 PRO A N   1 
ATOM   236 C  CA  . PRO A 1 31  ? 9.606   7.941   11.906  1.00 23.20 ? 1824 PRO A CA  1 
ATOM   237 C  C   . PRO A 1 31  ? 10.080  9.112   12.763  1.00 29.25 ? 1824 PRO A C   1 
ATOM   238 O  O   . PRO A 1 31  ? 9.618   9.246   13.902  1.00 27.91 ? 1824 PRO A O   1 
ATOM   239 C  CB  . PRO A 1 31  ? 10.474  6.688   12.107  1.00 25.49 ? 1824 PRO A CB  1 
ATOM   240 C  CG  . PRO A 1 31  ? 11.442  6.723   11.007  1.00 27.52 ? 1824 PRO A CG  1 
ATOM   241 C  CD  . PRO A 1 31  ? 10.745  7.364   9.828   1.00 22.86 ? 1824 PRO A CD  1 
ATOM   242 N  N   . ARG A 1 32  ? 10.941  9.994   12.241  1.00 23.19 ? 1825 ARG A N   1 
ATOM   243 C  CA  . ARG A 1 32  ? 11.339  11.172  13.013  1.00 25.63 ? 1825 ARG A CA  1 
ATOM   244 C  C   . ARG A 1 32  ? 10.178  12.136  13.232  1.00 30.14 ? 1825 ARG A C   1 
ATOM   245 O  O   . ARG A 1 32  ? 10.189  12.901  14.205  1.00 28.27 ? 1825 ARG A O   1 
ATOM   246 C  CB  . ARG A 1 32  ? 12.482  11.911  12.317  1.00 27.92 ? 1825 ARG A CB  1 
ATOM   247 C  CG  . ARG A 1 32  ? 13.817  11.163  12.265  1.00 27.41 ? 1825 ARG A CG  1 
ATOM   248 C  CD  . ARG A 1 32  ? 14.695  11.763  11.170  1.00 27.66 ? 1825 ARG A CD  1 
ATOM   249 N  NE  . ARG A 1 32  ? 16.073  11.283  11.197  1.00 24.63 ? 1825 ARG A NE  1 
ATOM   250 C  CZ  . ARG A 1 32  ? 17.009  11.670  10.331  1.00 29.81 ? 1825 ARG A CZ  1 
ATOM   251 N  NH1 . ARG A 1 32  ? 16.710  12.541  9.380   1.00 27.33 ? 1825 ARG A NH1 1 
ATOM   252 N  NH2 . ARG A 1 32  ? 18.243  11.193  10.408  1.00 25.38 ? 1825 ARG A NH2 1 
ATOM   253 N  N   . LEU A 1 33  ? 9.182   12.126  12.345  1.00 24.83 ? 1826 LEU A N   1 
ATOM   254 C  CA  . LEU A 1 33  ? 8.053   13.042  12.430  1.00 29.02 ? 1826 LEU A CA  1 
ATOM   255 C  C   . LEU A 1 33  ? 6.781   12.393  12.958  1.00 28.99 ? 1826 LEU A C   1 
ATOM   256 O  O   . LEU A 1 33  ? 5.840   13.108  13.303  1.00 30.98 ? 1826 LEU A O   1 
ATOM   257 C  CB  . LEU A 1 33  ? 7.756   13.651  11.061  1.00 26.06 ? 1826 LEU A CB  1 
ATOM   258 C  CG  . LEU A 1 33  ? 8.934   14.378  10.420  1.00 32.64 ? 1826 LEU A CG  1 
ATOM   259 C  CD1 . LEU A 1 33  ? 8.639   14.736  8.967   1.00 30.85 ? 1826 LEU A CD1 1 
ATOM   260 C  CD2 . LEU A 1 33  ? 9.298   15.604  11.240  1.00 30.60 ? 1826 LEU A CD2 1 
ATOM   261 N  N   . VAL A 1 34  ? 6.716   11.071  13.026  1.00 30.74 ? 1827 VAL A N   1 
ATOM   262 C  CA  . VAL A 1 34  ? 5.505   10.392  13.454  1.00 29.44 ? 1827 VAL A CA  1 
ATOM   263 C  C   . VAL A 1 34  ? 5.842   9.616   14.719  1.00 32.11 ? 1827 VAL A C   1 
ATOM   264 O  O   . VAL A 1 34  ? 6.394   8.511   14.667  1.00 27.38 ? 1827 VAL A O   1 
ATOM   265 C  CB  . VAL A 1 34  ? 4.925   9.496   12.360  1.00 28.92 ? 1827 VAL A CB  1 
ATOM   266 C  CG1 . VAL A 1 34  ? 3.615   8.916   12.822  1.00 25.51 ? 1827 VAL A CG1 1 
ATOM   267 C  CG2 . VAL A 1 34  ? 4.722   10.322  11.075  1.00 26.11 ? 1827 VAL A CG2 1 
ATOM   268 N  N   . SER A 1 35  ? 5.486   10.202  15.859  1.00 31.67 ? 1828 SER A N   1 
ATOM   269 C  CA  . SER A 1 35  ? 5.803   9.632   17.156  1.00 31.86 ? 1828 SER A CA  1 
ATOM   270 C  C   . SER A 1 35  ? 5.235   8.222   17.285  1.00 34.62 ? 1828 SER A C   1 
ATOM   271 O  O   . SER A 1 35  ? 4.068   7.973   16.962  1.00 31.38 ? 1828 SER A O   1 
ATOM   272 C  CB  . SER A 1 35  ? 5.244   10.543  18.252  1.00 38.67 ? 1828 SER A CB  1 
ATOM   273 O  OG  . SER A 1 35  ? 5.746   10.194  19.529  1.00 44.38 ? 1828 SER A OG  1 
ATOM   274 N  N   . GLY A 1 36  ? 6.073   7.291   17.752  1.00 28.98 ? 1829 GLY A N   1 
ATOM   275 C  CA  . GLY A 1 36  ? 5.643   5.934   17.991  1.00 25.41 ? 1829 GLY A CA  1 
ATOM   276 C  C   . GLY A 1 36  ? 5.673   5.012   16.792  1.00 25.97 ? 1829 GLY A C   1 
ATOM   277 O  O   . GLY A 1 36  ? 5.486   3.797   16.966  1.00 24.97 ? 1829 GLY A O   1 
ATOM   278 N  N   . TYR A 1 37  ? 5.916   5.529   15.580  1.00 27.19 ? 1830 TYR A N   1 
ATOM   279 C  CA  . TYR A 1 37  ? 5.747   4.706   14.384  1.00 24.85 ? 1830 TYR A CA  1 
ATOM   280 C  C   . TYR A 1 37  ? 6.746   3.554   14.351  1.00 26.68 ? 1830 TYR A C   1 
ATOM   281 O  O   . TYR A 1 37  ? 6.382   2.403   14.070  1.00 19.23 ? 1830 TYR A O   1 
ATOM   282 C  CB  . TYR A 1 37  ? 5.874   5.557   13.120  1.00 25.16 ? 1830 TYR A CB  1 
ATOM   283 C  CG  . TYR A 1 37  ? 5.240   4.854   11.954  1.00 25.27 ? 1830 TYR A CG  1 
ATOM   284 C  CD1 . TYR A 1 37  ? 3.860   4.870   11.798  1.00 24.77 ? 1830 TYR A CD1 1 
ATOM   285 C  CD2 . TYR A 1 37  ? 6.001   4.132   11.044  1.00 21.07 ? 1830 TYR A CD2 1 
ATOM   286 C  CE1 . TYR A 1 37  ? 3.248   4.200   10.759  1.00 27.02 ? 1830 TYR A CE1 1 
ATOM   287 C  CE2 . TYR A 1 37  ? 5.399   3.452   9.993   1.00 22.38 ? 1830 TYR A CE2 1 
ATOM   288 C  CZ  . TYR A 1 37  ? 4.015   3.497   9.858   1.00 21.18 ? 1830 TYR A CZ  1 
ATOM   289 O  OH  . TYR A 1 37  ? 3.373   2.835   8.845   1.00 22.07 ? 1830 TYR A OH  1 
ATOM   290 N  N   . ARG A 1 38  ? 8.019   3.863   14.606  1.00 24.22 ? 1831 ARG A N   1 
ATOM   291 C  CA  . ARG A 1 38  ? 9.075   2.857   14.638  1.00 25.42 ? 1831 ARG A CA  1 
ATOM   292 C  C   . ARG A 1 38  ? 8.736   1.728   15.611  1.00 21.20 ? 1831 ARG A C   1 
ATOM   293 O  O   . ARG A 1 38  ? 8.852   0.542   15.281  1.00 23.81 ? 1831 ARG A O   1 
ATOM   294 C  CB  . ARG A 1 38  ? 10.388  3.552   15.042  1.00 30.67 ? 1831 ARG A CB  1 
ATOM   295 C  CG  . ARG A 1 38  ? 11.687  2.859   14.648  1.00 38.59 ? 1831 ARG A CG  1 
ATOM   296 C  CD  . ARG A 1 38  ? 12.923  3.462   15.391  1.00 30.84 ? 1831 ARG A CD  1 
ATOM   297 N  NE  . ARG A 1 38  ? 13.302  4.796   14.916  1.00 40.19 ? 1831 ARG A NE  1 
ATOM   298 C  CZ  . ARG A 1 38  ? 13.913  5.039   13.754  1.00 42.15 ? 1831 ARG A CZ  1 
ATOM   299 N  NH1 . ARG A 1 38  ? 14.203  4.037   12.931  1.00 38.65 ? 1831 ARG A NH1 1 
ATOM   300 N  NH2 . ARG A 1 38  ? 14.224  6.284   13.403  1.00 40.68 ? 1831 ARG A NH2 1 
ATOM   301 N  N   . ARG A 1 39  ? 8.310   2.095   16.824  1.00 21.66 ? 1832 ARG A N   1 
ATOM   302 C  CA  . ARG A 1 39  ? 7.975   1.115   17.859  1.00 25.38 ? 1832 ARG A CA  1 
ATOM   303 C  C   . ARG A 1 39  ? 6.773   0.242   17.477  1.00 23.34 ? 1832 ARG A C   1 
ATOM   304 O  O   . ARG A 1 39  ? 6.774   -0.969  17.736  1.00 26.27 ? 1832 ARG A O   1 
ATOM   305 C  CB  . ARG A 1 39  ? 7.718   1.852   19.181  1.00 25.14 ? 1832 ARG A CB  1 
ATOM   306 C  CG  . ARG A 1 39  ? 7.123   0.988   20.290  1.00 27.93 ? 1832 ARG A CG  1 
ATOM   307 C  CD  . ARG A 1 39  ? 6.861   1.761   21.592  1.00 27.34 ? 1832 ARG A CD  1 
ATOM   308 N  NE  . ARG A 1 39  ? 6.110   3.007   21.408  1.00 36.50 ? 1832 ARG A NE  1 
ATOM   309 C  CZ  . ARG A 1 39  ? 4.780   3.115   21.318  1.00 35.80 ? 1832 ARG A CZ  1 
ATOM   310 N  NH1 . ARG A 1 39  ? 3.988   2.042   21.383  1.00 32.12 ? 1832 ARG A NH1 1 
ATOM   311 N  NH2 . ARG A 1 39  ? 4.235   4.315   21.157  1.00 33.19 ? 1832 ARG A NH2 1 
ATOM   312 N  N   . ILE A 1 40  ? 5.743   0.830   16.861  1.00 24.61 ? 1833 ILE A N   1 
ATOM   313 C  CA  . ILE A 1 40  ? 4.465   0.138   16.640  1.00 25.07 ? 1833 ILE A CA  1 
ATOM   314 C  C   . ILE A 1 40  ? 4.439   -0.656  15.331  1.00 25.26 ? 1833 ILE A C   1 
ATOM   315 O  O   . ILE A 1 40  ? 3.873   -1.756  15.275  1.00 25.76 ? 1833 ILE A O   1 
ATOM   316 C  CB  . ILE A 1 40  ? 3.312   1.157   16.696  1.00 25.93 ? 1833 ILE A CB  1 
ATOM   317 C  CG1 . ILE A 1 40  ? 3.084   1.619   18.127  1.00 24.72 ? 1833 ILE A CG1 1 
ATOM   318 C  CG2 . ILE A 1 40  ? 2.019   0.583   16.095  1.00 24.05 ? 1833 ILE A CG2 1 
ATOM   319 C  CD1 . ILE A 1 40  ? 2.065   2.746   18.209  1.00 25.64 ? 1833 ILE A CD1 1 
ATOM   320 N  N   . ILE A 1 41  ? 5.010   -0.126  14.249  1.00 22.91 ? 1834 ILE A N   1 
ATOM   321 C  CA  . ILE A 1 41  ? 4.953   -0.768  12.939  1.00 22.60 ? 1834 ILE A CA  1 
ATOM   322 C  C   . ILE A 1 41  ? 6.296   -1.446  12.679  1.00 24.75 ? 1834 ILE A C   1 
ATOM   323 O  O   . ILE A 1 41  ? 7.312   -0.776  12.471  1.00 23.39 ? 1834 ILE A O   1 
ATOM   324 C  CB  . ILE A 1 41  ? 4.611   0.240   11.828  1.00 23.94 ? 1834 ILE A CB  1 
ATOM   325 C  CG1 . ILE A 1 41  ? 3.200   0.810   12.033  1.00 21.52 ? 1834 ILE A CG1 1 
ATOM   326 C  CG2 . ILE A 1 41  ? 4.774   -0.396  10.458  1.00 19.46 ? 1834 ILE A CG2 1 
ATOM   327 C  CD1 . ILE A 1 41  ? 2.104   -0.259  12.117  1.00 20.12 ? 1834 ILE A CD1 1 
ATOM   328 N  N   . LYS A 1 42  ? 6.291   -2.783  12.646  1.00 25.54 ? 1835 LYS A N   1 
ATOM   329 C  CA  . LYS A 1 42  ? 7.519   -3.555  12.479  1.00 29.28 ? 1835 LYS A CA  1 
ATOM   330 C  C   . LYS A 1 42  ? 7.990   -3.595  11.029  1.00 29.44 ? 1835 LYS A C   1 
ATOM   331 O  O   . LYS A 1 42  ? 9.195   -3.626  10.769  1.00 28.34 ? 1835 LYS A O   1 
ATOM   332 C  CB  . LYS A 1 42  ? 7.315   -4.989  12.982  1.00 27.47 ? 1835 LYS A CB  1 
ATOM   333 C  CG  . LYS A 1 42  ? 6.930   -5.098  14.438  1.00 35.90 ? 1835 LYS A CG  1 
ATOM   334 C  CD  . LYS A 1 42  ? 8.015   -4.532  15.334  1.00 36.34 ? 1835 LYS A CD  1 
ATOM   335 C  CE  . LYS A 1 42  ? 7.559   -4.493  16.802  1.00 37.80 ? 1835 LYS A CE  1 
ATOM   336 N  NZ  . LYS A 1 42  ? 6.530   -3.436  17.042  1.00 32.35 ? 1835 LYS A NZ  1 
ATOM   337 N  N   . ASN A 1 43  ? 7.064   -3.640  10.075  1.00 24.50 ? 1836 ASN A N   1 
ATOM   338 C  CA  . ASN A 1 43  ? 7.386   -3.831  8.658   1.00 25.94 ? 1836 ASN A CA  1 
ATOM   339 C  C   . ASN A 1 43  ? 6.693   -2.756  7.842   1.00 25.41 ? 1836 ASN A C   1 
ATOM   340 O  O   . ASN A 1 43  ? 5.613   -2.989  7.276   1.00 22.19 ? 1836 ASN A O   1 
ATOM   341 C  CB  . ASN A 1 43  ? 6.980   -5.224  8.189   1.00 25.22 ? 1836 ASN A CB  1 
ATOM   342 C  CG  . ASN A 1 43  ? 7.643   -6.306  9.007   1.00 34.60 ? 1836 ASN A CG  1 
ATOM   343 O  OD1 . ASN A 1 43  ? 6.978   -7.058  9.714   1.00 35.34 ? 1836 ASN A OD1 1 
ATOM   344 N  ND2 . ASN A 1 43  ? 8.970   -6.372  8.933   1.00 31.90 ? 1836 ASN A ND2 1 
ATOM   345 N  N   . PRO A 1 44  ? 7.268   -1.555  7.791   1.00 23.85 ? 1837 PRO A N   1 
ATOM   346 C  CA  . PRO A 1 44  ? 6.658   -0.474  7.008   1.00 21.40 ? 1837 PRO A CA  1 
ATOM   347 C  C   . PRO A 1 44  ? 6.590   -0.810  5.524   1.00 23.09 ? 1837 PRO A C   1 
ATOM   348 O  O   . PRO A 1 44  ? 7.426   -1.532  4.974   1.00 23.31 ? 1837 PRO A O   1 
ATOM   349 C  CB  . PRO A 1 44  ? 7.575   0.732   7.276   1.00 23.58 ? 1837 PRO A CB  1 
ATOM   350 C  CG  . PRO A 1 44  ? 8.823   0.160   7.932   1.00 25.59 ? 1837 PRO A CG  1 
ATOM   351 C  CD  . PRO A 1 44  ? 8.379   -1.081  8.638   1.00 22.61 ? 1837 PRO A CD  1 
ATOM   352 N  N   . MET A 1 45  ? 5.550   -0.295  4.878   1.00 23.39 ? 1838 MET A N   1 
ATOM   353 C  CA  . MET A 1 45  ? 5.374   -0.487  3.452   1.00 18.49 ? 1838 MET A CA  1 
ATOM   354 C  C   . MET A 1 45  ? 4.593   0.703   2.909   1.00 20.86 ? 1838 MET A C   1 
ATOM   355 O  O   . MET A 1 45  ? 3.799   1.323   3.623   1.00 24.03 ? 1838 MET A O   1 
ATOM   356 C  CB  . MET A 1 45  ? 4.680   -1.826  3.169   1.00 19.58 ? 1838 MET A CB  1 
ATOM   357 C  CG  . MET A 1 45  ? 4.663   -2.254  1.713   1.00 21.98 ? 1838 MET A CG  1 
ATOM   358 S  SD  . MET A 1 45  ? 6.264   -2.140  0.862   1.00 25.27 ? 1838 MET A SD  1 
ATOM   359 C  CE  . MET A 1 45  ? 7.314   -3.229  1.850   1.00 20.32 ? 1838 MET A CE  1 
ATOM   360 N  N   . ASP A 1 46  ? 4.842   1.032   1.645   1.00 23.49 ? 1839 ASP A N   1 
ATOM   361 C  CA  . ASP A 1 46  ? 4.183   2.160   0.996   1.00 23.58 ? 1839 ASP A CA  1 
ATOM   362 C  C   . ASP A 1 46  ? 4.262   1.943   -0.508  1.00 24.18 ? 1839 ASP A C   1 
ATOM   363 O  O   . ASP A 1 46  ? 4.951   1.032   -0.984  1.00 20.99 ? 1839 ASP A O   1 
ATOM   364 C  CB  . ASP A 1 46  ? 4.824   3.486   1.419   1.00 23.12 ? 1839 ASP A CB  1 
ATOM   365 C  CG  . ASP A 1 46  ? 6.210   3.650   0.845   1.00 27.92 ? 1839 ASP A CG  1 
ATOM   366 O  OD1 . ASP A 1 46  ? 7.156   3.075   1.421   1.00 26.59 ? 1839 ASP A OD1 1 
ATOM   367 O  OD2 . ASP A 1 46  ? 6.341   4.308   -0.210  1.00 31.37 ? 1839 ASP A OD2 1 
ATOM   368 N  N   . PHE A 1 47  ? 3.549   2.793   -1.263  1.00 23.07 ? 1840 PHE A N   1 
ATOM   369 C  CA  . PHE A 1 47  ? 3.433   2.551   -2.701  1.00 22.47 ? 1840 PHE A CA  1 
ATOM   370 C  C   . PHE A 1 47  ? 4.762   2.774   -3.424  1.00 24.16 ? 1840 PHE A C   1 
ATOM   371 O  O   . PHE A 1 47  ? 5.087   2.038   -4.363  1.00 21.28 ? 1840 PHE A O   1 
ATOM   372 C  CB  . PHE A 1 47  ? 2.337   3.426   -3.320  1.00 20.81 ? 1840 PHE A CB  1 
ATOM   373 C  CG  . PHE A 1 47  ? 0.947   3.102   -2.826  1.00 20.02 ? 1840 PHE A CG  1 
ATOM   374 C  CD1 . PHE A 1 47  ? 0.659   1.851   -2.295  1.00 21.33 ? 1840 PHE A CD1 1 
ATOM   375 C  CD2 . PHE A 1 47  ? -0.058  4.049   -2.877  1.00 20.88 ? 1840 PHE A CD2 1 
ATOM   376 C  CE1 . PHE A 1 47  ? -0.614  1.551   -1.820  1.00 25.12 ? 1840 PHE A CE1 1 
ATOM   377 C  CE2 . PHE A 1 47  ? -1.346  3.755   -2.416  1.00 22.09 ? 1840 PHE A CE2 1 
ATOM   378 C  CZ  . PHE A 1 47  ? -1.621  2.507   -1.881  1.00 19.18 ? 1840 PHE A CZ  1 
ATOM   379 N  N   . SER A 1 48  ? 5.532   3.790   -3.020  1.00 20.43 ? 1841 SER A N   1 
ATOM   380 C  CA  . SER A 1 48  ? 6.815   4.040   -3.679  1.00 30.42 ? 1841 SER A CA  1 
ATOM   381 C  C   . SER A 1 48  ? 7.787   2.884   -3.454  1.00 29.03 ? 1841 SER A C   1 
ATOM   382 O  O   . SER A 1 48  ? 8.543   2.519   -4.363  1.00 27.44 ? 1841 SER A O   1 
ATOM   383 C  CB  . SER A 1 48  ? 7.415   5.361   -3.197  1.00 28.89 ? 1841 SER A CB  1 
ATOM   384 O  OG  . SER A 1 48  ? 8.061   5.211   -1.945  1.00 29.89 ? 1841 SER A OG  1 
ATOM   385 N  N   . THR A 1 49  ? 7.741   2.258   -2.267  1.00 26.60 ? 1842 THR A N   1 
ATOM   386 C  CA  . THR A 1 49  ? 8.588   1.093   -2.005  1.00 27.71 ? 1842 THR A CA  1 
ATOM   387 C  C   . THR A 1 49  ? 8.155   -0.104  -2.839  1.00 29.78 ? 1842 THR A C   1 
ATOM   388 O  O   . THR A 1 49  ? 9.001   -0.876  -3.301  1.00 27.34 ? 1842 THR A O   1 
ATOM   389 C  CB  . THR A 1 49  ? 8.575   0.753   -0.513  1.00 24.87 ? 1842 THR A CB  1 
ATOM   390 O  OG1 . THR A 1 49  ? 9.088   1.871   0.213   1.00 25.21 ? 1842 THR A OG1 1 
ATOM   391 C  CG2 . THR A 1 49  ? 9.438   -0.483  -0.193  1.00 23.96 ? 1842 THR A CG2 1 
ATOM   392 N  N   . MET A 1 50  ? 6.840   -0.266  -3.057  1.00 26.22 ? 1843 MET A N   1 
ATOM   393 C  CA  . MET A 1 50  ? 6.368   -1.301  -3.973  1.00 25.80 ? 1843 MET A CA  1 
ATOM   394 C  C   . MET A 1 50  ? 6.748   -0.981  -5.416  1.00 28.82 ? 1843 MET A C   1 
ATOM   395 O  O   . MET A 1 50  ? 7.023   -1.887  -6.210  1.00 26.20 ? 1843 MET A O   1 
ATOM   396 C  CB  . MET A 1 50  ? 4.850   -1.465  -3.856  1.00 24.64 ? 1843 MET A CB  1 
ATOM   397 C  CG  . MET A 1 50  ? 4.378   -1.860  -2.443  1.00 28.87 ? 1843 MET A CG  1 
ATOM   398 S  SD  . MET A 1 50  ? 2.596   -1.740  -2.211  1.00 24.94 ? 1843 MET A SD  1 
ATOM   399 C  CE  . MET A 1 50  ? 2.017   -2.939  -3.411  1.00 24.78 ? 1843 MET A CE  1 
ATOM   400 N  N   . ARG A 1 51  ? 6.731   0.300   -5.779  1.00 27.81 ? 1844 ARG A N   1 
ATOM   401 C  CA  . ARG A 1 51  ? 7.087   0.700   -7.136  1.00 29.93 ? 1844 ARG A CA  1 
ATOM   402 C  C   . ARG A 1 51  ? 8.564   0.411   -7.418  1.00 30.93 ? 1844 ARG A C   1 
ATOM   403 O  O   . ARG A 1 51  ? 8.906   -0.167  -8.455  1.00 32.10 ? 1844 ARG A O   1 
ATOM   404 C  CB  . ARG A 1 51  ? 6.745   2.186   -7.318  1.00 29.36 ? 1844 ARG A CB  1 
ATOM   405 C  CG  . ARG A 1 51  ? 7.301   2.870   -8.547  1.00 28.62 ? 1844 ARG A CG  1 
ATOM   406 C  CD  . ARG A 1 51  ? 6.786   2.225   -9.794  1.00 32.67 ? 1844 ARG A CD  1 
ATOM   407 N  NE  . ARG A 1 51  ? 5.368   2.482   -10.012 1.00 31.03 ? 1844 ARG A NE  1 
ATOM   408 C  CZ  . ARG A 1 51  ? 4.643   1.800   -10.887 1.00 31.25 ? 1844 ARG A CZ  1 
ATOM   409 N  NH1 . ARG A 1 51  ? 5.227   0.832   -11.578 1.00 30.58 ? 1844 ARG A NH1 1 
ATOM   410 N  NH2 . ARG A 1 51  ? 3.346   2.057   -11.051 1.00 27.70 ? 1844 ARG A NH2 1 
ATOM   411 N  N   . GLU A 1 52  ? 9.450   0.782   -6.486  1.00 33.17 ? 1845 GLU A N   1 
ATOM   412 C  CA  . GLU A 1 52  ? 10.870  0.456   -6.629  1.00 33.08 ? 1845 GLU A CA  1 
ATOM   413 C  C   . GLU A 1 52  ? 11.072  -1.036  -6.850  1.00 30.95 ? 1845 GLU A C   1 
ATOM   414 O  O   . GLU A 1 52  ? 11.791  -1.451  -7.765  1.00 36.30 ? 1845 GLU A O   1 
ATOM   415 C  CB  . GLU A 1 52  ? 11.648  0.907   -5.392  1.00 35.20 ? 1845 GLU A CB  1 
ATOM   416 C  CG  . GLU A 1 52  ? 11.777  2.397   -5.241  1.00 37.83 ? 1845 GLU A CG  1 
ATOM   417 C  CD  . GLU A 1 52  ? 12.438  2.796   -3.928  1.00 51.55 ? 1845 GLU A CD  1 
ATOM   418 O  OE1 . GLU A 1 52  ? 12.942  1.897   -3.206  1.00 50.59 ? 1845 GLU A OE1 1 
ATOM   419 O  OE2 . GLU A 1 52  ? 12.457  4.015   -3.623  1.00 54.14 ? 1845 GLU A OE2 1 
ATOM   420 N  N   . ARG A 1 53  ? 10.432  -1.862  -6.019  1.00 34.89 ? 1846 ARG A N   1 
ATOM   421 C  CA  . ARG A 1 53  ? 10.621  -3.305  -6.116  1.00 34.90 ? 1846 ARG A CA  1 
ATOM   422 C  C   . ARG A 1 53  ? 10.054  -3.850  -7.419  1.00 36.03 ? 1846 ARG A C   1 
ATOM   423 O  O   . ARG A 1 53  ? 10.647  -4.743  -8.034  1.00 38.84 ? 1846 ARG A O   1 
ATOM   424 C  CB  . ARG A 1 53  ? 9.991   -3.999  -4.905  1.00 33.65 ? 1846 ARG A CB  1 
ATOM   425 C  CG  . ARG A 1 53  ? 10.058  -5.519  -4.951  1.00 38.70 ? 1846 ARG A CG  1 
ATOM   426 C  CD  . ARG A 1 53  ? 9.994   -6.152  -3.548  1.00 40.54 ? 1846 ARG A CD  1 
ATOM   427 N  NE  . ARG A 1 53  ? 9.789   -7.598  -3.634  1.00 44.84 ? 1846 ARG A NE  1 
ATOM   428 C  CZ  . ARG A 1 53  ? 9.224   -8.344  -2.689  1.00 46.64 ? 1846 ARG A CZ  1 
ATOM   429 N  NH1 . ARG A 1 53  ? 8.807   -7.788  -1.555  1.00 44.83 ? 1846 ARG A NH1 1 
ATOM   430 N  NH2 . ARG A 1 53  ? 9.075   -9.651  -2.883  1.00 47.69 ? 1846 ARG A NH2 1 
ATOM   431 N  N   . LEU A 1 54  ? 8.915   -3.309  -7.869  1.00 35.00 ? 1847 LEU A N   1 
ATOM   432 C  CA  . LEU A 1 54  ? 8.313   -3.773  -9.116  1.00 35.94 ? 1847 LEU A CA  1 
ATOM   433 C  C   . LEU A 1 54  ? 9.147   -3.362  -10.332 1.00 38.39 ? 1847 LEU A C   1 
ATOM   434 O  O   . LEU A 1 54  ? 9.263   -4.123  -11.300 1.00 38.47 ? 1847 LEU A O   1 
ATOM   435 C  CB  . LEU A 1 54  ? 6.884   -3.235  -9.224  1.00 34.33 ? 1847 LEU A CB  1 
ATOM   436 C  CG  . LEU A 1 54  ? 5.954   -3.725  -10.329 1.00 30.34 ? 1847 LEU A CG  1 
ATOM   437 C  CD1 . LEU A 1 54  ? 5.723   -5.226  -10.254 1.00 32.04 ? 1847 LEU A CD1 1 
ATOM   438 C  CD2 . LEU A 1 54  ? 4.636   -2.953  -10.280 1.00 32.80 ? 1847 LEU A CD2 1 
ATOM   439 N  N   . LEU A 1 55  ? 9.732   -2.159  -10.305 1.00 38.48 ? 1848 LEU A N   1 
ATOM   440 C  CA  . LEU A 1 55  ? 10.542  -1.693  -11.430 1.00 34.90 ? 1848 LEU A CA  1 
ATOM   441 C  C   . LEU A 1 55  ? 11.901  -2.380  -11.496 1.00 41.59 ? 1848 LEU A C   1 
ATOM   442 O  O   . LEU A 1 55  ? 12.522  -2.395  -12.565 1.00 42.20 ? 1848 LEU A O   1 
ATOM   443 C  CB  . LEU A 1 55  ? 10.745  -0.176  -11.352 1.00 33.78 ? 1848 LEU A CB  1 
ATOM   444 C  CG  . LEU A 1 55  ? 9.540   0.717   -11.664 1.00 34.00 ? 1848 LEU A CG  1 
ATOM   445 C  CD1 . LEU A 1 55  ? 9.907   2.186   -11.533 1.00 32.80 ? 1848 LEU A CD1 1 
ATOM   446 C  CD2 . LEU A 1 55  ? 8.955   0.410   -13.045 1.00 34.28 ? 1848 LEU A CD2 1 
ATOM   447 N  N   . ARG A 1 56  ? 12.385  -2.927  -10.380 1.00 41.45 ? 1849 ARG A N   1 
ATOM   448 C  CA  . ARG A 1 56  ? 13.634  -3.677  -10.352 1.00 40.62 ? 1849 ARG A CA  1 
ATOM   449 C  C   . ARG A 1 56  ? 13.399  -5.186  -10.493 1.00 43.03 ? 1849 ARG A C   1 
ATOM   450 O  O   . ARG A 1 56  ? 14.340  -5.972  -10.338 1.00 49.10 ? 1849 ARG A O   1 
ATOM   451 C  CB  . ARG A 1 56  ? 14.403  -3.343  -9.059  1.00 37.44 ? 1849 ARG A CB  1 
ATOM   452 C  CG  . ARG A 1 56  ? 15.819  -3.919  -8.955  1.00 40.89 ? 1849 ARG A CG  1 
ATOM   453 C  CD  . ARG A 1 56  ? 16.228  -4.209  -7.512  1.00 49.86 ? 1849 ARG A CD  1 
ATOM   454 N  NE  . ARG A 1 56  ? 15.425  -3.447  -6.551  1.00 56.99 ? 1849 ARG A NE  1 
ATOM   455 C  CZ  . ARG A 1 56  ? 14.658  -3.995  -5.604  1.00 58.16 ? 1849 ARG A CZ  1 
ATOM   456 N  NH1 . ARG A 1 56  ? 14.577  -5.321  -5.490  1.00 53.50 ? 1849 ARG A NH1 1 
ATOM   457 N  NH2 . ARG A 1 56  ? 13.966  -3.219  -4.773  1.00 51.24 ? 1849 ARG A NH2 1 
ATOM   458 N  N   . GLY A 1 57  ? 12.171  -5.606  -10.798 1.00 41.50 ? 1850 GLY A N   1 
ATOM   459 C  CA  . GLY A 1 57  ? 11.851  -7.008  -11.000 1.00 44.26 ? 1850 GLY A CA  1 
ATOM   460 C  C   . GLY A 1 57  ? 11.703  -7.838  -9.738  1.00 53.50 ? 1850 GLY A C   1 
ATOM   461 O  O   . GLY A 1 57  ? 11.456  -9.049  -9.838  1.00 54.39 ? 1850 GLY A O   1 
ATOM   462 N  N   . GLY A 1 58  ? 11.818  -7.227  -8.558  1.00 49.96 ? 1851 GLY A N   1 
ATOM   463 C  CA  . GLY A 1 58  ? 11.856  -7.957  -7.305  1.00 48.60 ? 1851 GLY A CA  1 
ATOM   464 C  C   . GLY A 1 58  ? 10.574  -8.598  -6.802  1.00 45.83 ? 1851 GLY A C   1 
ATOM   465 O  O   . GLY A 1 58  ? 10.514  -8.974  -5.626  1.00 45.49 ? 1851 GLY A O   1 
ATOM   466 N  N   . TYR A 1 59  ? 9.547   -8.735  -7.644  1.00 44.52 ? 1852 TYR A N   1 
ATOM   467 C  CA  . TYR A 1 59  ? 8.334   -9.464  -7.279  1.00 44.09 ? 1852 TYR A CA  1 
ATOM   468 C  C   . TYR A 1 59  ? 8.276   -10.765 -8.066  1.00 50.89 ? 1852 TYR A C   1 
ATOM   469 O  O   . TYR A 1 59  ? 8.222   -10.745 -9.301  1.00 53.54 ? 1852 TYR A O   1 
ATOM   470 C  CB  . TYR A 1 59  ? 7.071   -8.636  -7.526  1.00 41.19 ? 1852 TYR A CB  1 
ATOM   471 C  CG  . TYR A 1 59  ? 6.799   -7.623  -6.443  1.00 39.10 ? 1852 TYR A CG  1 
ATOM   472 C  CD1 . TYR A 1 59  ? 6.580   -8.021  -5.127  1.00 40.98 ? 1852 TYR A CD1 1 
ATOM   473 C  CD2 . TYR A 1 59  ? 6.785   -6.269  -6.728  1.00 34.00 ? 1852 TYR A CD2 1 
ATOM   474 C  CE1 . TYR A 1 59  ? 6.345   -7.093  -4.122  1.00 35.03 ? 1852 TYR A CE1 1 
ATOM   475 C  CE2 . TYR A 1 59  ? 6.549   -5.335  -5.739  1.00 35.55 ? 1852 TYR A CE2 1 
ATOM   476 C  CZ  . TYR A 1 59  ? 6.324   -5.750  -4.437  1.00 32.71 ? 1852 TYR A CZ  1 
ATOM   477 O  OH  . TYR A 1 59  ? 6.099   -4.812  -3.458  1.00 28.67 ? 1852 TYR A OH  1 
ATOM   478 N  N   . THR A 1 60  ? 8.266   -11.887 -7.343  1.00 55.96 ? 1853 THR A N   1 
ATOM   479 C  CA  . THR A 1 60  ? 8.249   -13.206 -7.974  1.00 53.39 ? 1853 THR A CA  1 
ATOM   480 C  C   . THR A 1 60  ? 6.882   -13.524 -8.555  1.00 50.14 ? 1853 THR A C   1 
ATOM   481 O  O   . THR A 1 60  ? 6.777   -14.012 -9.685  1.00 60.92 ? 1853 THR A O   1 
ATOM   482 C  CB  . THR A 1 60  ? 8.654   -14.274 -6.955  1.00 51.53 ? 1853 THR A CB  1 
ATOM   483 O  OG1 . THR A 1 60  ? 10.069  -14.237 -6.765  1.00 54.24 ? 1853 THR A OG1 1 
ATOM   484 C  CG2 . THR A 1 60  ? 8.238   -15.662 -7.414  1.00 58.12 ? 1853 THR A CG2 1 
ATOM   485 N  N   . SER A 1 61  ? 5.824   -13.272 -7.790  1.00 51.72 ? 1854 SER A N   1 
ATOM   486 C  CA  . SER A 1 61  ? 4.471   -13.607 -8.203  1.00 53.07 ? 1854 SER A CA  1 
ATOM   487 C  C   . SER A 1 61  ? 3.544   -12.456 -7.853  1.00 49.37 ? 1854 SER A C   1 
ATOM   488 O  O   . SER A 1 61  ? 3.927   -11.505 -7.166  1.00 46.60 ? 1854 SER A O   1 
ATOM   489 C  CB  . SER A 1 61  ? 3.975   -14.891 -7.528  1.00 53.59 ? 1854 SER A CB  1 
ATOM   490 O  OG  . SER A 1 61  ? 4.158   -14.810 -6.124  1.00 54.04 ? 1854 SER A OG  1 
ATOM   491 N  N   . SER A 1 62  ? 2.299   -12.566 -8.322  1.00 51.90 ? 1855 SER A N   1 
ATOM   492 C  CA  . SER A 1 62  ? 1.280   -11.598 -7.938  1.00 52.90 ? 1855 SER A CA  1 
ATOM   493 C  C   . SER A 1 62  ? 0.990   -11.655 -6.437  1.00 47.95 ? 1855 SER A C   1 
ATOM   494 O  O   . SER A 1 62  ? 0.609   -10.641 -5.839  1.00 44.59 ? 1855 SER A O   1 
ATOM   495 C  CB  . SER A 1 62  ? 0.002   -11.834 -8.756  1.00 53.97 ? 1855 SER A CB  1 
ATOM   496 O  OG  . SER A 1 62  ? -0.626  -13.060 -8.406  1.00 58.19 ? 1855 SER A OG  1 
ATOM   497 N  N   . GLU A 1 63  ? 1.196   -12.817 -5.806  1.00 48.11 ? 1856 GLU A N   1 
ATOM   498 C  CA  . GLU A 1 63  ? 0.886   -12.956 -4.385  1.00 43.08 ? 1856 GLU A CA  1 
ATOM   499 C  C   . GLU A 1 63  ? 1.876   -12.211 -3.501  1.00 40.29 ? 1856 GLU A C   1 
ATOM   500 O  O   . GLU A 1 63  ? 1.491   -11.688 -2.448  1.00 41.78 ? 1856 GLU A O   1 
ATOM   501 C  CB  . GLU A 1 63  ? 0.832   -14.432 -4.004  1.00 50.51 ? 1856 GLU A CB  1 
ATOM   502 C  CG  . GLU A 1 63  ? -0.488  -15.087 -4.366  1.00 58.76 ? 1856 GLU A CG  1 
ATOM   503 C  CD  . GLU A 1 63  ? -0.358  -16.038 -5.538  1.00 68.75 ? 1856 GLU A CD  1 
ATOM   504 O  OE1 . GLU A 1 63  ? -1.090  -17.057 -5.558  1.00 74.83 ? 1856 GLU A OE1 1 
ATOM   505 O  OE2 . GLU A 1 63  ? 0.484   -15.771 -6.429  1.00 61.48 ? 1856 GLU A OE2 1 
ATOM   506 N  N   . GLU A 1 64  ? 3.149   -12.157 -3.889  1.00 42.09 ? 1857 GLU A N   1 
ATOM   507 C  CA  . GLU A 1 64  ? 4.084   -11.313 -3.154  1.00 40.62 ? 1857 GLU A CA  1 
ATOM   508 C  C   . GLU A 1 64  ? 3.664   -9.852  -3.230  1.00 37.17 ? 1857 GLU A C   1 
ATOM   509 O  O   . GLU A 1 64  ? 3.796   -9.102  -2.256  1.00 34.18 ? 1857 GLU A O   1 
ATOM   510 C  CB  . GLU A 1 64  ? 5.504   -11.484 -3.695  1.00 46.53 ? 1857 GLU A CB  1 
ATOM   511 C  CG  . GLU A 1 64  ? 6.089   -12.880 -3.558  1.00 48.66 ? 1857 GLU A CG  1 
ATOM   512 C  CD  . GLU A 1 64  ? 7.586   -12.896 -3.825  1.00 54.68 ? 1857 GLU A CD  1 
ATOM   513 O  OE1 . GLU A 1 64  ? 8.218   -13.955 -3.611  1.00 62.15 ? 1857 GLU A OE1 1 
ATOM   514 O  OE2 . GLU A 1 64  ? 8.128   -11.846 -4.245  1.00 47.78 ? 1857 GLU A OE2 1 
ATOM   515 N  N   . PHE A 1 65  ? 3.149   -9.437  -4.386  1.00 36.08 ? 1858 PHE A N   1 
ATOM   516 C  CA  . PHE A 1 65  ? 2.749   -8.049  -4.570  1.00 35.03 ? 1858 PHE A CA  1 
ATOM   517 C  C   . PHE A 1 65  ? 1.559   -7.708  -3.685  1.00 31.10 ? 1858 PHE A C   1 
ATOM   518 O  O   . PHE A 1 65  ? 1.563   -6.685  -2.990  1.00 34.76 ? 1858 PHE A O   1 
ATOM   519 C  CB  . PHE A 1 65  ? 2.417   -7.799  -6.045  1.00 35.39 ? 1858 PHE A CB  1 
ATOM   520 C  CG  . PHE A 1 65  ? 1.879   -6.430  -6.325  1.00 32.74 ? 1858 PHE A CG  1 
ATOM   521 C  CD1 . PHE A 1 65  ? 0.512   -6.196  -6.346  1.00 29.82 ? 1858 PHE A CD1 1 
ATOM   522 C  CD2 . PHE A 1 65  ? 2.739   -5.376  -6.583  1.00 28.29 ? 1858 PHE A CD2 1 
ATOM   523 C  CE1 . PHE A 1 65  ? 0.016   -4.919  -6.608  1.00 33.26 ? 1858 PHE A CE1 1 
ATOM   524 C  CE2 . PHE A 1 65  ? 2.252   -4.110  -6.852  1.00 29.87 ? 1858 PHE A CE2 1 
ATOM   525 C  CZ  . PHE A 1 65  ? 0.889   -3.879  -6.865  1.00 29.31 ? 1858 PHE A CZ  1 
ATOM   526 N  N   . ALA A 1 66  ? 0.535   -8.565  -3.690  1.00 32.15 ? 1859 ALA A N   1 
ATOM   527 C  CA  . ALA A 1 66  ? -0.652  -8.318  -2.880  1.00 32.10 ? 1859 ALA A CA  1 
ATOM   528 C  C   . ALA A 1 66  ? -0.314  -8.280  -1.394  1.00 30.59 ? 1859 ALA A C   1 
ATOM   529 O  O   . ALA A 1 66  ? -0.884  -7.479  -0.640  1.00 29.35 ? 1859 ALA A O   1 
ATOM   530 C  CB  . ALA A 1 66  ? -1.700  -9.386  -3.167  1.00 35.44 ? 1859 ALA A CB  1 
ATOM   531 N  N   . ALA A 1 67  ? 0.619   -9.127  -0.956  1.00 29.40 ? 1860 ALA A N   1 
ATOM   532 C  CA  . ALA A 1 67  ? 1.010   -9.115  0.445   1.00 27.78 ? 1860 ALA A CA  1 
ATOM   533 C  C   . ALA A 1 67  ? 1.617   -7.782  0.837   1.00 26.59 ? 1860 ALA A C   1 
ATOM   534 O  O   . ALA A 1 67  ? 1.451   -7.340  1.977   1.00 28.23 ? 1860 ALA A O   1 
ATOM   535 C  CB  . ALA A 1 67  ? 2.004   -10.243 0.747   1.00 30.44 ? 1860 ALA A CB  1 
ATOM   536 N  N   . ASP A 1 68  ? 2.350   -7.140  -0.073  1.00 25.94 ? 1861 ASP A N   1 
ATOM   537 C  CA  . ASP A 1 68  ? 2.868   -5.812  0.231   1.00 26.12 ? 1861 ASP A CA  1 
ATOM   538 C  C   . ASP A 1 68  ? 1.737   -4.790  0.258   1.00 23.31 ? 1861 ASP A C   1 
ATOM   539 O  O   . ASP A 1 68  ? 1.704   -3.904  1.122   1.00 21.35 ? 1861 ASP A O   1 
ATOM   540 C  CB  . ASP A 1 68  ? 3.940   -5.426  -0.789  1.00 26.28 ? 1861 ASP A CB  1 
ATOM   541 C  CG  . ASP A 1 68  ? 5.349   -5.731  -0.296  1.00 33.43 ? 1861 ASP A CG  1 
ATOM   542 O  OD1 . ASP A 1 68  ? 5.510   -6.133  0.885   1.00 25.42 ? 1861 ASP A OD1 1 
ATOM   543 O  OD2 . ASP A 1 68  ? 6.299   -5.571  -1.093  1.00 34.26 ? 1861 ASP A OD2 1 
ATOM   544 N  N   . ALA A 1 69  ? 0.789   -4.915  -0.669  1.00 23.28 ? 1862 ALA A N   1 
ATOM   545 C  CA  . ALA A 1 69  ? -0.356  -4.017  -0.680  1.00 25.16 ? 1862 ALA A CA  1 
ATOM   546 C  C   . ALA A 1 69  ? -1.183  -4.171  0.597   1.00 24.00 ? 1862 ALA A C   1 
ATOM   547 O  O   . ALA A 1 69  ? -1.544  -3.183  1.245   1.00 19.50 ? 1862 ALA A O   1 
ATOM   548 C  CB  . ALA A 1 69  ? -1.199  -4.285  -1.929  1.00 23.55 ? 1862 ALA A CB  1 
ATOM   549 N  N   . LEU A 1 70  ? -1.476  -5.409  0.991   1.00 25.08 ? 1863 LEU A N   1 
ATOM   550 C  CA  . LEU A 1 70  ? -2.251  -5.605  2.214   1.00 23.93 ? 1863 LEU A CA  1 
ATOM   551 C  C   . LEU A 1 70  ? -1.481  -5.149  3.444   1.00 21.67 ? 1863 LEU A C   1 
ATOM   552 O  O   . LEU A 1 70  ? -2.090  -4.749  4.447   1.00 21.85 ? 1863 LEU A O   1 
ATOM   553 C  CB  . LEU A 1 70  ? -2.663  -7.076  2.342   1.00 25.90 ? 1863 LEU A CB  1 
ATOM   554 C  CG  . LEU A 1 70  ? -3.523  -7.600  1.182   1.00 28.46 ? 1863 LEU A CG  1 
ATOM   555 C  CD1 . LEU A 1 70  ? -3.701  -9.110  1.270   1.00 34.23 ? 1863 LEU A CD1 1 
ATOM   556 C  CD2 . LEU A 1 70  ? -4.875  -6.885  1.116   1.00 25.72 ? 1863 LEU A CD2 1 
ATOM   557 N  N   . LEU A 1 71  ? -0.146  -5.195  3.383   1.00 21.51 ? 1864 LEU A N   1 
ATOM   558 C  CA  . LEU A 1 71  ? 0.676   -4.716  4.489   1.00 20.65 ? 1864 LEU A CA  1 
ATOM   559 C  C   . LEU A 1 71  ? 0.539   -3.209  4.676   1.00 21.24 ? 1864 LEU A C   1 
ATOM   560 O  O   . LEU A 1 71  ? 0.501   -2.723  5.817   1.00 18.74 ? 1864 LEU A O   1 
ATOM   561 C  CB  . LEU A 1 71  ? 2.130   -5.104  4.249   1.00 23.59 ? 1864 LEU A CB  1 
ATOM   562 C  CG  . LEU A 1 71  ? 3.140   -4.703  5.313   1.00 28.00 ? 1864 LEU A CG  1 
ATOM   563 C  CD1 . LEU A 1 71  ? 2.803   -5.306  6.679   1.00 21.94 ? 1864 LEU A CD1 1 
ATOM   564 C  CD2 . LEU A 1 71  ? 4.530   -5.122  4.858   1.00 23.08 ? 1864 LEU A CD2 1 
ATOM   565 N  N   . VAL A 1 72  ? 0.452   -2.450  3.572   1.00 17.67 ? 1865 VAL A N   1 
ATOM   566 C  CA  . VAL A 1 72  ? 0.196   -1.009  3.682   1.00 15.31 ? 1865 VAL A CA  1 
ATOM   567 C  C   . VAL A 1 72  ? -1.042  -0.760  4.539   1.00 16.40 ? 1865 VAL A C   1 
ATOM   568 O  O   . VAL A 1 72  ? -1.036  0.058   5.466   1.00 15.12 ? 1865 VAL A O   1 
ATOM   569 C  CB  . VAL A 1 72  ? 0.039   -0.378  2.283   1.00 18.58 ? 1865 VAL A CB  1 
ATOM   570 C  CG1 . VAL A 1 72  ? -0.264  1.109   2.410   1.00 18.00 ? 1865 VAL A CG1 1 
ATOM   571 C  CG2 . VAL A 1 72  ? 1.284   -0.590  1.454   1.00 18.90 ? 1865 VAL A CG2 1 
ATOM   572 N  N   . PHE A 1 73  ? -2.118  -1.497  4.255   1.00 17.06 ? 1866 PHE A N   1 
ATOM   573 C  CA  . PHE A 1 73  ? -3.401  -1.207  4.880   1.00 19.85 ? 1866 PHE A CA  1 
ATOM   574 C  C   . PHE A 1 73  ? -3.510  -1.815  6.273   1.00 16.24 ? 1866 PHE A C   1 
ATOM   575 O  O   . PHE A 1 73  ? -4.191  -1.250  7.137   1.00 17.29 ? 1866 PHE A O   1 
ATOM   576 C  CB  . PHE A 1 73  ? -4.533  -1.674  3.947   1.00 17.53 ? 1866 PHE A CB  1 
ATOM   577 C  CG  . PHE A 1 73  ? -4.372  -1.173  2.532   1.00 16.29 ? 1866 PHE A CG  1 
ATOM   578 C  CD1 . PHE A 1 73  ? -4.134  0.176   2.291   1.00 15.91 ? 1866 PHE A CD1 1 
ATOM   579 C  CD2 . PHE A 1 73  ? -4.394  -2.046  1.455   1.00 18.30 ? 1866 PHE A CD2 1 
ATOM   580 C  CE1 . PHE A 1 73  ? -3.953  0.653   1.000   1.00 17.47 ? 1866 PHE A CE1 1 
ATOM   581 C  CE2 . PHE A 1 73  ? -4.216  -1.574  0.153   1.00 22.13 ? 1866 PHE A CE2 1 
ATOM   582 C  CZ  . PHE A 1 73  ? -3.994  -0.220  -0.068  1.00 16.83 ? 1866 PHE A CZ  1 
ATOM   583 N  N   . ASP A 1 74  ? -2.830  -2.939  6.523   1.00 18.34 ? 1867 ASP A N   1 
ATOM   584 C  CA  . ASP A 1 74  ? -2.740  -3.456  7.886   1.00 24.21 ? 1867 ASP A CA  1 
ATOM   585 C  C   . ASP A 1 74  ? -1.988  -2.487  8.786   1.00 19.65 ? 1867 ASP A C   1 
ATOM   586 O  O   . ASP A 1 74  ? -2.441  -2.179  9.899   1.00 17.57 ? 1867 ASP A O   1 
ATOM   587 C  CB  . ASP A 1 74  ? -2.073  -4.831  7.885   1.00 22.80 ? 1867 ASP A CB  1 
ATOM   588 C  CG  . ASP A 1 74  ? -2.990  -5.920  7.346   1.00 25.25 ? 1867 ASP A CG  1 
ATOM   589 O  OD1 . ASP A 1 74  ? -4.231  -5.718  7.332   1.00 19.79 ? 1867 ASP A OD1 1 
ATOM   590 O  OD2 . ASP A 1 74  ? -2.461  -6.964  6.908   1.00 26.66 ? 1867 ASP A OD2 1 
ATOM   591 N  N   . ASN A 1 75  ? -0.839  -1.983  8.312   1.00 17.90 ? 1868 ASN A N   1 
ATOM   592 C  CA  . ASN A 1 75  ? -0.094  -0.978  9.067   1.00 18.00 ? 1868 ASN A CA  1 
ATOM   593 C  C   . ASN A 1 75  ? -0.948  0.250   9.309   1.00 18.94 ? 1868 ASN A C   1 
ATOM   594 O  O   . ASN A 1 75  ? -0.944  0.817   10.411  1.00 17.05 ? 1868 ASN A O   1 
ATOM   595 C  CB  . ASN A 1 75  ? 1.180   -0.562  8.319   1.00 17.01 ? 1868 ASN A CB  1 
ATOM   596 C  CG  . ASN A 1 75  ? 2.217   -1.659  8.277   1.00 20.61 ? 1868 ASN A CG  1 
ATOM   597 O  OD1 . ASN A 1 75  ? 2.161   -2.606  9.051   1.00 21.53 ? 1868 ASN A OD1 1 
ATOM   598 N  ND2 . ASN A 1 75  ? 3.174   -1.538  7.357   1.00 21.67 ? 1868 ASN A ND2 1 
ATOM   599 N  N   . CYS A 1 76  ? -1.659  0.704   8.268   1.00 15.97 ? 1869 CYS A N   1 
ATOM   600 C  CA  . CYS A 1 76  ? -2.516  1.875   8.423   1.00 17.53 ? 1869 CYS A CA  1 
ATOM   601 C  C   . CYS A 1 76  ? -3.519  1.673   9.554   1.00 16.75 ? 1869 CYS A C   1 
ATOM   602 O  O   . CYS A 1 76  ? -3.633  2.515   10.454  1.00 20.47 ? 1869 CYS A O   1 
ATOM   603 C  CB  . CYS A 1 76  ? -3.236  2.185   7.107   1.00 19.30 ? 1869 CYS A CB  1 
ATOM   604 S  SG  . CYS A 1 76  ? -4.233  3.676   7.196   1.00 17.31 ? 1869 CYS A SG  1 
ATOM   605 N  N   . GLN A 1 77  ? -4.240  0.547   9.541   1.00 18.03 ? 1870 GLN A N   1 
ATOM   606 C  CA  . GLN A 1 77  ? -5.235  0.315   10.590  1.00 17.88 ? 1870 GLN A CA  1 
ATOM   607 C  C   . GLN A 1 77  ? -4.594  0.065   11.951  1.00 20.99 ? 1870 GLN A C   1 
ATOM   608 O  O   . GLN A 1 77  ? -5.212  0.339   12.989  1.00 19.21 ? 1870 GLN A O   1 
ATOM   609 C  CB  . GLN A 1 77  ? -6.136  -0.856  10.211  1.00 17.78 ? 1870 GLN A CB  1 
ATOM   610 C  CG  . GLN A 1 77  ? -6.988  -0.581  8.993   1.00 18.11 ? 1870 GLN A CG  1 
ATOM   611 C  CD  . GLN A 1 77  ? -7.662  -1.823  8.512   1.00 19.57 ? 1870 GLN A CD  1 
ATOM   612 O  OE1 . GLN A 1 77  ? -8.806  -2.101  8.883   1.00 20.93 ? 1870 GLN A OE1 1 
ATOM   613 N  NE2 . GLN A 1 77  ? -6.954  -2.606  7.708   1.00 15.98 ? 1870 GLN A NE2 1 
ATOM   614 N  N   . THR A 1 78  ? -3.366  -0.445  11.982  1.00 19.43 ? 1871 THR A N   1 
ATOM   615 C  CA  . THR A 1 78  ? -2.706  -0.627  13.276  1.00 20.41 ? 1871 THR A CA  1 
ATOM   616 C  C   . THR A 1 78  ? -2.300  0.706   13.889  1.00 21.41 ? 1871 THR A C   1 
ATOM   617 O  O   . THR A 1 78  ? -2.491  0.923   15.094  1.00 20.19 ? 1871 THR A O   1 
ATOM   618 C  CB  . THR A 1 78  ? -1.500  -1.552  13.121  1.00 18.77 ? 1871 THR A CB  1 
ATOM   619 O  OG1 . THR A 1 78  ? -1.975  -2.838  12.732  1.00 19.20 ? 1871 THR A OG1 1 
ATOM   620 C  CG2 . THR A 1 78  ? -0.730  -1.699  14.436  1.00 19.30 ? 1871 THR A CG2 1 
ATOM   621 N  N   . PHE A 1 79  ? -1.780  1.630   13.076  1.00 20.31 ? 1872 PHE A N   1 
ATOM   622 C  CA  . PHE A 1 79  ? -1.278  2.882   13.626  1.00 19.72 ? 1872 PHE A CA  1 
ATOM   623 C  C   . PHE A 1 79  ? -2.325  3.986   13.740  1.00 27.35 ? 1872 PHE A C   1 
ATOM   624 O  O   . PHE A 1 79  ? -2.202  4.856   14.619  1.00 23.28 ? 1872 PHE A O   1 
ATOM   625 C  CB  . PHE A 1 79  ? -0.104  3.401   12.788  1.00 25.46 ? 1872 PHE A CB  1 
ATOM   626 C  CG  . PHE A 1 79  ? 0.645   4.506   13.468  1.00 24.31 ? 1872 PHE A CG  1 
ATOM   627 C  CD1 . PHE A 1 79  ? 1.555   4.215   14.462  1.00 21.06 ? 1872 PHE A CD1 1 
ATOM   628 C  CD2 . PHE A 1 79  ? 0.398   5.830   13.155  1.00 27.19 ? 1872 PHE A CD2 1 
ATOM   629 C  CE1 . PHE A 1 79  ? 2.221   5.224   15.119  1.00 24.69 ? 1872 PHE A CE1 1 
ATOM   630 C  CE2 . PHE A 1 79  ? 1.065   6.837   13.806  1.00 22.46 ? 1872 PHE A CE2 1 
ATOM   631 C  CZ  . PHE A 1 79  ? 1.979   6.530   14.782  1.00 26.80 ? 1872 PHE A CZ  1 
ATOM   632 N  N   . ASN A 1 80  ? -3.340  3.996   12.874  1.00 23.59 ? 1873 ASN A N   1 
ATOM   633 C  CA  . ASN A 1 80  ? -4.264  5.113   12.787  1.00 22.25 ? 1873 ASN A CA  1 
ATOM   634 C  C   . ASN A 1 80  ? -5.669  4.690   13.198  1.00 26.19 ? 1873 ASN A C   1 
ATOM   635 O  O   . ASN A 1 80  ? -6.112  3.580   12.882  1.00 21.32 ? 1873 ASN A O   1 
ATOM   636 C  CB  . ASN A 1 80  ? -4.279  5.679   11.367  1.00 24.39 ? 1873 ASN A CB  1 
ATOM   637 C  CG  . ASN A 1 80  ? -2.892  6.081   10.902  1.00 22.14 ? 1873 ASN A CG  1 
ATOM   638 O  OD1 . ASN A 1 80  ? -2.367  7.110   11.326  1.00 23.23 ? 1873 ASN A OD1 1 
ATOM   639 N  ND2 . ASN A 1 80  ? -2.288  5.264   10.044  1.00 18.57 ? 1873 ASN A ND2 1 
ATOM   640 N  N   . GLU A 1 81  ? -6.344  5.571   13.939  1.00 24.56 ? 1874 GLU A N   1 
ATOM   641 C  CA  . GLU A 1 81  ? -7.754  5.385   14.230  1.00 27.95 ? 1874 GLU A CA  1 
ATOM   642 C  C   . GLU A 1 81  ? -8.546  5.349   12.931  1.00 26.99 ? 1874 GLU A C   1 
ATOM   643 O  O   . GLU A 1 81  ? -8.179  5.985   11.936  1.00 22.53 ? 1874 GLU A O   1 
ATOM   644 C  CB  . GLU A 1 81  ? -8.287  6.519   15.111  1.00 27.98 ? 1874 GLU A CB  1 
ATOM   645 C  CG  . GLU A 1 81  ? -7.374  6.924   16.230  1.00 38.65 ? 1874 GLU A CG  1 
ATOM   646 C  CD  . GLU A 1 81  ? -7.705  6.218   17.524  1.00 45.11 ? 1874 GLU A CD  1 
ATOM   647 O  OE1 . GLU A 1 81  ? -7.414  6.800   18.591  1.00 53.71 ? 1874 GLU A OE1 1 
ATOM   648 O  OE2 . GLU A 1 81  ? -8.251  5.084   17.476  1.00 45.70 ? 1874 GLU A OE2 1 
ATOM   649 N  N   . ASP A 1 82  ? -9.654  4.609   12.962  1.00 23.75 ? 1875 ASP A N   1 
ATOM   650 C  CA  . ASP A 1 82  ? -10.517 4.504   11.791  1.00 23.92 ? 1875 ASP A CA  1 
ATOM   651 C  C   . ASP A 1 82  ? -11.150 5.840   11.424  1.00 22.40 ? 1875 ASP A C   1 
ATOM   652 O  O   . ASP A 1 82  ? -11.411 6.090   10.243  1.00 22.40 ? 1875 ASP A O   1 
ATOM   653 C  CB  . ASP A 1 82  ? -11.599 3.449   12.033  1.00 23.46 ? 1875 ASP A CB  1 
ATOM   654 C  CG  . ASP A 1 82  ? -11.017 2.071   12.261  1.00 20.82 ? 1875 ASP A CG  1 
ATOM   655 O  OD1 . ASP A 1 82  ? -10.157 1.642   11.461  1.00 20.73 ? 1875 ASP A OD1 1 
ATOM   656 O  OD2 . ASP A 1 82  ? -11.407 1.422   13.250  1.00 18.98 ? 1875 ASP A OD2 1 
ATOM   657 N  N   . ASP A 1 83  ? -11.391 6.715   12.398  1.00 25.88 ? 1876 ASP A N   1 
ATOM   658 C  CA  . ASP A 1 83  ? -11.970 8.023   12.114  1.00 26.74 ? 1876 ASP A CA  1 
ATOM   659 C  C   . ASP A 1 83  ? -10.926 9.116   11.950  1.00 30.88 ? 1876 ASP A C   1 
ATOM   660 O  O   . ASP A 1 83  ? -11.295 10.291  11.812  1.00 27.86 ? 1876 ASP A O   1 
ATOM   661 C  CB  . ASP A 1 83  ? -12.972 8.429   13.199  1.00 29.85 ? 1876 ASP A CB  1 
ATOM   662 C  CG  . ASP A 1 83  ? -12.381 8.415   14.582  1.00 31.82 ? 1876 ASP A CG  1 
ATOM   663 O  OD1 . ASP A 1 83  ? -11.209 8.027   14.727  1.00 35.55 ? 1876 ASP A OD1 1 
ATOM   664 O  OD2 . ASP A 1 83  ? -13.096 8.793   15.535  1.00 37.59 ? 1876 ASP A OD2 1 
ATOM   665 N  N   . SER A 1 84  ? -9.640  8.769   11.963  1.00 27.05 ? 1877 SER A N   1 
ATOM   666 C  CA  . SER A 1 84  ? -8.616  9.751   11.631  1.00 26.35 ? 1877 SER A CA  1 
ATOM   667 C  C   . SER A 1 84  ? -8.599  9.992   10.125  1.00 24.11 ? 1877 SER A C   1 
ATOM   668 O  O   . SER A 1 84  ? -9.130  9.202   9.336   1.00 24.94 ? 1877 SER A O   1 
ATOM   669 C  CB  . SER A 1 84  ? -7.237  9.290   12.126  1.00 26.55 ? 1877 SER A CB  1 
ATOM   670 O  OG  . SER A 1 84  ? -6.756  8.189   11.359  1.00 23.79 ? 1877 SER A OG  1 
ATOM   671 N  N   . GLU A 1 85  ? -7.996  11.119  9.728   1.00 27.13 ? 1878 GLU A N   1 
ATOM   672 C  CA  . GLU A 1 85  ? -7.895  11.438  8.305   1.00 28.94 ? 1878 GLU A CA  1 
ATOM   673 C  C   . GLU A 1 85  ? -7.129  10.359  7.547   1.00 27.16 ? 1878 GLU A C   1 
ATOM   674 O  O   . GLU A 1 85  ? -7.525  9.962   6.439   1.00 21.49 ? 1878 GLU A O   1 
ATOM   675 C  CB  . GLU A 1 85  ? -7.218  12.797  8.102   1.00 30.85 ? 1878 GLU A CB  1 
ATOM   676 C  CG  . GLU A 1 85  ? -8.075  13.991  8.472   1.00 34.21 ? 1878 GLU A CG  1 
ATOM   677 C  CD  . GLU A 1 85  ? -9.434  13.973  7.792   1.00 40.53 ? 1878 GLU A CD  1 
ATOM   678 O  OE1 . GLU A 1 85  ? -9.481  13.939  6.532   1.00 41.46 ? 1878 GLU A OE1 1 
ATOM   679 O  OE2 . GLU A 1 85  ? -10.457 13.994  8.525   1.00 42.12 ? 1878 GLU A OE2 1 
ATOM   680 N  N   . VAL A 1 86  ? -6.017  9.883   8.122   1.00 20.76 ? 1879 VAL A N   1 
ATOM   681 C  CA  . VAL A 1 86  ? -5.240  8.837   7.464   1.00 21.10 ? 1879 VAL A CA  1 
ATOM   682 C  C   . VAL A 1 86  ? -6.007  7.518   7.468   1.00 17.10 ? 1879 VAL A C   1 
ATOM   683 O  O   . VAL A 1 86  ? -6.021  6.790   6.468   1.00 14.19 ? 1879 VAL A O   1 
ATOM   684 C  CB  . VAL A 1 86  ? -3.859  8.693   8.134   1.00 22.98 ? 1879 VAL A CB  1 
ATOM   685 C  CG1 . VAL A 1 86  ? -3.174  7.426   7.659   1.00 16.76 ? 1879 VAL A CG1 1 
ATOM   686 C  CG2 . VAL A 1 86  ? -2.990  9.929   7.828   1.00 22.01 ? 1879 VAL A CG2 1 
ATOM   687 N  N   . GLY A 1 87  ? -6.654  7.193   8.588   1.00 19.05 ? 1880 GLY A N   1 
ATOM   688 C  CA  . GLY A 1 87  ? -7.434  5.968   8.642   1.00 22.21 ? 1880 GLY A CA  1 
ATOM   689 C  C   . GLY A 1 87  ? -8.541  5.950   7.601   1.00 19.48 ? 1880 GLY A C   1 
ATOM   690 O  O   . GLY A 1 87  ? -8.727  4.958   6.887   1.00 18.95 ? 1880 GLY A O   1 
ATOM   691 N  N   . LYS A 1 88  ? -9.270  7.061   7.482   1.00 20.39 ? 1881 LYS A N   1 
ATOM   692 C  CA  . LYS A 1 88  ? -10.329 7.153   6.478   1.00 20.00 ? 1881 LYS A CA  1 
ATOM   693 C  C   . LYS A 1 88  ? -9.765  6.991   5.073   1.00 20.82 ? 1881 LYS A C   1 
ATOM   694 O  O   . LYS A 1 88  ? -10.345 6.295   4.229   1.00 19.33 ? 1881 LYS A O   1 
ATOM   695 C  CB  . LYS A 1 88  ? -11.067 8.485   6.614   1.00 22.92 ? 1881 LYS A CB  1 
ATOM   696 C  CG  . LYS A 1 88  ? -11.919 8.624   7.872   1.00 22.69 ? 1881 LYS A CG  1 
ATOM   697 C  CD  . LYS A 1 88  ? -12.781 9.880   7.802   1.00 29.98 ? 1881 LYS A CD  1 
ATOM   698 C  CE  . LYS A 1 88  ? -12.013 11.094  8.286   1.00 37.37 ? 1881 LYS A CE  1 
ATOM   699 N  NZ  . LYS A 1 88  ? -12.888 12.296  8.465   1.00 47.41 ? 1881 LYS A NZ  1 
ATOM   700 N  N   . ALA A 1 89  ? -8.619  7.611   4.805   1.00 19.01 ? 1882 ALA A N   1 
ATOM   701 C  CA  . ALA A 1 89  ? -8.016  7.468   3.487   1.00 16.83 ? 1882 ALA A CA  1 
ATOM   702 C  C   . ALA A 1 89  ? -7.621  6.024   3.230   1.00 17.70 ? 1882 ALA A C   1 
ATOM   703 O  O   . ALA A 1 89  ? -7.781  5.519   2.113   1.00 19.96 ? 1882 ALA A O   1 
ATOM   704 C  CB  . ALA A 1 89  ? -6.806  8.395   3.359   1.00 19.06 ? 1882 ALA A CB  1 
ATOM   705 N  N   . GLY A 1 90  ? -7.121  5.334   4.258   1.00 16.24 ? 1883 GLY A N   1 
ATOM   706 C  CA  . GLY A 1 90  ? -6.689  3.962   4.071   1.00 16.52 ? 1883 GLY A CA  1 
ATOM   707 C  C   . GLY A 1 90  ? -7.826  2.978   3.897   1.00 15.17 ? 1883 GLY A C   1 
ATOM   708 O  O   . GLY A 1 90  ? -7.674  1.970   3.203   1.00 15.34 ? 1883 GLY A O   1 
ATOM   709 N  N   . HIS A 1 91  ? -8.970  3.235   4.527   1.00 15.72 ? 1884 HIS A N   1 
ATOM   710 C  CA  . HIS A 1 91  ? -10.125 2.376   4.279   1.00 17.25 ? 1884 HIS A CA  1 
ATOM   711 C  C   . HIS A 1 91  ? -10.579 2.483   2.826   1.00 14.49 ? 1884 HIS A C   1 
ATOM   712 O  O   . HIS A 1 91  ? -10.806 1.461   2.167   1.00 15.78 ? 1884 HIS A O   1 
ATOM   713 C  CB  . HIS A 1 91  ? -11.244 2.710   5.257   1.00 16.84 ? 1884 HIS A CB  1 
ATOM   714 C  CG  . HIS A 1 91  ? -11.011 2.158   6.630   1.00 15.76 ? 1884 HIS A CG  1 
ATOM   715 N  ND1 . HIS A 1 91  ? -10.787 0.817   6.859   1.00 17.25 ? 1884 HIS A ND1 1 
ATOM   716 C  CD2 . HIS A 1 91  ? -10.923 2.766   7.839   1.00 16.37 ? 1884 HIS A CD2 1 
ATOM   717 C  CE1 . HIS A 1 91  ? -10.589 0.618   8.152   1.00 16.97 ? 1884 HIS A CE1 1 
ATOM   718 N  NE2 . HIS A 1 91  ? -10.682 1.783   8.771   1.00 17.74 ? 1884 HIS A NE2 1 
ATOM   719 N  N   . ILE A 1 92  ? -10.631 3.704   2.289   1.00 15.08 ? 1885 ILE A N   1 
ATOM   720 C  CA  . ILE A 1 92  ? -10.940 3.900   0.866   1.00 16.41 ? 1885 ILE A CA  1 
ATOM   721 C  C   . ILE A 1 92  ? -9.957  3.126   -0.003  1.00 18.92 ? 1885 ILE A C   1 
ATOM   722 O  O   . ILE A 1 92  ? -10.350 2.386   -0.920  1.00 17.13 ? 1885 ILE A O   1 
ATOM   723 C  CB  . ILE A 1 92  ? -10.949 5.407   0.524   1.00 21.24 ? 1885 ILE A CB  1 
ATOM   724 C  CG1 . ILE A 1 92  ? -12.138 6.096   1.218   1.00 20.04 ? 1885 ILE A CG1 1 
ATOM   725 C  CG2 . ILE A 1 92  ? -11.011 5.641   -1.008  1.00 20.78 ? 1885 ILE A CG2 1 
ATOM   726 C  CD1 . ILE A 1 92  ? -12.113 7.629   1.214   1.00 22.38 ? 1885 ILE A CD1 1 
ATOM   727 N  N   . MET A 1 93  ? -8.655  3.251   0.298   1.00 18.46 ? 1886 MET A N   1 
ATOM   728 C  CA  . MET A 1 93  ? -7.637  2.597   -0.522  1.00 16.19 ? 1886 MET A CA  1 
ATOM   729 C  C   . MET A 1 93  ? -7.684  1.076   -0.384  1.00 18.35 ? 1886 MET A C   1 
ATOM   730 O  O   . MET A 1 93  ? -7.478  0.353   -1.369  1.00 19.27 ? 1886 MET A O   1 
ATOM   731 C  CB  . MET A 1 93  ? -6.246  3.120   -0.146  1.00 16.24 ? 1886 MET A CB  1 
ATOM   732 C  CG  . MET A 1 93  ? -5.978  4.557   -0.569  1.00 18.79 ? 1886 MET A CG  1 
ATOM   733 S  SD  . MET A 1 93  ? -6.368  4.931   -2.299  1.00 20.92 ? 1886 MET A SD  1 
ATOM   734 C  CE  . MET A 1 93  ? -5.336  3.781   -3.196  1.00 18.29 ? 1886 MET A CE  1 
ATOM   735 N  N   . ARG A 1 94  ? -7.923  0.571   0.832   1.00 15.41 ? 1887 ARG A N   1 
ATOM   736 C  CA  . ARG A 1 94  ? -8.007  -0.873  1.032   1.00 18.74 ? 1887 ARG A CA  1 
ATOM   737 C  C   . ARG A 1 94  ? -9.200  -1.463  0.279   1.00 20.72 ? 1887 ARG A C   1 
ATOM   738 O  O   . ARG A 1 94  ? -9.088  -2.526  -0.341  1.00 20.89 ? 1887 ARG A O   1 
ATOM   739 C  CB  . ARG A 1 94  ? -8.097  -1.194  2.536   1.00 15.03 ? 1887 ARG A CB  1 
ATOM   740 C  CG  . ARG A 1 94  ? -8.223  -2.692  2.887   1.00 17.82 ? 1887 ARG A CG  1 
ATOM   741 C  CD  . ARG A 1 94  ? -8.492  -2.915  4.393   1.00 17.06 ? 1887 ARG A CD  1 
ATOM   742 N  NE  . ARG A 1 94  ? -9.568  -2.046  4.878   1.00 16.11 ? 1887 ARG A NE  1 
ATOM   743 C  CZ  . ARG A 1 94  ? -10.869 -2.266  4.669   1.00 20.74 ? 1887 ARG A CZ  1 
ATOM   744 N  NH1 . ARG A 1 94  ? -11.280 -3.344  4.010   1.00 15.51 ? 1887 ARG A NH1 1 
ATOM   745 N  NH2 . ARG A 1 94  ? -11.773 -1.407  5.127   1.00 19.10 ? 1887 ARG A NH2 1 
ATOM   746 N  N   . ARG A 1 95  ? -10.357 -0.801  0.345   1.00 17.39 ? 1888 ARG A N   1 
ATOM   747 C  CA  . ARG A 1 95  ? -11.519 -1.299  -0.383  1.00 20.25 ? 1888 ARG A CA  1 
ATOM   748 C  C   . ARG A 1 95  ? -11.283 -1.243  -1.883  1.00 23.39 ? 1888 ARG A C   1 
ATOM   749 O  O   . ARG A 1 95  ? -11.660 -2.169  -2.608  1.00 25.45 ? 1888 ARG A O   1 
ATOM   750 C  CB  . ARG A 1 95  ? -12.763 -0.504  0.000   1.00 20.00 ? 1888 ARG A CB  1 
ATOM   751 C  CG  . ARG A 1 95  ? -13.407 -0.996  1.290   1.00 20.65 ? 1888 ARG A CG  1 
ATOM   752 C  CD  . ARG A 1 95  ? -14.739 -0.311  1.544   1.00 18.88 ? 1888 ARG A CD  1 
ATOM   753 N  NE  . ARG A 1 95  ? -14.596 1.142   1.603   1.00 17.50 ? 1888 ARG A NE  1 
ATOM   754 C  CZ  . ARG A 1 95  ? -14.502 1.834   2.729   1.00 16.48 ? 1888 ARG A CZ  1 
ATOM   755 N  NH1 . ARG A 1 95  ? -14.526 1.204   3.904   1.00 21.12 ? 1888 ARG A NH1 1 
ATOM   756 N  NH2 . ARG A 1 95  ? -14.374 3.150   2.688   1.00 18.83 ? 1888 ARG A NH2 1 
ATOM   757 N  N   . PHE A 1 96  ? -10.647 -0.168  -2.366  1.00 20.14 ? 1889 PHE A N   1 
ATOM   758 C  CA  . PHE A 1 96  ? -10.285 -0.109  -3.780  1.00 22.65 ? 1889 PHE A CA  1 
ATOM   759 C  C   . PHE A 1 96  ? -9.414  -1.293  -4.171  1.00 23.64 ? 1889 PHE A C   1 
ATOM   760 O  O   . PHE A 1 96  ? -9.712  -1.993  -5.140  1.00 27.39 ? 1889 PHE A O   1 
ATOM   761 C  CB  . PHE A 1 96  ? -9.576  1.208   -4.104  1.00 22.99 ? 1889 PHE A CB  1 
ATOM   762 C  CG  . PHE A 1 96  ? -9.111  1.292   -5.521  1.00 23.22 ? 1889 PHE A CG  1 
ATOM   763 C  CD1 . PHE A 1 96  ? -9.998  1.656   -6.530  1.00 28.50 ? 1889 PHE A CD1 1 
ATOM   764 C  CD2 . PHE A 1 96  ? -7.803  0.981   -5.858  1.00 26.21 ? 1889 PHE A CD2 1 
ATOM   765 C  CE1 . PHE A 1 96  ? -9.586  1.709   -7.851  1.00 30.22 ? 1889 PHE A CE1 1 
ATOM   766 C  CE2 . PHE A 1 96  ? -7.378  1.032   -7.179  1.00 28.57 ? 1889 PHE A CE2 1 
ATOM   767 C  CZ  . PHE A 1 96  ? -8.273  1.393   -8.178  1.00 29.01 ? 1889 PHE A CZ  1 
ATOM   768 N  N   . PHE A 1 97  ? -8.341  -1.550  -3.416  1.00 21.21 ? 1890 PHE A N   1 
ATOM   769 C  CA  . PHE A 1 97  ? -7.425  -2.618  -3.801  1.00 22.11 ? 1890 PHE A CA  1 
ATOM   770 C  C   . PHE A 1 97  ? -8.121  -3.969  -3.798  1.00 28.58 ? 1890 PHE A C   1 
ATOM   771 O  O   . PHE A 1 97  ? -8.023  -4.733  -4.767  1.00 29.67 ? 1890 PHE A O   1 
ATOM   772 C  CB  . PHE A 1 97  ? -6.219  -2.675  -2.872  1.00 21.90 ? 1890 PHE A CB  1 
ATOM   773 C  CG  . PHE A 1 97  ? -5.346  -3.872  -3.130  1.00 26.11 ? 1890 PHE A CG  1 
ATOM   774 C  CD1 . PHE A 1 97  ? -4.458  -3.873  -4.189  1.00 25.45 ? 1890 PHE A CD1 1 
ATOM   775 C  CD2 . PHE A 1 97  ? -5.448  -5.014  -2.353  1.00 26.89 ? 1890 PHE A CD2 1 
ATOM   776 C  CE1 . PHE A 1 97  ? -3.678  -4.977  -4.459  1.00 26.09 ? 1890 PHE A CE1 1 
ATOM   777 C  CE2 . PHE A 1 97  ? -4.668  -6.124  -2.621  1.00 29.45 ? 1890 PHE A CE2 1 
ATOM   778 C  CZ  . PHE A 1 97  ? -3.779  -6.103  -3.672  1.00 29.59 ? 1890 PHE A CZ  1 
ATOM   779 N  N   . GLU A 1 98  ? -8.788  -4.304  -2.690  1.00 27.51 ? 1891 GLU A N   1 
ATOM   780 C  CA  . GLU A 1 98  ? -9.424  -5.613  -2.577  1.00 30.67 ? 1891 GLU A CA  1 
ATOM   781 C  C   . GLU A 1 98  ? -10.431 -5.813  -3.699  1.00 30.93 ? 1891 GLU A C   1 
ATOM   782 O  O   . GLU A 1 98  ? -10.458 -6.868  -4.336  1.00 34.22 ? 1891 GLU A O   1 
ATOM   783 C  CB  . GLU A 1 98  ? -10.102 -5.758  -1.211  1.00 27.58 ? 1891 GLU A CB  1 
ATOM   784 C  CG  . GLU A 1 98  ? -9.149  -5.995  -0.022  1.00 29.15 ? 1891 GLU A CG  1 
ATOM   785 C  CD  . GLU A 1 98  ? -9.909  -6.087  1.309   1.00 32.90 ? 1891 GLU A CD  1 
ATOM   786 O  OE1 . GLU A 1 98  ? -11.095 -6.493  1.290   1.00 39.34 ? 1891 GLU A OE1 1 
ATOM   787 O  OE2 . GLU A 1 98  ? -9.347  -5.728  2.368   1.00 32.85 ? 1891 GLU A OE2 1 
ATOM   788 N  N   . SER A 1 99  ? -11.231 -4.785  -3.984  1.00 31.27 ? 1892 SER A N   1 
ATOM   789 C  CA  . SER A 1 99  ? -12.235 -4.874  -5.037  1.00 35.42 ? 1892 SER A CA  1 
ATOM   790 C  C   . SER A 1 99  ? -11.586 -5.085  -6.399  1.00 41.02 ? 1892 SER A C   1 
ATOM   791 O  O   . SER A 1 99  ? -11.968 -5.989  -7.154  1.00 43.61 ? 1892 SER A O   1 
ATOM   792 C  CB  . SER A 1 99  ? -13.081 -3.604  -5.035  1.00 34.40 ? 1892 SER A CB  1 
ATOM   793 O  OG  . SER A 1 99  ? -13.658 -3.383  -6.309  1.00 48.26 ? 1892 SER A OG  1 
ATOM   794 N  N   . ARG A 1 100 ? -10.608 -4.243  -6.736  1.00 35.98 ? 1893 ARG A N   1 
ATOM   795 C  CA  . ARG A 1 100 ? -9.970  -4.315  -8.043  1.00 37.60 ? 1893 ARG A CA  1 
ATOM   796 C  C   . ARG A 1 100 ? -9.150  -5.591  -8.202  1.00 38.29 ? 1893 ARG A C   1 
ATOM   797 O  O   . ARG A 1 100 ? -9.083  -6.153  -9.298  1.00 41.05 ? 1893 ARG A O   1 
ATOM   798 C  CB  . ARG A 1 100 ? -9.096  -3.075  -8.248  1.00 36.06 ? 1893 ARG A CB  1 
ATOM   799 C  CG  . ARG A 1 100 ? -8.565  -2.916  -9.652  1.00 39.73 ? 1893 ARG A CG  1 
ATOM   800 C  CD  . ARG A 1 100 ? -9.589  -2.274  -10.587 1.00 41.23 ? 1893 ARG A CD  1 
ATOM   801 N  NE  . ARG A 1 100 ? -8.929  -1.690  -11.753 1.00 45.13 ? 1893 ARG A NE  1 
ATOM   802 C  CZ  . ARG A 1 100 ? -8.566  -2.372  -12.836 1.00 48.90 ? 1893 ARG A CZ  1 
ATOM   803 N  NH1 . ARG A 1 100 ? -8.815  -3.673  -12.932 1.00 50.20 ? 1893 ARG A NH1 1 
ATOM   804 N  NH2 . ARG A 1 100 ? -7.959  -1.746  -13.834 1.00 50.62 ? 1893 ARG A NH2 1 
ATOM   805 N  N   . TRP A 1 101 ? -8.527  -6.064  -7.125  1.00 34.08 ? 1894 TRP A N   1 
ATOM   806 C  CA  . TRP A 1 101 ? -7.747  -7.292  -7.201  1.00 39.03 ? 1894 TRP A CA  1 
ATOM   807 C  C   . TRP A 1 101 ? -8.636  -8.517  -7.403  1.00 46.85 ? 1894 TRP A C   1 
ATOM   808 O  O   . TRP A 1 101 ? -8.216  -9.483  -8.051  1.00 47.45 ? 1894 TRP A O   1 
ATOM   809 C  CB  . TRP A 1 101 ? -6.905  -7.435  -5.937  1.00 33.69 ? 1894 TRP A CB  1 
ATOM   810 C  CG  . TRP A 1 101 ? -6.006  -8.620  -5.905  1.00 37.75 ? 1894 TRP A CG  1 
ATOM   811 C  CD1 . TRP A 1 101 ? -6.302  -9.856  -5.423  1.00 40.88 ? 1894 TRP A CD1 1 
ATOM   812 C  CD2 . TRP A 1 101 ? -4.646  -8.676  -6.353  1.00 40.60 ? 1894 TRP A CD2 1 
ATOM   813 N  NE1 . TRP A 1 101 ? -5.214  -10.682 -5.542  1.00 44.88 ? 1894 TRP A NE1 1 
ATOM   814 C  CE2 . TRP A 1 101 ? -4.184  -9.984  -6.115  1.00 41.83 ? 1894 TRP A CE2 1 
ATOM   815 C  CE3 . TRP A 1 101 ? -3.776  -7.746  -6.937  1.00 40.12 ? 1894 TRP A CE3 1 
ATOM   816 C  CZ2 . TRP A 1 101 ? -2.890  -10.393 -6.442  1.00 41.96 ? 1894 TRP A CZ2 1 
ATOM   817 C  CZ3 . TRP A 1 101 ? -2.493  -8.151  -7.260  1.00 43.73 ? 1894 TRP A CZ3 1 
ATOM   818 C  CH2 . TRP A 1 101 ? -2.062  -9.466  -7.009  1.00 44.30 ? 1894 TRP A CH2 1 
ATOM   819 N  N   . GLU A 1 102 ? -9.853  -8.511  -6.854  1.00 46.82 ? 1895 GLU A N   1 
ATOM   820 C  CA  . GLU A 1 102 ? -10.768 -9.630  -7.062  1.00 49.30 ? 1895 GLU A CA  1 
ATOM   821 C  C   . GLU A 1 102 ? -11.494 -9.522  -8.394  1.00 50.73 ? 1895 GLU A C   1 
ATOM   822 O  O   . GLU A 1 102 ? -11.861 -10.545 -8.982  1.00 57.08 ? 1895 GLU A O   1 
ATOM   823 C  CB  . GLU A 1 102 ? -11.775 -9.710  -5.910  1.00 48.81 ? 1895 GLU A CB  1 
ATOM   824 C  CG  . GLU A 1 102 ? -11.148 -10.009 -4.544  1.00 47.49 ? 1895 GLU A CG  1 
ATOM   825 C  CD  . GLU A 1 102 ? -12.033 -9.551  -3.379  1.00 49.61 ? 1895 GLU A CD  1 
ATOM   826 O  OE1 . GLU A 1 102 ? -13.199 -9.171  -3.636  1.00 51.93 ? 1895 GLU A OE1 1 
ATOM   827 O  OE2 . GLU A 1 102 ? -11.560 -9.550  -2.216  1.00 43.37 ? 1895 GLU A OE2 1 
ATOM   828 N  N   . GLU A 1 103 ? -11.681 -8.294  -8.888  1.00 54.80 ? 1896 GLU A N   1 
ATOM   829 C  CA  . GLU A 1 103 ? -12.245 -7.969  -10.198 1.00 51.49 ? 1896 GLU A CA  1 
ATOM   830 C  C   . GLU A 1 103 ? -11.364 -8.513  -11.322 1.00 58.33 ? 1896 GLU A C   1 
ATOM   831 O  O   . GLU A 1 103 ? -11.673 -8.361  -12.509 1.00 68.59 ? 1896 GLU A O   1 
ATOM   832 C  CB  . GLU A 1 103 ? -12.415 -6.441  -10.289 1.00 55.34 ? 1896 GLU A CB  1 
ATOM   833 C  CG  . GLU A 1 103 ? -12.640 -5.792  -11.656 1.00 54.24 ? 1896 GLU A CG  1 
ATOM   834 C  CD  . GLU A 1 103 ? -13.322 -4.438  -11.540 1.00 61.17 ? 1896 GLU A CD  1 
ATOM   835 O  OE1 . GLU A 1 103 ? -13.404 -3.911  -10.406 1.00 56.18 ? 1896 GLU A OE1 1 
ATOM   836 O  OE2 . GLU A 1 103 ? -13.760 -3.891  -12.583 1.00 69.79 ? 1896 GLU A OE2 1 
ATOM   837 N  N   . PHE A 1 104 ? -10.270 -9.177  -10.963 1.00 56.05 ? 1897 PHE A N   1 
ATOM   838 C  CA  . PHE A 1 104 ? -9.349  -9.694  -11.963 1.00 57.03 ? 1897 PHE A CA  1 
ATOM   839 C  C   . PHE A 1 104 ? -9.136  -11.194 -11.793 1.00 59.53 ? 1897 PHE A C   1 
ATOM   840 O  O   . PHE A 1 104 ? -9.269  -11.961 -12.752 1.00 59.09 ? 1897 PHE A O   1 
ATOM   841 C  CB  . PHE A 1 104 ? -8.022  -8.950  -11.873 1.00 54.91 ? 1897 PHE A CB  1 
ATOM   842 C  CG  . PHE A 1 104 ? -7.046  -9.325  -12.943 1.00 60.41 ? 1897 PHE A CG  1 
ATOM   843 C  CD1 . PHE A 1 104 ? -5.940  -10.101 -12.646 1.00 59.72 ? 1897 PHE A CD1 1 
ATOM   844 C  CD2 . PHE A 1 104 ? -7.236  -8.905  -14.252 1.00 58.68 ? 1897 PHE A CD2 1 
ATOM   845 C  CE1 . PHE A 1 104 ? -5.028  -10.449 -13.640 1.00 63.04 ? 1897 PHE A CE1 1 
ATOM   846 C  CE2 . PHE A 1 104 ? -6.329  -9.244  -15.251 1.00 56.98 ? 1897 PHE A CE2 1 
ATOM   847 C  CZ  . PHE A 1 104 ? -5.226  -10.019 -14.946 1.00 56.13 ? 1897 PHE A CZ  1 
ATOM   848 N  N   . TYR A 1 105 ? -8.810  -11.612 -10.575 1.00 60.58 ? 1898 TYR A N   1 
ATOM   849 C  CA  . TYR A 1 105 ? -8.595  -13.020 -10.258 1.00 60.43 ? 1898 TYR A CA  1 
ATOM   850 C  C   . TYR A 1 105 ? -9.852  -13.700 -9.701  1.00 61.23 ? 1898 TYR A C   1 
ATOM   851 O  O   . TYR A 1 105 ? -10.955 -13.553 -10.237 1.00 62.40 ? 1898 TYR A O   1 
ATOM   852 C  CB  . TYR A 1 105 ? -7.452  -13.154 -9.255  1.00 60.44 ? 1898 TYR A CB  1 
ATOM   853 C  CG  . TYR A 1 105 ? -6.136  -12.562 -9.723  1.00 63.25 ? 1898 TYR A CG  1 
ATOM   854 C  CD1 . TYR A 1 105 ? -5.332  -13.237 -10.643 1.00 63.44 ? 1898 TYR A CD1 1 
ATOM   855 C  CD2 . TYR A 1 105 ? -5.687  -11.338 -9.240  1.00 55.04 ? 1898 TYR A CD2 1 
ATOM   856 C  CE1 . TYR A 1 105 ? -4.117  -12.705 -11.072 1.00 59.78 ? 1898 TYR A CE1 1 
ATOM   857 C  CE2 . TYR A 1 105 ? -4.473  -10.799 -9.663  1.00 56.80 ? 1898 TYR A CE2 1 
ATOM   858 C  CZ  . TYR A 1 105 ? -3.694  -11.487 -10.578 1.00 57.71 ? 1898 TYR A CZ  1 
ATOM   859 O  OH  . TYR A 1 105 ? -2.498  -10.958 -11.002 1.00 53.73 ? 1898 TYR A OH  1 
HETATM 860 C  C01 . UO1 B 2 .   ? 0.633   5.676   6.469   0.77 20.98 ? 1901 UO1 A C01 1 
HETATM 861 C  C02 . UO1 B 2 .   ? 0.469   6.434   7.782   0.77 25.18 ? 1901 UO1 A C02 1 
HETATM 862 O  O03 . UO1 B 2 .   ? 0.048   5.891   8.781   0.77 22.71 ? 1901 UO1 A O03 1 
HETATM 863 N  N04 . UO1 B 2 .   ? 0.829   7.821   7.792   0.77 29.50 ? 1901 UO1 A N04 1 
HETATM 864 C  C05 . UO1 B 2 .   ? 1.310   8.448   6.711   0.77 27.97 ? 1901 UO1 A C05 1 
HETATM 865 C  C06 . UO1 B 2 .   ? 1.574   9.767   7.065   0.77 31.53 ? 1901 UO1 A C06 1 
HETATM 866 N  N07 . UO1 B 2 .   ? 2.122   10.757  6.157   0.77 37.54 ? 1901 UO1 A N07 1 
HETATM 867 C  C08 . UO1 B 2 .   ? 1.255   11.628  5.430   0.77 33.34 ? 1901 UO1 A C08 1 
HETATM 868 C  C09 . UO1 B 2 .   ? -0.220  11.469  5.651   0.77 27.86 ? 1901 UO1 A C09 1 
HETATM 869 O  O10 . UO1 B 2 .   ? 1.704   12.458  4.657   0.77 31.46 ? 1901 UO1 A O10 1 
HETATM 870 C  C11 . UO1 B 2 .   ? 3.557   10.886  5.977   0.77 34.48 ? 1901 UO1 A C11 1 
HETATM 871 C  C12 . UO1 B 2 .   ? 4.244   10.411  4.837   0.77 34.33 ? 1901 UO1 A C12 1 
HETATM 872 C  C13 . UO1 B 2 .   ? 3.521   9.704   3.708   0.77 29.54 ? 1901 UO1 A C13 1 
HETATM 873 C  C14 . UO1 B 2 .   ? 5.636   10.593  4.744   0.77 31.45 ? 1901 UO1 A C14 1 
HETATM 874 C  C15 . UO1 B 2 .   ? 6.333   11.233  5.772   0.77 30.61 ? 1901 UO1 A C15 1 
HETATM 875 C  C16 . UO1 B 2 .   ? 5.648   11.699  6.894   0.77 31.86 ? 1901 UO1 A C16 1 
HETATM 876 C  C17 . UO1 B 2 .   ? 4.263   11.529  6.992   0.77 35.32 ? 1901 UO1 A C17 1 
HETATM 877 O  O18 . UO1 B 2 .   ? 6.327   12.360  7.942   0.77 35.11 ? 1901 UO1 A O18 1 
HETATM 878 C  C19 . UO1 B 2 .   ? 1.216   9.922   8.466   0.77 27.68 ? 1901 UO1 A C19 1 
HETATM 879 C  C20 . UO1 B 2 .   ? 0.760   8.671   8.876   0.77 27.00 ? 1901 UO1 A C20 1 
HETATM 880 C  C21 . UO1 B 2 .   ? 0.321   8.453   10.209  0.77 20.66 ? 1901 UO1 A C21 1 
HETATM 881 C  C22 . UO1 B 2 .   ? 0.344   9.512   11.113  0.77 25.58 ? 1901 UO1 A C22 1 
HETATM 882 C  C23 . UO1 B 2 .   ? 0.805   10.784  10.709  0.77 32.69 ? 1901 UO1 A C23 1 
HETATM 883 C  C24 . UO1 B 2 .   ? 1.244   11.003  9.396   0.77 25.12 ? 1901 UO1 A C24 1 
HETATM 884 MG MG  . MG  C 3 .   ? -14.360 -9.244  0.854   1.00 41.47 ? 1902 MG  A MG  1 
HETATM 885 O  O   . HOH D 4 .   ? 14.048  8.331   14.559  1.00 45.56 ? 2001 HOH A O   1 
HETATM 886 O  O   . HOH D 4 .   ? 5.230   5.121   -6.270  1.00 31.12 ? 2002 HOH A O   1 
HETATM 887 O  O   . HOH D 4 .   ? 15.067  3.836   10.687  1.00 44.14 ? 2003 HOH A O   1 
HETATM 888 O  O   . HOH D 4 .   ? 10.041  -0.641  13.516  1.00 35.12 ? 2004 HOH A O   1 
HETATM 889 O  O   . HOH D 4 .   ? -3.210  -8.717  5.383   1.00 40.08 ? 2005 HOH A O   1 
HETATM 890 O  O   . HOH D 4 .   ? -0.122  -7.747  6.626   1.00 25.63 ? 2006 HOH A O   1 
HETATM 891 O  O   . HOH D 4 .   ? 8.933   -5.567  -0.443  1.00 33.67 ? 2007 HOH A O   1 
HETATM 892 O  O   . HOH D 4 .   ? -12.223 -8.431  0.154   1.00 40.46 ? 2008 HOH A O   1 
HETATM 893 O  O   . HOH D 4 .   ? 1.283   -14.264 -15.521 1.00 62.43 ? 2009 HOH A O   1 
HETATM 894 O  O   . HOH D 4 .   ? -13.112 -5.035  0.820   1.00 35.19 ? 2010 HOH A O   1 
HETATM 895 O  O   . HOH D 4 .   ? 3.179   5.838   3.853   1.00 20.81 ? 2011 HOH A O   1 
HETATM 896 O  O   . HOH D 4 .   ? -12.970 1.831   15.245  1.00 25.67 ? 2012 HOH A O   1 
HETATM 897 O  O   . HOH D 4 .   ? -2.536  10.040  -5.813  1.00 25.83 ? 2013 HOH A O   1 
HETATM 898 O  O   . HOH D 4 .   ? 2.389   3.313   4.551   1.00 19.72 ? 2014 HOH A O   1 
HETATM 899 O  O   . HOH D 4 .   ? -5.896  1.884   -15.456 1.00 47.55 ? 2015 HOH A O   1 
HETATM 900 O  O   . HOH D 4 .   ? -5.184  -4.987  5.009   1.00 27.81 ? 2016 HOH A O   1 
HETATM 901 O  O   . HOH D 4 .   ? 7.389   2.174   3.869   1.00 19.77 ? 2017 HOH A O   1 
HETATM 902 O  O   . HOH D 4 .   ? 11.856  6.210   -4.928  1.00 40.70 ? 2018 HOH A O   1 
HETATM 903 O  O   . HOH D 4 .   ? 13.729  0.116   -8.592  1.00 40.61 ? 2019 HOH A O   1 
HETATM 904 O  O   . HOH D 4 .   ? 3.927   1.720   6.531   1.00 21.85 ? 2020 HOH A O   1 
HETATM 905 O  O   . HOH D 4 .   ? 0.727   -8.716  4.105   1.00 28.15 ? 2021 HOH A O   1 
HETATM 906 O  O   . HOH D 4 .   ? 5.895   -2.657  -14.051 1.00 35.56 ? 2022 HOH A O   1 
HETATM 907 O  O   . HOH D 4 .   ? 3.761   12.206  15.995  1.00 39.72 ? 2023 HOH A O   1 
HETATM 908 O  O   . HOH D 4 .   ? 0.755   3.214   8.607   1.00 19.91 ? 2024 HOH A O   1 
HETATM 909 O  O   . HOH D 4 .   ? -3.582  9.248   12.354  1.00 27.49 ? 2025 HOH A O   1 
HETATM 910 O  O   . HOH D 4 .   ? 1.905   2.839   -15.212 1.00 31.45 ? 2026 HOH A O   1 
HETATM 911 O  O   . HOH D 4 .   ? 1.986   9.647   16.888  1.00 35.73 ? 2027 HOH A O   1 
HETATM 912 O  O   . HOH D 4 .   ? -5.940  11.742  -7.883  1.00 29.42 ? 2028 HOH A O   1 
HETATM 913 O  O   . HOH D 4 .   ? 4.039   -4.009  10.366  1.00 23.02 ? 2029 HOH A O   1 
HETATM 914 O  O   . HOH D 4 .   ? -6.948  5.936   -9.457  1.00 25.11 ? 2030 HOH A O   1 
HETATM 915 O  O   . HOH D 4 .   ? 18.883  13.252  7.927   1.00 38.03 ? 2031 HOH A O   1 
HETATM 916 O  O   . HOH D 4 .   ? -15.523 9.821   14.902  1.00 42.00 ? 2032 HOH A O   1 
HETATM 917 O  O   . HOH D 4 .   ? 0.263   2.378   6.017   1.00 18.74 ? 2033 HOH A O   1 
HETATM 918 O  O   . HOH D 4 .   ? -13.541 -3.910  -1.704  1.00 38.14 ? 2034 HOH A O   1 
HETATM 919 O  O   . HOH D 4 .   ? 4.470   14.051  8.987   1.00 43.63 ? 2035 HOH A O   1 
HETATM 920 O  O   . HOH D 4 .   ? 9.528   10.212  16.469  1.00 38.77 ? 2036 HOH A O   1 
HETATM 921 O  O   . HOH D 4 .   ? -12.678 2.474   -2.384  1.00 21.69 ? 2037 HOH A O   1 
HETATM 922 O  O   . HOH D 4 .   ? 11.231  1.792   1.972   1.00 35.61 ? 2038 HOH A O   1 
HETATM 923 O  O   . HOH D 4 .   ? 4.961   -5.354  -13.870 1.00 45.90 ? 2039 HOH A O   1 
HETATM 924 O  O   . HOH D 4 .   ? -13.642 -4.713  3.464   1.00 17.80 ? 2040 HOH A O   1 
HETATM 925 O  O   . HOH D 4 .   ? -4.301  12.607  -3.169  1.00 35.28 ? 2041 HOH A O   1 
HETATM 926 O  O   . HOH D 4 .   ? -9.335  11.458  4.903   1.00 30.38 ? 2042 HOH A O   1 
HETATM 927 O  O   . HOH D 4 .   ? -7.851  1.195   13.411  1.00 22.06 ? 2043 HOH A O   1 
HETATM 928 O  O   . HOH D 4 .   ? -7.557  2.525   7.658   1.00 17.00 ? 2044 HOH A O   1 
HETATM 929 O  O   . HOH D 4 .   ? 10.847  5.018   -1.515  1.00 35.19 ? 2045 HOH A O   1 
HETATM 930 O  O   . HOH D 4 .   ? -5.806  -8.065  7.296   1.00 28.16 ? 2046 HOH A O   1 
HETATM 931 O  O   . HOH D 4 .   ? -8.373  -6.347  4.953   1.00 34.55 ? 2047 HOH A O   1 
HETATM 932 O  O   . HOH D 4 .   ? 11.709  -1.256  -2.525  1.00 32.69 ? 2048 HOH A O   1 
HETATM 933 O  O   . HOH D 4 .   ? -11.791 10.733  -8.182  1.00 37.77 ? 2049 HOH A O   1 
HETATM 934 O  O   . HOH D 4 .   ? 8.764   -4.001  5.488   1.00 30.80 ? 2050 HOH A O   1 
HETATM 935 O  O   . HOH D 4 .   ? 8.535   4.001   7.429   1.00 22.62 ? 2051 HOH A O   1 
HETATM 936 O  O   . HOH D 4 .   ? -10.657 3.897   15.574  1.00 34.08 ? 2052 HOH A O   1 
HETATM 937 O  O   . HOH D 4 .   ? -2.640  7.474   15.755  1.00 34.21 ? 2053 HOH A O   1 
HETATM 938 O  O   . HOH D 4 .   ? 13.845  9.722   8.715   1.00 35.47 ? 2054 HOH A O   1 
HETATM 939 O  O   . HOH D 4 .   ? 4.210   6.715   -4.659  1.00 36.99 ? 2055 HOH A O   1 
HETATM 940 O  O   . HOH D 4 .   ? 9.406   4.595   -6.236  1.00 39.19 ? 2056 HOH A O   1 
HETATM 941 O  O   . HOH D 4 .   ? 8.809   6.782   15.283  1.00 27.31 ? 2057 HOH A O   1 
HETATM 942 O  O   . HOH D 4 .   ? 1.868   -3.714  16.181  0.50 31.76 ? 2058 HOH A O   1 
HETATM 943 O  O   . HOH D 4 .   ? -7.602  2.711   10.450  1.00 18.77 ? 2059 HOH A O   1 
HETATM 944 O  O   . HOH D 4 .   ? -7.610  0.411   5.706   1.00 15.57 ? 2060 HOH A O   1 
HETATM 945 O  O   . HOH D 4 .   ? -0.866  -12.626 -0.934  1.00 44.60 ? 2061 HOH A O   1 
HETATM 946 O  O   . HOH D 4 .   ? -14.984 -9.726  -1.346  1.00 43.62 ? 2062 HOH A O   1 
HETATM 947 O  O   . HOH D 4 .   ? -12.421 4.101   -4.836  1.00 23.36 ? 2063 HOH A O   1 
HETATM 948 O  O   . HOH D 4 .   ? -9.556  8.568   -7.207  1.00 22.19 ? 2064 HOH A O   1 
HETATM 949 O  O   . HOH D 4 .   ? -5.061  8.236   14.314  1.00 21.95 ? 2065 HOH A O   1 
HETATM 950 O  O   . HOH D 4 .   ? 11.753  7.189   15.807  1.00 35.63 ? 2066 HOH A O   1 
HETATM 951 O  O   . HOH D 4 .   ? -6.864  12.802  11.923  1.00 33.74 ? 2067 HOH A O   1 
HETATM 952 O  O   . HOH D 4 .   ? -6.406  -5.081  9.390   1.00 32.97 ? 2068 HOH A O   1 
HETATM 953 O  O   . HOH D 4 .   ? 3.620   -4.239  12.951  1.00 34.43 ? 2069 HOH A O   1 
HETATM 954 O  O   . HOH D 4 .   ? 1.427   9.629   -7.323  1.00 29.19 ? 2070 HOH A O   1 
HETATM 955 O  O   . HOH D 4 .   ? -4.497  -3.929  11.366  1.00 21.75 ? 2071 HOH A O   1 
HETATM 956 O  O   . HOH D 4 .   ? 8.946   8.231   18.328  1.00 36.08 ? 2072 HOH A O   1 
HETATM 957 O  O   . HOH D 4 .   ? 3.382   -15.486 -14.611 1.00 52.43 ? 2073 HOH A O   1 
HETATM 958 O  O   . HOH D 4 .   ? 15.412  6.249   16.649  1.00 35.58 ? 2074 HOH A O   1 
HETATM 959 O  O   . HOH D 4 .   ? -9.245  1.971   15.397  1.00 33.97 ? 2075 HOH A O   1 
HETATM 960 O  O   . HOH D 4 .   ? -0.914  4.962   17.433  1.00 34.37 ? 2076 HOH A O   1 
HETATM 961 O  O   . HOH D 4 .   ? 6.247   3.338   5.704   1.00 19.69 ? 2077 HOH A O   1 
HETATM 962 O  O   . HOH D 4 .   ? 8.570   4.999   17.932  1.00 25.63 ? 2078 HOH A O   1 
HETATM 963 O  O   . HOH D 4 .   ? -4.779  11.103  10.714  1.00 30.05 ? 2079 HOH A O   1 
HETATM 964 O  O   . HOH D 4 .   ? 14.155  -1.603  -15.117 1.00 41.95 ? 2080 HOH A O   1 
HETATM 965 O  O   . HOH D 4 .   ? -9.421  10.585  15.247  1.00 37.05 ? 2081 HOH A O   1 
HETATM 966 O  O   . HOH D 4 .   ? 8.813   -2.379  19.754  1.00 27.44 ? 2082 HOH A O   1 
HETATM 967 O  O   . HOH D 4 .   ? -14.349 -6.346  -2.670  1.00 42.48 ? 2083 HOH A O   1 
HETATM 968 O  O   . HOH D 4 .   ? -2.331  11.281  -3.590  1.00 32.80 ? 2084 HOH A O   1 
HETATM 969 O  O   . HOH D 4 .   ? 3.353   14.021  11.440  1.00 44.11 ? 2085 HOH A O   1 
HETATM 970 O  O   . HOH D 4 .   ? 3.714   -7.044  9.527   1.00 33.56 ? 2086 HOH A O   1 
HETATM 971 O  O   . HOH D 4 .   ? -8.148  2.180   18.977  1.00 37.18 ? 2087 HOH A O   1 
HETATM 972 O  O   . HOH D 4 .   ? -3.444  -9.343  8.956   1.00 44.65 ? 2088 HOH A O   1 
HETATM 973 O  O   . HOH D 4 .   ? -8.739  12.513  2.661   1.00 43.84 ? 2089 HOH A O   1 
HETATM 974 O  O   . HOH D 4 .   ? -15.109 3.730   -0.518  1.00 15.55 ? 2090 HOH A O   1 
HETATM 975 O  O   . HOH D 4 .   ? 11.380  2.396   11.398  1.00 39.60 ? 2091 HOH A O   1 
HETATM 976 O  O   . HOH D 4 .   ? 3.324   -9.382  4.330   1.00 39.80 ? 2092 HOH A O   1 
HETATM 977 O  O   . HOH D 4 .   ? -10.304 10.288  2.784   1.00 36.16 ? 2093 HOH A O   1 
HETATM 978 O  O   . HOH D 4 .   ? 10.896  -3.776  6.924   1.00 40.40 ? 2094 HOH A O   1 
HETATM 979 O  O   . HOH D 4 .   ? -6.435  -7.622  4.205   1.00 37.30 ? 2095 HOH A O   1 
HETATM 980 O  O   . HOH D 4 .   ? 1.001   -7.685  8.744   1.00 40.90 ? 2096 HOH A O   1 
HETATM 981 O  O   . HOH D 4 .   ? -13.682 -11.582 0.551   1.00 39.61 ? 2097 HOH A O   1 
HETATM 982 O  O   . HOH D 4 .   ? -15.675 -1.746  -2.288  1.00 44.34 ? 2098 HOH A O   1 
HETATM 983 O  O   . HOH D 4 .   ? 12.261  3.524   9.413   1.00 40.74 ? 2099 HOH A O   1 
HETATM 984 O  O   . HOH D 4 .   ? 4.644   -8.891  6.925   1.00 41.70 ? 2100 HOH A O   1 
HETATM 985 O  O   . HOH D 4 .   ? 10.089  1.710   4.166   1.00 32.62 ? 2101 HOH A O   1 
HETATM 986 O  O   . HOH D 4 .   ? 9.420   3.461   9.732   1.00 28.00 ? 2102 HOH A O   1 
HETATM 987 O  O   . HOH D 4 .   ? -5.714  -6.408  11.252  1.00 52.28 ? 2103 HOH A O   1 
HETATM 988 O  O   . HOH D 4 .   ? 7.567   6.091   -6.680  1.00 38.22 ? 2104 HOH A O   1 
HETATM 989 O  O   . HOH D 4 .   ? -1.541  -10.179 4.078   1.00 37.22 ? 2105 HOH A O   1 
HETATM 990 O  O   . HOH D 4 .   ? 10.537  3.081   6.081   1.00 34.51 ? 2106 HOH A O   1 
HETATM 991 O  O   . HOH D 4 .   ? -10.846 11.154  -0.950  1.00 38.82 ? 2107 HOH A O   1 
HETATM 992 O  O   . HOH D 4 .   ? -6.465  9.927   15.504  1.00 36.28 ? 2108 HOH A O   1 
HETATM 993 O  O   . HOH D 4 .   ? -2.819  13.212  9.470   1.00 42.26 ? 2109 HOH A O   1 
HETATM 994 O  O   . HOH D 4 .   ? 4.008   8.920   -6.268  1.00 40.96 ? 2110 HOH A O   1 
HETATM 995 O  O   . HOH D 4 .   ? 13.556  0.079   2.312   1.00 42.28 ? 2111 HOH A O   1 
# 
